data_6L2G
#
_entry.id   6L2G
#
_cell.length_a   61.513
_cell.length_b   174.780
_cell.length_c   179.120
_cell.angle_alpha   90.000
_cell.angle_beta   90.000
_cell.angle_gamma   90.000
#
_symmetry.space_group_name_H-M   'P 21 21 21'
#
loop_
_entity.id
_entity.type
_entity.pdbx_description
1 polymer 'Acetyl-CoA-acetyltransferase, putative'
2 water water
#
_entity_poly.entity_id   1
_entity_poly.type   'polypeptide(L)'
_entity_poly.pdbx_seq_one_letter_code
;EIQEAYILSGARTPTAKFNGSFVSVSAPELGAVAIKSAVSKSGVPVEKITDVYMGNVLQGAVGQAPARQASMFAGLSPTV
ESMTVNKV(SCY)ASGLKAVALAAQNIQLGLAEAQVAGGMENMSRVPYYLPRSTQLPPFGEIKLQDGLIQDGLWDVYNQF
HMGICAEKTAKKYEISREEQDQYAIQSYQRAQAAWKENKFAEEIAPVTVKGKKGETVVERDEGYENLRIDKMATLKPAFL
RDGTGTVTAGNASTMNDGASALVLGSKAIAREFAQGNRALARIVSTADAAIDPVDFPVAPAKAVPIALERAGITKDQVAV
WEFNEAFAAVIKANEKILGLQNARVNPLGGAISLGHALGSSGSRILVTLLHQLQPGEYGVAAICNGGGAATAMVVQKLDR
V
;
_entity_poly.pdbx_strand_id   A,B,C,D
#
# COMPACT_ATOMS: atom_id res chain seq x y z
N GLU A 1 48.20 -25.61 -7.22
CA GLU A 1 49.06 -24.39 -7.26
C GLU A 1 48.18 -23.19 -6.91
N ILE A 2 47.70 -23.13 -5.67
CA ILE A 2 46.87 -22.02 -5.09
C ILE A 2 47.71 -20.73 -5.10
N GLN A 3 47.26 -19.71 -5.85
CA GLN A 3 47.92 -18.38 -5.99
C GLN A 3 47.58 -17.51 -4.76
N GLU A 4 48.34 -16.42 -4.58
CA GLU A 4 48.15 -15.39 -3.52
C GLU A 4 47.34 -14.22 -4.12
N ALA A 5 46.58 -13.51 -3.29
CA ALA A 5 45.72 -12.38 -3.73
C ALA A 5 46.09 -11.13 -2.92
N TYR A 6 46.22 -10.00 -3.62
CA TYR A 6 46.72 -8.71 -3.09
C TYR A 6 45.62 -7.65 -3.21
N ILE A 7 45.42 -6.89 -2.14
CA ILE A 7 44.60 -5.65 -2.18
C ILE A 7 45.50 -4.55 -2.74
N LEU A 8 45.10 -3.95 -3.86
CA LEU A 8 45.93 -2.94 -4.57
C LEU A 8 45.51 -1.53 -4.13
N SER A 9 44.26 -1.37 -3.66
CA SER A 9 43.58 -0.05 -3.47
C SER A 9 42.23 -0.26 -2.79
N GLY A 10 41.72 0.80 -2.19
CA GLY A 10 40.53 0.79 -1.32
C GLY A 10 39.90 2.17 -1.24
N ALA A 11 38.59 2.27 -1.37
CA ALA A 11 37.87 3.55 -1.24
C ALA A 11 36.49 3.30 -0.64
N ARG A 12 35.89 4.35 -0.09
CA ARG A 12 34.52 4.35 0.46
C ARG A 12 33.90 5.72 0.26
N THR A 13 32.59 5.76 0.01
CA THR A 13 31.80 6.99 0.10
C THR A 13 31.95 7.50 1.52
N PRO A 14 31.55 8.75 1.79
CA PRO A 14 31.16 9.11 3.14
C PRO A 14 29.99 8.20 3.54
N THR A 15 29.79 8.07 4.84
CA THR A 15 28.62 7.39 5.43
C THR A 15 27.60 8.45 5.81
N ALA A 16 26.49 8.49 5.08
CA ALA A 16 25.45 9.51 5.23
C ALA A 16 24.40 8.99 6.21
N LYS A 17 23.73 9.87 6.93
CA LYS A 17 22.68 9.43 7.88
C LYS A 17 21.46 8.94 7.10
N PHE A 18 20.65 8.15 7.79
CA PHE A 18 19.30 7.71 7.37
C PHE A 18 18.42 8.92 7.02
N ASN A 19 17.80 8.88 5.85
CA ASN A 19 16.93 9.97 5.33
C ASN A 19 17.74 11.28 5.25
N GLY A 20 19.00 11.21 4.80
CA GLY A 20 19.92 12.36 4.68
C GLY A 20 20.41 12.61 3.25
N SER A 21 21.70 12.93 3.14
CA SER A 21 22.38 13.36 1.91
C SER A 21 22.17 12.41 0.72
N PHE A 22 21.89 11.12 0.94
CA PHE A 22 21.91 10.12 -0.15
C PHE A 22 20.52 9.52 -0.42
N VAL A 23 19.40 10.09 0.08
CA VAL A 23 18.05 9.54 -0.21
C VAL A 23 17.84 9.38 -1.70
N SER A 24 18.43 10.26 -2.52
CA SER A 24 18.27 10.31 -4.00
C SER A 24 19.25 9.37 -4.71
N VAL A 25 20.27 8.88 -4.02
CA VAL A 25 21.38 8.09 -4.63
C VAL A 25 21.21 6.61 -4.28
N SER A 26 20.90 5.79 -5.28
CA SER A 26 20.68 4.33 -5.11
C SER A 26 22.01 3.66 -4.71
N ALA A 27 21.93 2.51 -4.04
CA ALA A 27 23.10 1.77 -3.49
C ALA A 27 24.12 1.50 -4.61
N PRO A 28 23.69 1.15 -5.85
CA PRO A 28 24.66 0.88 -6.90
C PRO A 28 25.28 2.18 -7.40
N GLU A 29 24.62 3.33 -7.26
CA GLU A 29 25.21 4.62 -7.71
C GLU A 29 26.35 4.96 -6.74
N LEU A 30 26.09 4.79 -5.44
CA LEU A 30 27.10 4.88 -4.35
C LEU A 30 28.20 3.87 -4.62
N GLY A 31 27.83 2.64 -5.01
CA GLY A 31 28.80 1.57 -5.31
C GLY A 31 29.77 2.02 -6.39
N ALA A 32 29.20 2.54 -7.47
CA ALA A 32 29.95 3.03 -8.65
C ALA A 32 30.95 4.11 -8.21
N VAL A 33 30.61 4.95 -7.24
CA VAL A 33 31.52 6.05 -6.82
C VAL A 33 32.74 5.44 -6.10
N ALA A 34 32.52 4.46 -5.22
CA ALA A 34 33.62 3.77 -4.49
C ALA A 34 34.44 2.96 -5.48
N ILE A 35 33.78 2.27 -6.43
CA ILE A 35 34.50 1.47 -7.45
C ILE A 35 35.36 2.39 -8.33
N LYS A 36 34.78 3.44 -8.93
CA LYS A 36 35.49 4.41 -9.81
C LYS A 36 36.81 4.79 -9.14
N SER A 37 36.74 5.12 -7.84
CA SER A 37 37.88 5.63 -7.04
C SER A 37 38.94 4.54 -6.81
N ALA A 38 38.49 3.34 -6.44
CA ALA A 38 39.36 2.17 -6.19
C ALA A 38 40.13 1.78 -7.45
N VAL A 39 39.51 1.79 -8.64
CA VAL A 39 40.19 1.32 -9.88
C VAL A 39 41.21 2.39 -10.26
N SER A 40 40.77 3.65 -10.26
CA SER A 40 41.62 4.82 -10.52
C SER A 40 42.88 4.73 -9.62
N LYS A 41 42.74 4.55 -8.31
CA LYS A 41 43.89 4.52 -7.36
C LYS A 41 44.70 3.23 -7.46
N SER A 42 44.24 2.21 -8.21
CA SER A 42 44.92 0.89 -8.25
C SER A 42 46.12 0.93 -9.20
N GLY A 43 46.09 1.80 -10.22
CA GLY A 43 47.13 1.86 -11.26
C GLY A 43 47.03 0.69 -12.25
N VAL A 44 46.06 -0.20 -12.08
CA VAL A 44 45.85 -1.36 -12.99
C VAL A 44 45.03 -0.88 -14.19
N PRO A 45 45.41 -1.22 -15.44
CA PRO A 45 44.54 -0.95 -16.58
C PRO A 45 43.17 -1.62 -16.40
N VAL A 46 42.11 -0.87 -16.67
CA VAL A 46 40.69 -1.21 -16.39
C VAL A 46 40.31 -2.50 -17.11
N GLU A 47 41.00 -2.86 -18.20
CA GLU A 47 40.65 -4.05 -19.02
C GLU A 47 41.16 -5.33 -18.35
N LYS A 48 41.99 -5.25 -17.32
CA LYS A 48 42.54 -6.48 -16.67
C LYS A 48 41.64 -6.96 -15.52
N ILE A 49 40.67 -6.13 -15.08
CA ILE A 49 39.63 -6.41 -14.04
C ILE A 49 38.47 -7.16 -14.69
N THR A 50 38.20 -8.41 -14.29
CA THR A 50 37.22 -9.26 -15.03
C THR A 50 35.93 -9.49 -14.23
N ASP A 51 35.85 -9.12 -12.96
CA ASP A 51 34.67 -9.44 -12.10
C ASP A 51 34.46 -8.36 -11.04
N VAL A 52 33.19 -8.07 -10.74
CA VAL A 52 32.79 -7.15 -9.67
C VAL A 52 31.83 -7.90 -8.77
N TYR A 53 32.20 -8.08 -7.50
CA TYR A 53 31.38 -8.75 -6.48
C TYR A 53 31.03 -7.71 -5.43
N MET A 54 29.77 -7.31 -5.34
CA MET A 54 29.32 -6.34 -4.32
C MET A 54 28.35 -6.98 -3.33
N GLY A 55 28.59 -6.77 -2.04
CA GLY A 55 27.62 -7.05 -0.97
C GLY A 55 26.50 -6.04 -0.97
N ASN A 56 25.30 -6.49 -0.61
CA ASN A 56 24.05 -5.70 -0.60
C ASN A 56 22.96 -6.54 0.07
N VAL A 57 22.51 -6.16 1.26
CA VAL A 57 21.64 -7.08 2.04
C VAL A 57 20.16 -6.83 1.70
N LEU A 58 19.76 -5.59 1.44
CA LEU A 58 18.35 -5.22 1.21
C LEU A 58 18.23 -4.76 -0.27
N GLN A 59 18.00 -5.74 -1.15
CA GLN A 59 17.99 -5.62 -2.64
C GLN A 59 16.64 -5.13 -3.18
N GLY A 60 15.61 -5.03 -2.33
CA GLY A 60 14.26 -4.63 -2.75
C GLY A 60 14.27 -3.28 -3.46
N ALA A 61 13.74 -3.24 -4.69
CA ALA A 61 13.54 -2.04 -5.53
C ALA A 61 14.90 -1.44 -5.93
N VAL A 62 16.00 -2.16 -5.79
CA VAL A 62 17.32 -1.68 -6.28
C VAL A 62 17.40 -1.90 -7.79
N GLY A 63 16.52 -2.78 -8.30
CA GLY A 63 16.46 -3.11 -9.73
C GLY A 63 17.33 -4.30 -10.00
N GLN A 64 17.35 -4.76 -11.25
CA GLN A 64 18.00 -6.03 -11.63
C GLN A 64 19.50 -5.92 -11.34
N ALA A 65 20.06 -7.02 -10.86
CA ALA A 65 21.50 -7.27 -10.70
C ALA A 65 22.20 -6.06 -10.10
N PRO A 66 21.97 -5.74 -8.82
CA PRO A 66 22.55 -4.56 -8.20
C PRO A 66 24.06 -4.41 -8.44
N ALA A 67 24.85 -5.48 -8.34
CA ALA A 67 26.32 -5.41 -8.52
C ALA A 67 26.63 -5.03 -9.99
N ARG A 68 25.77 -5.50 -10.91
CA ARG A 68 25.95 -5.23 -12.37
C ARG A 68 25.75 -3.73 -12.57
N GLN A 69 24.75 -3.14 -11.92
CA GLN A 69 24.48 -1.68 -12.03
C GLN A 69 25.67 -0.86 -11.51
N ALA A 70 26.21 -1.23 -10.33
CA ALA A 70 27.43 -0.64 -9.74
C ALA A 70 28.56 -0.68 -10.77
N SER A 71 28.76 -1.82 -11.44
CA SER A 71 29.88 -2.04 -12.40
C SER A 71 29.66 -1.13 -13.61
N MET A 72 28.46 -1.09 -14.16
CA MET A 72 28.15 -0.28 -15.36
C MET A 72 28.20 1.21 -15.01
N PHE A 73 27.50 1.67 -13.98
CA PHE A 73 27.55 3.09 -13.53
C PHE A 73 28.98 3.52 -13.16
N ALA A 74 29.94 2.59 -13.02
CA ALA A 74 31.37 2.91 -12.76
C ALA A 74 32.15 3.08 -14.07
N GLY A 75 31.55 2.81 -15.22
CA GLY A 75 32.22 2.89 -16.53
C GLY A 75 32.99 1.62 -16.86
N LEU A 76 32.82 0.54 -16.10
CA LEU A 76 33.48 -0.75 -16.42
C LEU A 76 32.83 -1.36 -17.66
N SER A 77 33.60 -2.14 -18.41
CA SER A 77 33.16 -2.82 -19.66
C SER A 77 31.99 -3.78 -19.36
N PRO A 78 30.98 -3.87 -20.25
CA PRO A 78 29.96 -4.91 -20.14
C PRO A 78 30.51 -6.35 -20.18
N THR A 79 31.79 -6.55 -20.54
CA THR A 79 32.48 -7.89 -20.50
C THR A 79 32.79 -8.27 -19.05
N VAL A 80 32.74 -7.31 -18.13
CA VAL A 80 33.07 -7.56 -16.69
C VAL A 80 31.90 -8.31 -16.05
N GLU A 81 32.19 -9.43 -15.40
CA GLU A 81 31.16 -10.29 -14.79
C GLU A 81 30.85 -9.72 -13.40
N SER A 82 29.69 -10.09 -12.84
CA SER A 82 29.25 -9.52 -11.56
C SER A 82 28.38 -10.50 -10.79
N MET A 83 28.27 -10.22 -9.51
CA MET A 83 27.39 -10.98 -8.61
C MET A 83 27.18 -10.14 -7.36
N THR A 84 25.96 -10.12 -6.86
CA THR A 84 25.65 -9.39 -5.61
C THR A 84 25.48 -10.43 -4.50
N VAL A 85 26.14 -10.20 -3.37
CA VAL A 85 26.30 -11.20 -2.27
C VAL A 85 25.53 -10.71 -1.03
N ASN A 86 24.84 -11.65 -0.37
CA ASN A 86 24.03 -11.41 0.87
C ASN A 86 24.50 -12.41 1.94
N LYS A 87 25.44 -11.99 2.78
CA LYS A 87 25.74 -12.65 4.07
C LYS A 87 25.38 -11.63 5.15
N VAL A 88 24.25 -10.95 4.95
CA VAL A 88 23.78 -9.84 5.81
C VAL A 88 25.00 -8.93 6.09
N ALA A 90 27.96 -9.24 6.94
CA ALA A 90 29.28 -9.65 6.49
C ALA A 90 29.42 -9.57 4.96
N SER A 91 28.36 -9.17 4.26
CA SER A 91 28.26 -9.20 2.78
C SER A 91 29.52 -8.61 2.12
N GLY A 92 29.96 -7.45 2.58
CA GLY A 92 31.05 -6.70 1.93
C GLY A 92 32.39 -7.38 2.10
N LEU A 93 32.67 -7.98 3.26
CA LEU A 93 33.94 -8.73 3.47
C LEU A 93 33.88 -10.03 2.67
N LYS A 94 32.78 -10.78 2.81
CA LYS A 94 32.54 -12.02 2.06
C LYS A 94 32.76 -11.80 0.56
N ALA A 95 32.29 -10.68 0.01
CA ALA A 95 32.45 -10.34 -1.42
C ALA A 95 33.95 -10.24 -1.73
N VAL A 96 34.73 -9.61 -0.86
CA VAL A 96 36.22 -9.50 -1.03
C VAL A 96 36.87 -10.89 -1.00
N ALA A 97 36.51 -11.76 -0.06
CA ALA A 97 37.01 -13.15 -0.02
C ALA A 97 36.66 -13.86 -1.33
N LEU A 98 35.41 -13.75 -1.76
CA LEU A 98 34.91 -14.44 -2.96
C LEU A 98 35.77 -13.99 -4.13
N ALA A 99 36.07 -12.70 -4.27
CA ALA A 99 36.88 -12.18 -5.39
C ALA A 99 38.33 -12.70 -5.25
N ALA A 100 38.87 -12.71 -4.03
CA ALA A 100 40.22 -13.25 -3.76
C ALA A 100 40.31 -14.68 -4.28
N GLN A 101 39.28 -15.51 -4.05
CA GLN A 101 39.26 -16.94 -4.50
C GLN A 101 39.45 -17.05 -6.01
N ASN A 102 38.85 -16.15 -6.79
CA ASN A 102 39.03 -16.12 -8.26
C ASN A 102 40.53 -16.05 -8.58
N ILE A 103 41.26 -15.19 -7.88
CA ILE A 103 42.72 -14.98 -8.07
C ILE A 103 43.47 -16.20 -7.54
N GLN A 104 43.06 -16.73 -6.38
CA GLN A 104 43.73 -17.86 -5.70
C GLN A 104 43.68 -19.09 -6.62
N LEU A 105 42.64 -19.24 -7.44
CA LEU A 105 42.42 -20.43 -8.30
C LEU A 105 42.94 -20.20 -9.72
N GLY A 106 43.52 -19.02 -10.00
CA GLY A 106 44.12 -18.71 -11.30
C GLY A 106 43.07 -18.38 -12.36
N LEU A 107 41.85 -18.00 -11.96
CA LEU A 107 40.71 -17.73 -12.89
C LEU A 107 40.67 -16.26 -13.29
N ALA A 108 41.37 -15.38 -12.55
CA ALA A 108 41.43 -13.93 -12.88
C ALA A 108 42.69 -13.31 -12.29
N GLU A 109 43.14 -12.20 -12.85
CA GLU A 109 44.37 -11.52 -12.36
C GLU A 109 43.99 -10.21 -11.64
N ALA A 110 42.79 -9.67 -11.88
CA ALA A 110 42.30 -8.45 -11.20
C ALA A 110 40.78 -8.50 -10.99
N GLN A 111 40.32 -8.06 -9.82
CA GLN A 111 38.89 -8.07 -9.39
C GLN A 111 38.57 -6.71 -8.77
N VAL A 112 37.29 -6.32 -8.75
CA VAL A 112 36.81 -5.36 -7.73
C VAL A 112 35.79 -6.07 -6.83
N ALA A 113 35.86 -5.76 -5.55
CA ALA A 113 34.92 -6.29 -4.55
C ALA A 113 34.64 -5.22 -3.51
N GLY A 114 33.53 -5.36 -2.85
CA GLY A 114 33.09 -4.44 -1.79
C GLY A 114 31.62 -4.62 -1.52
N GLY A 115 30.96 -3.52 -1.19
CA GLY A 115 29.56 -3.59 -0.76
C GLY A 115 28.91 -2.25 -0.78
N MET A 116 27.59 -2.24 -0.61
CA MET A 116 26.78 -1.02 -0.78
C MET A 116 25.48 -1.23 -0.04
N GLU A 117 24.91 -0.17 0.48
CA GLU A 117 23.58 -0.22 1.10
C GLU A 117 23.02 1.17 1.14
N ASN A 118 21.78 1.32 0.71
CA ASN A 118 21.04 2.57 0.94
C ASN A 118 19.84 2.21 1.79
N MET A 119 19.95 2.38 3.08
CA MET A 119 18.88 1.94 4.01
C MET A 119 17.68 2.88 3.90
N SER A 120 17.90 4.15 3.56
CA SER A 120 16.82 5.12 3.27
C SER A 120 15.91 4.57 2.16
N ARG A 121 16.48 4.01 1.09
CA ARG A 121 15.71 3.64 -0.12
C ARG A 121 15.14 2.22 -0.02
N VAL A 122 15.22 1.59 1.16
CA VAL A 122 14.60 0.26 1.35
C VAL A 122 13.10 0.48 1.42
N PRO A 123 12.32 -0.27 0.63
CA PRO A 123 10.87 -0.10 0.60
C PRO A 123 10.14 -0.84 1.72
N TYR A 124 8.85 -0.57 1.87
CA TYR A 124 7.85 -1.40 2.57
C TYR A 124 7.40 -2.47 1.59
N TYR A 125 6.88 -3.59 2.11
CA TYR A 125 6.40 -4.72 1.29
C TYR A 125 4.87 -4.79 1.40
N LEU A 126 4.23 -4.71 0.25
CA LEU A 126 2.78 -5.01 0.11
C LEU A 126 2.68 -6.34 -0.61
N PRO A 127 2.16 -7.40 0.04
CA PRO A 127 1.97 -8.68 -0.64
C PRO A 127 1.00 -8.55 -1.81
N ARG A 128 1.12 -9.39 -2.84
CA ARG A 128 0.18 -9.41 -4.00
C ARG A 128 -1.16 -10.03 -3.58
N SER A 129 -2.17 -9.82 -4.42
CA SER A 129 -3.59 -10.24 -4.25
C SER A 129 -3.72 -11.58 -3.52
N THR A 130 -2.96 -12.60 -3.93
CA THR A 130 -3.15 -13.99 -3.44
C THR A 130 -2.61 -14.19 -2.02
N GLN A 131 -1.92 -13.22 -1.42
CA GLN A 131 -1.47 -13.35 -0.01
C GLN A 131 -2.16 -12.31 0.88
N LEU A 132 -3.17 -11.60 0.38
CA LEU A 132 -3.87 -10.57 1.19
C LEU A 132 -5.18 -11.18 1.69
N PRO A 133 -5.62 -10.83 2.91
CA PRO A 133 -6.89 -11.31 3.43
C PRO A 133 -8.01 -10.65 2.62
N PRO A 134 -9.23 -11.22 2.58
CA PRO A 134 -10.31 -10.62 1.79
C PRO A 134 -10.78 -9.28 2.37
N PHE A 135 -10.72 -9.13 3.70
CA PHE A 135 -11.06 -7.86 4.39
C PHE A 135 -10.27 -7.85 5.72
N GLY A 136 -10.29 -6.72 6.42
CA GLY A 136 -9.66 -6.57 7.74
C GLY A 136 -8.25 -6.03 7.64
N GLU A 137 -7.73 -5.54 8.76
CA GLU A 137 -6.51 -4.71 8.86
C GLU A 137 -5.34 -5.51 8.27
N ILE A 138 -4.45 -4.82 7.55
CA ILE A 138 -3.17 -5.36 6.97
C ILE A 138 -1.99 -4.70 7.67
N LYS A 139 -0.96 -5.47 8.01
CA LYS A 139 0.34 -4.93 8.49
C LYS A 139 1.29 -4.98 7.30
N LEU A 140 1.83 -3.84 6.89
CA LEU A 140 2.94 -3.78 5.91
C LEU A 140 4.26 -3.76 6.69
N GLN A 141 5.16 -4.66 6.34
CA GLN A 141 6.51 -4.72 6.97
C GLN A 141 7.41 -3.68 6.31
N ASP A 142 8.27 -3.06 7.11
CA ASP A 142 9.20 -2.01 6.64
C ASP A 142 10.18 -2.69 5.71
N GLY A 143 10.93 -3.69 6.15
CA GLY A 143 11.88 -4.25 5.18
C GLY A 143 13.29 -4.07 5.69
N LEU A 144 13.59 -2.88 6.21
CA LEU A 144 14.71 -2.71 7.16
C LEU A 144 14.52 -3.75 8.27
N ILE A 145 13.31 -3.92 8.79
CA ILE A 145 13.06 -4.80 9.97
C ILE A 145 12.95 -6.26 9.50
N GLN A 146 12.01 -6.54 8.60
CA GLN A 146 11.67 -7.93 8.24
C GLN A 146 12.88 -8.65 7.65
N ASP A 147 13.66 -8.00 6.80
CA ASP A 147 14.80 -8.63 6.09
C ASP A 147 16.14 -8.23 6.73
N GLY A 148 16.21 -7.07 7.37
CA GLY A 148 17.49 -6.52 7.84
C GLY A 148 17.81 -7.00 9.25
N LEU A 149 16.88 -6.80 10.19
CA LEU A 149 17.22 -6.67 11.62
C LEU A 149 16.31 -7.53 12.51
N TRP A 150 15.55 -8.45 11.91
CA TRP A 150 14.56 -9.31 12.61
C TRP A 150 15.00 -10.76 12.47
N ASP A 151 15.26 -11.41 13.60
CA ASP A 151 15.63 -12.85 13.64
C ASP A 151 14.38 -13.66 13.28
N VAL A 152 14.53 -14.57 12.32
CA VAL A 152 13.47 -15.50 11.85
C VAL A 152 13.12 -16.50 12.96
N TYR A 153 14.10 -17.05 13.67
CA TYR A 153 13.94 -18.25 14.56
C TYR A 153 13.31 -17.81 15.89
N ASN A 154 13.98 -16.92 16.63
CA ASN A 154 13.41 -16.21 17.80
C ASN A 154 12.81 -14.91 17.29
N GLN A 155 11.50 -14.76 17.22
CA GLN A 155 10.91 -13.67 16.39
C GLN A 155 11.14 -12.30 17.10
N PHE A 156 12.38 -11.80 17.15
CA PHE A 156 12.75 -10.50 17.81
C PHE A 156 13.94 -9.81 17.12
N HIS A 157 14.13 -8.51 17.40
CA HIS A 157 15.14 -7.62 16.79
C HIS A 157 16.56 -8.16 17.06
N MET A 158 17.52 -7.89 16.18
CA MET A 158 18.95 -8.17 16.46
C MET A 158 19.30 -7.57 17.82
N GLY A 159 18.63 -6.47 18.21
CA GLY A 159 18.90 -5.71 19.44
C GLY A 159 18.71 -6.56 20.68
N ILE A 160 17.71 -7.45 20.69
CA ILE A 160 17.43 -8.40 21.80
C ILE A 160 18.57 -9.43 21.86
N CYS A 161 19.12 -9.87 20.72
CA CYS A 161 20.32 -10.74 20.66
C CYS A 161 21.48 -10.06 21.39
N ALA A 162 21.63 -8.74 21.20
CA ALA A 162 22.67 -7.93 21.86
C ALA A 162 22.39 -7.90 23.37
N GLU A 163 21.13 -7.73 23.77
CA GLU A 163 20.73 -7.68 25.20
C GLU A 163 21.16 -8.99 25.90
N LYS A 164 20.96 -10.13 25.25
CA LYS A 164 21.22 -11.47 25.84
C LYS A 164 22.73 -11.67 25.95
N THR A 165 23.52 -11.20 24.98
CA THR A 165 25.01 -11.24 25.05
C THR A 165 25.49 -10.28 26.15
N ALA A 166 24.77 -9.19 26.42
CA ALA A 166 25.09 -8.19 27.46
C ALA A 166 24.92 -8.80 28.87
N LYS A 167 23.86 -9.59 29.07
CA LYS A 167 23.59 -10.28 30.35
C LYS A 167 24.61 -11.42 30.54
N LYS A 168 24.66 -12.36 29.61
CA LYS A 168 25.56 -13.55 29.61
C LYS A 168 27.00 -13.14 29.95
N TYR A 169 27.55 -12.08 29.35
CA TYR A 169 28.97 -11.70 29.56
C TYR A 169 29.08 -10.52 30.53
N GLU A 170 28.04 -10.29 31.35
CA GLU A 170 27.97 -9.22 32.38
C GLU A 170 28.61 -7.95 31.80
N ILE A 171 28.02 -7.41 30.73
CA ILE A 171 28.40 -6.10 30.11
C ILE A 171 27.31 -5.08 30.45
N SER A 172 27.68 -4.10 31.28
CA SER A 172 26.77 -3.14 31.95
C SER A 172 26.38 -2.03 30.98
N ARG A 173 25.20 -1.45 31.17
CA ARG A 173 24.81 -0.14 30.60
C ARG A 173 26.02 0.79 30.60
N GLU A 174 26.67 0.95 31.75
CA GLU A 174 27.78 1.93 31.90
C GLU A 174 28.95 1.48 31.00
N GLU A 175 29.26 0.18 30.95
CA GLU A 175 30.36 -0.36 30.11
C GLU A 175 30.04 -0.10 28.64
N GLN A 176 28.78 -0.30 28.23
CA GLN A 176 28.30 -0.07 26.83
C GLN A 176 28.49 1.41 26.50
N ASP A 177 27.91 2.31 27.31
CA ASP A 177 27.91 3.77 27.06
C ASP A 177 29.37 4.27 26.99
N GLN A 178 30.24 3.70 27.84
CA GLN A 178 31.66 4.12 27.91
C GLN A 178 32.33 3.78 26.57
N TYR A 179 32.08 2.59 26.02
CA TYR A 179 32.64 2.21 24.70
C TYR A 179 32.09 3.15 23.61
N ALA A 180 30.76 3.32 23.58
CA ALA A 180 30.02 4.23 22.68
C ALA A 180 30.63 5.64 22.72
N ILE A 181 30.78 6.18 23.93
CA ILE A 181 31.41 7.52 24.13
C ILE A 181 32.82 7.49 23.51
N GLN A 182 33.60 6.44 23.79
CA GLN A 182 34.98 6.35 23.26
C GLN A 182 34.93 6.28 21.72
N SER A 183 33.97 5.55 21.14
CA SER A 183 33.82 5.44 19.66
C SER A 183 33.62 6.84 19.07
N TYR A 184 32.65 7.58 19.60
CA TYR A 184 32.41 8.99 19.20
C TYR A 184 33.71 9.80 19.28
N GLN A 185 34.46 9.71 20.38
CA GLN A 185 35.65 10.58 20.60
C GLN A 185 36.73 10.21 19.58
N ARG A 186 37.00 8.91 19.45
CA ARG A 186 37.97 8.42 18.43
C ARG A 186 37.58 8.90 17.03
N ALA A 187 36.29 8.92 16.68
CA ALA A 187 35.81 9.35 15.35
C ALA A 187 36.02 10.86 15.18
N GLN A 188 35.62 11.67 16.18
CA GLN A 188 35.87 13.15 16.21
C GLN A 188 37.37 13.42 16.09
N ALA A 189 38.21 12.80 16.92
CA ALA A 189 39.69 12.91 16.85
C ALA A 189 40.13 12.70 15.40
N ALA A 190 39.74 11.56 14.81
CA ALA A 190 40.14 11.13 13.44
C ALA A 190 39.69 12.17 12.40
N TRP A 191 38.46 12.67 12.53
CA TRP A 191 37.93 13.69 11.58
C TRP A 191 38.67 15.03 11.78
N LYS A 192 39.05 15.38 13.01
CA LYS A 192 39.81 16.62 13.26
C LYS A 192 41.14 16.55 12.49
N GLU A 193 41.87 15.43 12.59
CA GLU A 193 43.19 15.18 11.92
C GLU A 193 43.01 14.83 10.43
N ASN A 194 41.76 14.73 9.94
CA ASN A 194 41.42 14.49 8.51
C ASN A 194 41.93 13.10 8.06
N LYS A 195 41.95 12.12 8.96
CA LYS A 195 42.53 10.75 8.77
C LYS A 195 41.79 9.91 7.72
N PHE A 196 40.66 10.33 7.15
CA PHE A 196 39.82 9.51 6.23
C PHE A 196 39.84 10.06 4.80
N ALA A 197 40.64 11.10 4.54
CA ALA A 197 40.61 11.88 3.28
C ALA A 197 41.07 11.01 2.11
N GLU A 198 42.12 10.22 2.33
CA GLU A 198 42.73 9.33 1.30
C GLU A 198 41.68 8.31 0.85
N GLU A 199 40.98 7.69 1.81
CA GLU A 199 40.12 6.52 1.55
C GLU A 199 38.76 6.98 1.02
N ILE A 200 38.34 8.22 1.33
CA ILE A 200 36.96 8.65 1.00
C ILE A 200 36.93 9.06 -0.47
N ALA A 201 35.90 8.62 -1.18
CA ALA A 201 35.58 9.08 -2.55
C ALA A 201 34.34 9.97 -2.43
N PRO A 202 34.46 11.28 -2.69
CA PRO A 202 33.32 12.18 -2.51
C PRO A 202 32.22 11.77 -3.47
N VAL A 203 30.95 11.99 -3.06
CA VAL A 203 29.74 11.70 -3.87
C VAL A 203 29.12 13.02 -4.33
N THR A 204 28.83 13.15 -5.63
CA THR A 204 28.20 14.37 -6.18
C THR A 204 26.70 14.10 -6.32
N VAL A 205 25.91 14.70 -5.42
CA VAL A 205 24.42 14.58 -5.37
C VAL A 205 23.81 15.71 -6.20
N LYS A 206 23.19 15.37 -7.33
CA LYS A 206 22.51 16.33 -8.23
C LYS A 206 21.16 16.73 -7.61
N GLY A 207 21.17 17.75 -6.76
CA GLY A 207 20.02 18.24 -5.97
C GLY A 207 18.92 18.92 -6.76
N LYS A 208 18.16 19.77 -6.08
CA LYS A 208 16.99 20.49 -6.64
C LYS A 208 17.40 21.35 -7.84
N LYS A 209 18.04 22.50 -7.58
CA LYS A 209 18.45 23.42 -8.66
C LYS A 209 19.96 23.31 -8.90
N GLY A 210 20.73 23.12 -7.83
CA GLY A 210 22.21 23.02 -7.97
C GLY A 210 22.72 21.60 -7.85
N GLU A 211 23.82 21.43 -7.12
CA GLU A 211 24.47 20.11 -6.92
C GLU A 211 25.45 20.21 -5.74
N THR A 212 25.31 19.31 -4.78
CA THR A 212 26.10 19.20 -3.53
C THR A 212 27.16 18.08 -3.66
N VAL A 213 28.40 18.37 -3.25
CA VAL A 213 29.50 17.39 -3.12
C VAL A 213 29.58 16.97 -1.65
N VAL A 214 29.27 15.72 -1.32
CA VAL A 214 29.35 15.18 0.07
C VAL A 214 30.72 14.50 0.25
N GLU A 215 31.52 14.94 1.25
CA GLU A 215 32.89 14.40 1.49
C GLU A 215 33.11 14.09 2.97
N ARG A 216 32.08 14.22 3.81
CA ARG A 216 32.19 14.10 5.29
C ARG A 216 31.13 13.12 5.80
N ASP A 217 31.55 12.09 6.54
CA ASP A 217 30.69 11.21 7.34
C ASP A 217 29.73 12.08 8.16
N GLU A 218 28.45 11.72 8.16
CA GLU A 218 27.40 12.39 8.97
C GLU A 218 27.15 11.50 10.18
N GLY A 219 26.98 12.07 11.38
CA GLY A 219 26.57 11.32 12.58
C GLY A 219 27.60 11.39 13.70
N TYR A 220 28.88 11.54 13.40
CA TYR A 220 29.98 11.40 14.40
C TYR A 220 30.05 12.62 15.31
N GLU A 221 29.37 13.71 14.98
CA GLU A 221 29.42 14.97 15.77
C GLU A 221 28.26 14.97 16.79
N ASN A 222 27.47 13.90 16.86
CA ASN A 222 26.17 13.85 17.62
C ASN A 222 26.35 13.22 19.01
N LEU A 223 27.54 13.27 19.60
CA LEU A 223 27.75 12.78 21.00
C LEU A 223 27.29 13.85 21.99
N ARG A 224 26.27 13.54 22.78
CA ARG A 224 25.88 14.34 23.98
C ARG A 224 26.14 13.47 25.22
N ILE A 225 27.40 13.45 25.66
CA ILE A 225 27.95 12.64 26.78
C ILE A 225 26.97 12.64 27.96
N ASP A 226 26.54 13.83 28.36
CA ASP A 226 25.57 14.10 29.48
C ASP A 226 24.30 13.25 29.30
N LYS A 227 23.71 13.16 28.10
CA LYS A 227 22.35 12.57 27.86
C LYS A 227 22.43 11.03 27.75
N MET A 228 23.64 10.52 27.55
CA MET A 228 23.95 9.12 27.17
C MET A 228 23.40 8.11 28.21
N ALA A 229 23.47 8.45 29.50
CA ALA A 229 23.07 7.56 30.62
C ALA A 229 21.54 7.52 30.79
N THR A 230 20.81 8.43 30.13
CA THR A 230 19.35 8.63 30.35
C THR A 230 18.54 8.29 29.08
N LEU A 231 19.19 7.85 28.00
CA LEU A 231 18.51 7.34 26.77
C LEU A 231 17.70 6.08 27.13
N LYS A 232 16.51 5.93 26.55
CA LYS A 232 15.66 4.72 26.70
C LYS A 232 16.34 3.53 26.02
N PRO A 233 16.17 2.30 26.55
CA PRO A 233 16.52 1.12 25.77
C PRO A 233 15.65 1.16 24.50
N ALA A 234 16.26 0.87 23.34
CA ALA A 234 15.61 0.92 22.01
C ALA A 234 14.74 -0.33 21.78
N PHE A 235 15.14 -1.50 22.32
CA PHE A 235 14.56 -2.82 21.96
C PHE A 235 13.86 -3.48 23.17
N LEU A 236 14.39 -3.37 24.39
CA LEU A 236 13.90 -4.13 25.59
C LEU A 236 13.40 -3.15 26.67
N ARG A 237 12.09 -3.16 26.94
CA ARG A 237 11.40 -2.21 27.85
C ARG A 237 10.70 -2.96 28.98
N ASP A 238 11.37 -3.93 29.62
CA ASP A 238 10.86 -4.71 30.77
C ASP A 238 11.59 -4.28 32.07
N GLY A 239 12.44 -3.25 32.00
CA GLY A 239 13.29 -2.82 33.11
C GLY A 239 14.72 -3.33 32.97
N THR A 240 14.96 -4.41 32.23
CA THR A 240 16.32 -5.00 32.13
C THR A 240 17.07 -4.42 30.92
N GLY A 241 16.42 -3.59 30.09
CA GLY A 241 17.03 -3.05 28.86
C GLY A 241 18.30 -2.28 29.14
N THR A 242 19.31 -2.45 28.29
CA THR A 242 20.66 -1.80 28.37
C THR A 242 21.11 -1.21 27.02
N VAL A 243 20.64 -1.74 25.89
CA VAL A 243 21.01 -1.27 24.52
C VAL A 243 20.10 -0.11 24.09
N THR A 244 20.70 1.00 23.68
CA THR A 244 20.04 2.26 23.27
C THR A 244 20.46 2.62 21.84
N ALA A 245 19.76 3.57 21.22
CA ALA A 245 20.24 4.31 20.01
C ALA A 245 21.65 4.87 20.26
N GLY A 246 21.93 5.36 21.47
CA GLY A 246 23.27 5.89 21.84
C GLY A 246 24.38 4.86 21.71
N ASN A 247 24.20 3.63 22.21
CA ASN A 247 25.33 2.64 22.29
C ASN A 247 25.22 1.59 21.17
N ALA A 248 24.25 1.74 20.27
CA ALA A 248 24.05 0.86 19.10
C ALA A 248 24.49 1.60 17.84
N SER A 249 24.80 0.86 16.77
CA SER A 249 25.08 1.45 15.44
C SER A 249 23.79 2.12 14.94
N THR A 250 23.94 2.99 13.96
CA THR A 250 22.83 3.68 13.29
C THR A 250 22.55 3.00 11.96
N MET A 251 21.46 3.38 11.29
CA MET A 251 21.16 3.00 9.90
C MET A 251 21.73 4.11 8.99
N ASN A 252 22.28 3.74 7.85
CA ASN A 252 23.16 4.65 7.08
C ASN A 252 23.14 4.24 5.61
N ASP A 253 23.60 5.14 4.75
CA ASP A 253 23.72 4.92 3.28
C ASP A 253 25.22 5.06 2.95
N GLY A 254 25.79 4.09 2.26
CA GLY A 254 27.19 4.20 1.84
C GLY A 254 27.64 2.98 1.08
N ALA A 255 28.86 3.03 0.55
CA ALA A 255 29.43 1.98 -0.29
C ALA A 255 30.94 2.02 -0.11
N SER A 256 31.59 0.92 -0.44
CA SER A 256 33.04 0.68 -0.24
C SER A 256 33.48 -0.34 -1.29
N ALA A 257 34.73 -0.25 -1.72
CA ALA A 257 35.21 -1.07 -2.85
C ALA A 257 36.73 -1.12 -2.81
N LEU A 258 37.28 -2.24 -3.25
CA LEU A 258 38.74 -2.46 -3.29
C LEU A 258 39.05 -3.10 -4.65
N VAL A 259 40.28 -2.94 -5.11
CA VAL A 259 40.79 -3.66 -6.32
C VAL A 259 41.76 -4.72 -5.83
N LEU A 260 41.60 -5.95 -6.31
CA LEU A 260 42.50 -7.07 -5.95
C LEU A 260 43.27 -7.46 -7.19
N GLY A 261 44.44 -8.06 -6.99
CA GLY A 261 45.25 -8.56 -8.12
C GLY A 261 46.05 -9.76 -7.74
N SER A 262 46.54 -10.45 -8.76
CA SER A 262 47.58 -11.50 -8.65
C SER A 262 48.92 -10.82 -8.31
N LYS A 263 49.90 -11.63 -7.93
CA LYS A 263 51.32 -11.23 -7.74
C LYS A 263 51.77 -10.46 -9.00
N ALA A 264 51.56 -11.03 -10.19
CA ALA A 264 52.02 -10.47 -11.49
C ALA A 264 51.43 -9.07 -11.70
N ILE A 265 50.18 -8.86 -11.28
CA ILE A 265 49.46 -7.58 -11.52
C ILE A 265 49.98 -6.56 -10.51
N ALA A 266 50.19 -6.97 -9.26
CA ALA A 266 50.66 -6.06 -8.21
C ALA A 266 52.06 -5.56 -8.60
N ARG A 267 52.98 -6.47 -8.92
CA ARG A 267 54.39 -6.18 -9.34
C ARG A 267 54.39 -5.14 -10.46
N GLU A 268 53.70 -5.41 -11.57
CA GLU A 268 53.75 -4.57 -12.79
C GLU A 268 53.06 -3.21 -12.56
N PHE A 269 52.15 -3.07 -11.59
CA PHE A 269 51.25 -1.88 -11.55
C PHE A 269 51.11 -1.22 -10.17
N ALA A 270 51.24 -1.97 -9.08
CA ALA A 270 50.84 -1.43 -7.77
C ALA A 270 51.99 -1.32 -6.77
N GLN A 271 53.24 -1.30 -7.25
CA GLN A 271 54.35 -1.18 -6.28
C GLN A 271 54.22 0.17 -5.59
N GLY A 272 54.19 0.19 -4.26
CA GLY A 272 54.11 1.47 -3.54
C GLY A 272 52.69 1.98 -3.40
N ASN A 273 51.69 1.23 -3.85
CA ASN A 273 50.28 1.65 -3.70
C ASN A 273 49.98 1.91 -2.22
N ARG A 274 49.31 3.00 -1.92
CA ARG A 274 48.99 3.42 -0.54
C ARG A 274 48.29 2.32 0.26
N ALA A 275 47.40 1.53 -0.34
CA ALA A 275 46.63 0.55 0.47
C ALA A 275 47.11 -0.89 0.24
N LEU A 276 48.23 -1.07 -0.49
CA LEU A 276 48.78 -2.38 -0.94
C LEU A 276 48.94 -3.31 0.27
N ALA A 277 48.51 -4.56 0.14
CA ALA A 277 48.47 -5.57 1.22
C ALA A 277 48.24 -6.95 0.62
N ARG A 278 48.68 -8.00 1.31
CA ARG A 278 48.41 -9.40 0.92
C ARG A 278 47.18 -9.85 1.71
N ILE A 279 46.24 -10.55 1.07
CA ILE A 279 45.13 -11.26 1.79
C ILE A 279 45.76 -12.54 2.34
N VAL A 280 46.13 -12.59 3.62
CA VAL A 280 46.89 -13.77 4.11
C VAL A 280 45.89 -14.90 4.40
N SER A 281 44.72 -14.60 4.94
CA SER A 281 43.68 -15.63 5.22
C SER A 281 42.27 -15.01 5.36
N THR A 282 41.25 -15.86 5.33
CA THR A 282 39.83 -15.52 5.63
C THR A 282 39.21 -16.67 6.39
N ALA A 283 38.20 -16.41 7.22
CA ALA A 283 37.35 -17.47 7.80
C ALA A 283 35.91 -16.98 8.03
N ASP A 284 34.97 -17.88 7.76
CA ASP A 284 33.53 -17.74 8.10
C ASP A 284 33.31 -18.69 9.28
N ALA A 285 32.39 -18.36 10.17
CA ALA A 285 31.97 -19.28 11.26
C ALA A 285 30.57 -18.89 11.74
N ALA A 286 29.81 -19.89 12.21
CA ALA A 286 28.39 -19.73 12.64
C ALA A 286 28.14 -20.49 13.94
N ILE A 287 27.20 -19.96 14.72
CA ILE A 287 26.71 -20.54 16.01
C ILE A 287 25.22 -20.23 16.07
N ASP A 288 24.58 -20.44 17.21
CA ASP A 288 23.11 -20.25 17.37
C ASP A 288 22.78 -18.81 17.00
N PRO A 289 21.71 -18.55 16.22
CA PRO A 289 21.29 -17.19 15.89
C PRO A 289 21.32 -16.12 17.01
N VAL A 290 20.91 -16.42 18.26
CA VAL A 290 20.85 -15.38 19.35
C VAL A 290 22.26 -14.94 19.70
N ASP A 291 23.29 -15.75 19.40
CA ASP A 291 24.69 -15.51 19.85
C ASP A 291 25.51 -14.93 18.70
N PHE A 292 24.86 -14.49 17.61
CA PHE A 292 25.54 -13.79 16.49
C PHE A 292 26.55 -12.79 17.04
N PRO A 293 26.27 -12.04 18.14
CA PRO A 293 27.24 -11.08 18.66
C PRO A 293 28.65 -11.64 18.89
N VAL A 294 28.76 -12.93 19.22
CA VAL A 294 29.99 -13.64 19.70
C VAL A 294 30.58 -14.53 18.58
N ALA A 295 29.84 -14.74 17.50
CA ALA A 295 30.34 -15.45 16.29
C ALA A 295 31.73 -14.92 15.87
N PRO A 296 32.05 -13.62 15.91
CA PRO A 296 33.39 -13.17 15.52
C PRO A 296 34.57 -13.76 16.32
N ALA A 297 34.31 -14.13 17.58
CA ALA A 297 35.28 -14.81 18.47
C ALA A 297 35.58 -16.23 17.97
N LYS A 298 34.67 -16.83 17.19
CA LYS A 298 34.81 -18.19 16.62
C LYS A 298 35.58 -18.13 15.31
N ALA A 299 35.41 -17.07 14.53
CA ALA A 299 35.98 -16.92 13.17
C ALA A 299 37.42 -16.44 13.27
N VAL A 300 37.70 -15.52 14.18
CA VAL A 300 39.04 -14.87 14.30
C VAL A 300 40.12 -15.94 14.52
N PRO A 301 40.00 -16.85 15.51
CA PRO A 301 40.98 -17.92 15.69
C PRO A 301 41.22 -18.75 14.42
N ILE A 302 40.12 -19.13 13.74
CA ILE A 302 40.22 -19.94 12.48
C ILE A 302 41.04 -19.15 11.47
N ALA A 303 40.78 -17.85 11.33
CA ALA A 303 41.48 -16.98 10.36
C ALA A 303 42.95 -16.77 10.79
N LEU A 304 43.26 -16.73 12.10
CA LEU A 304 44.64 -16.55 12.63
C LEU A 304 45.42 -17.86 12.40
N GLU A 305 44.79 -19.02 12.67
CA GLU A 305 45.36 -20.35 12.33
C GLU A 305 45.72 -20.44 10.84
N ARG A 306 44.83 -20.03 9.93
CA ARG A 306 45.07 -20.16 8.47
C ARG A 306 46.14 -19.15 8.02
N ALA A 307 46.45 -18.10 8.80
CA ALA A 307 47.52 -17.14 8.47
C ALA A 307 48.85 -17.58 9.10
N GLY A 308 48.80 -18.56 10.00
CA GLY A 308 49.95 -18.96 10.83
C GLY A 308 50.51 -17.77 11.59
N ILE A 309 49.64 -16.99 12.22
CA ILE A 309 50.03 -15.88 13.13
C ILE A 309 49.23 -15.98 14.44
N THR A 310 49.67 -15.25 15.45
CA THR A 310 49.08 -15.22 16.82
C THR A 310 48.42 -13.85 17.00
N LYS A 311 47.40 -13.74 17.88
CA LYS A 311 46.71 -12.46 18.24
C LYS A 311 47.72 -11.32 18.34
N ASP A 312 48.81 -11.54 19.06
CA ASP A 312 49.75 -10.48 19.53
C ASP A 312 50.49 -9.91 18.31
N GLN A 313 50.52 -10.63 17.18
CA GLN A 313 51.15 -10.16 15.92
C GLN A 313 50.21 -9.21 15.16
N VAL A 314 48.95 -9.07 15.60
CA VAL A 314 47.97 -8.17 14.91
C VAL A 314 48.16 -6.76 15.48
N ALA A 315 48.66 -5.82 14.68
CA ALA A 315 48.89 -4.41 15.05
C ALA A 315 47.55 -3.74 15.37
N VAL A 316 46.57 -3.79 14.46
CA VAL A 316 45.22 -3.19 14.72
C VAL A 316 44.12 -4.14 14.28
N TRP A 317 43.03 -4.13 15.05
CA TRP A 317 41.77 -4.89 14.83
C TRP A 317 40.65 -3.93 14.44
N GLU A 318 39.92 -4.26 13.37
CA GLU A 318 38.68 -3.54 12.96
C GLU A 318 37.53 -4.54 13.12
N PHE A 319 36.79 -4.43 14.23
CA PHE A 319 35.54 -5.18 14.52
C PHE A 319 34.36 -4.23 14.30
N ASN A 320 33.29 -4.71 13.68
CA ASN A 320 32.15 -3.82 13.34
C ASN A 320 31.35 -3.57 14.63
N GLU A 321 31.12 -2.29 14.96
CA GLU A 321 30.44 -1.87 16.21
C GLU A 321 28.91 -1.96 16.02
N ALA A 322 28.37 -3.14 15.72
CA ALA A 322 26.92 -3.33 15.54
C ALA A 322 26.21 -2.81 16.80
N PHE A 323 26.77 -3.21 17.95
CA PHE A 323 26.38 -2.73 19.30
C PHE A 323 27.64 -2.69 20.16
N ALA A 324 27.71 -1.75 21.11
CA ALA A 324 28.83 -1.66 22.09
C ALA A 324 29.01 -3.02 22.76
N ALA A 325 27.90 -3.63 23.16
CA ALA A 325 27.82 -4.99 23.75
C ALA A 325 28.61 -5.99 22.90
N VAL A 326 28.54 -5.87 21.57
CA VAL A 326 29.26 -6.79 20.64
C VAL A 326 30.77 -6.61 20.87
N ILE A 327 31.30 -5.38 20.81
CA ILE A 327 32.78 -5.14 20.85
C ILE A 327 33.34 -5.60 22.20
N LYS A 328 32.61 -5.35 23.31
CA LYS A 328 33.09 -5.64 24.69
C LYS A 328 33.16 -7.16 24.88
N ALA A 329 32.13 -7.91 24.47
CA ALA A 329 32.05 -9.37 24.63
C ALA A 329 33.20 -10.02 23.84
N ASN A 330 33.49 -9.53 22.64
CA ASN A 330 34.54 -10.11 21.76
C ASN A 330 35.92 -9.81 22.37
N GLU A 331 36.16 -8.56 22.80
CA GLU A 331 37.35 -8.10 23.56
C GLU A 331 37.60 -9.00 24.80
N LYS A 332 36.53 -9.42 25.49
CA LYS A 332 36.59 -10.30 26.69
C LYS A 332 37.08 -11.68 26.27
N ILE A 333 36.29 -12.38 25.46
CA ILE A 333 36.55 -13.80 25.03
C ILE A 333 37.93 -13.95 24.38
N LEU A 334 38.39 -13.00 23.56
CA LEU A 334 39.65 -13.11 22.78
C LEU A 334 40.82 -12.48 23.54
N GLY A 335 40.53 -11.81 24.67
CA GLY A 335 41.50 -11.03 25.46
C GLY A 335 42.17 -9.96 24.63
N LEU A 336 41.41 -8.99 24.11
CA LEU A 336 41.92 -7.87 23.25
C LEU A 336 41.68 -6.53 23.95
N GLN A 337 41.38 -6.54 25.25
CA GLN A 337 41.15 -5.31 26.08
C GLN A 337 42.29 -4.31 25.91
N ASN A 338 43.54 -4.78 25.70
CA ASN A 338 44.79 -3.98 25.61
C ASN A 338 45.39 -4.03 24.19
N ALA A 339 44.60 -4.53 23.22
CA ALA A 339 44.94 -4.47 21.78
C ALA A 339 44.26 -3.25 21.16
N ARG A 340 44.78 -2.79 20.02
CA ARG A 340 44.28 -1.61 19.26
C ARG A 340 43.03 -2.00 18.47
N VAL A 341 41.83 -1.87 19.06
CA VAL A 341 40.53 -2.19 18.41
C VAL A 341 39.77 -0.91 18.09
N ASN A 342 39.49 -0.68 16.79
CA ASN A 342 38.65 0.44 16.28
C ASN A 342 39.27 1.75 16.73
N PRO A 343 40.57 1.99 16.45
CA PRO A 343 41.29 3.17 16.93
C PRO A 343 40.69 4.50 16.44
N LEU A 344 40.01 4.49 15.28
CA LEU A 344 39.56 5.74 14.60
C LEU A 344 38.05 5.86 14.74
N GLY A 345 37.43 5.08 15.62
CA GLY A 345 35.96 4.97 15.72
C GLY A 345 35.43 3.72 15.03
N GLY A 346 34.10 3.55 15.03
CA GLY A 346 33.38 2.55 14.24
C GLY A 346 31.90 2.88 14.12
N ALA A 347 31.09 1.86 13.78
CA ALA A 347 29.67 1.94 13.36
C ALA A 347 28.81 2.78 14.33
N ILE A 348 29.13 2.83 15.62
CA ILE A 348 28.31 3.57 16.63
C ILE A 348 28.33 5.06 16.28
N SER A 349 29.45 5.53 15.75
CA SER A 349 29.76 6.96 15.48
C SER A 349 29.89 7.25 13.98
N LEU A 350 30.44 6.31 13.19
CA LEU A 350 30.74 6.45 11.73
C LEU A 350 29.63 5.84 10.86
N GLY A 351 28.63 5.19 11.45
CA GLY A 351 27.48 4.63 10.72
C GLY A 351 27.68 3.19 10.25
N HIS A 352 26.58 2.54 9.86
CA HIS A 352 26.53 1.11 9.46
C HIS A 352 25.59 0.95 8.26
N ALA A 353 26.08 1.13 7.03
CA ALA A 353 25.36 0.78 5.79
C ALA A 353 25.55 -0.72 5.50
N LEU A 354 24.62 -1.56 5.95
CA LEU A 354 24.81 -3.02 6.19
C LEU A 354 25.79 -3.63 5.19
N GLY A 355 25.38 -3.70 3.92
CA GLY A 355 26.09 -4.43 2.86
C GLY A 355 27.49 -3.91 2.61
N SER A 356 27.78 -2.65 2.94
CA SER A 356 29.10 -1.98 2.76
C SER A 356 30.04 -2.24 3.95
N SER A 357 29.51 -2.24 5.17
CA SER A 357 30.32 -2.15 6.41
C SER A 357 31.48 -3.14 6.40
N GLY A 358 31.30 -4.39 5.94
CA GLY A 358 32.38 -5.39 5.97
C GLY A 358 33.59 -4.96 5.17
N SER A 359 33.36 -4.29 4.05
CA SER A 359 34.46 -3.81 3.18
C SER A 359 34.88 -2.40 3.64
N ARG A 360 33.97 -1.64 4.25
CA ARG A 360 34.27 -0.31 4.85
C ARG A 360 35.35 -0.45 5.95
N ILE A 361 35.18 -1.39 6.89
CA ILE A 361 36.18 -1.65 7.98
C ILE A 361 37.51 -2.12 7.38
N LEU A 362 37.50 -2.93 6.32
CA LEU A 362 38.75 -3.34 5.64
C LEU A 362 39.44 -2.11 5.03
N VAL A 363 38.67 -1.17 4.48
CA VAL A 363 39.28 0.02 3.82
C VAL A 363 39.96 0.86 4.92
N THR A 364 39.28 1.01 6.04
CA THR A 364 39.72 1.85 7.19
C THR A 364 40.99 1.19 7.77
N LEU A 365 40.95 -0.13 7.96
CA LEU A 365 42.07 -1.00 8.45
C LEU A 365 43.33 -0.73 7.62
N LEU A 366 43.21 -0.78 6.28
CA LEU A 366 44.38 -0.82 5.38
C LEU A 366 45.12 0.51 5.45
N HIS A 367 44.41 1.59 5.74
CA HIS A 367 44.94 2.97 5.72
C HIS A 367 45.61 3.27 7.06
N GLN A 368 45.55 2.36 8.04
CA GLN A 368 46.14 2.63 9.37
C GLN A 368 47.14 1.53 9.77
N LEU A 369 47.70 0.80 8.80
CA LEU A 369 48.75 -0.24 9.01
C LEU A 369 50.08 0.26 8.43
N GLN A 370 51.19 0.01 9.13
CA GLN A 370 52.58 0.34 8.67
C GLN A 370 53.07 -0.84 7.83
N PRO A 371 54.08 -0.63 6.94
CA PRO A 371 54.62 -1.71 6.11
C PRO A 371 55.06 -2.92 6.94
N GLY A 372 54.64 -4.12 6.53
CA GLY A 372 54.95 -5.42 7.19
C GLY A 372 53.93 -5.82 8.27
N GLU A 373 53.03 -4.91 8.68
CA GLU A 373 52.08 -5.13 9.82
C GLU A 373 50.92 -6.04 9.39
N TYR A 374 50.42 -6.84 10.33
CA TYR A 374 49.21 -7.68 10.21
C TYR A 374 47.98 -6.95 10.79
N GLY A 375 46.84 -7.11 10.11
CA GLY A 375 45.55 -6.51 10.52
C GLY A 375 44.44 -7.53 10.42
N VAL A 376 43.43 -7.41 11.29
CA VAL A 376 42.18 -8.21 11.20
C VAL A 376 40.97 -7.30 11.06
N ALA A 377 40.19 -7.50 10.01
CA ALA A 377 38.77 -7.06 9.93
C ALA A 377 37.92 -8.28 10.26
N ALA A 378 36.92 -8.11 11.12
CA ALA A 378 35.92 -9.13 11.47
C ALA A 378 34.56 -8.46 11.62
N ILE A 379 33.48 -9.17 11.28
CA ILE A 379 32.11 -8.60 11.30
C ILE A 379 31.12 -9.73 11.58
N CYS A 380 30.24 -9.53 12.56
CA CYS A 380 29.14 -10.46 12.89
C CYS A 380 27.98 -10.20 11.92
N ASN A 381 27.12 -11.20 11.71
CA ASN A 381 25.96 -11.07 10.80
C ASN A 381 24.77 -11.89 11.33
N GLY A 382 23.56 -11.39 11.09
CA GLY A 382 22.32 -11.99 11.59
C GLY A 382 22.15 -13.42 11.12
N GLY A 383 21.40 -14.23 11.88
CA GLY A 383 21.34 -15.70 11.74
C GLY A 383 22.46 -16.42 12.47
N GLY A 384 23.48 -15.71 12.98
CA GLY A 384 24.43 -16.24 13.98
C GLY A 384 25.79 -16.57 13.38
N ALA A 385 26.38 -15.66 12.62
CA ALA A 385 27.60 -15.92 11.85
C ALA A 385 28.50 -14.69 11.87
N ALA A 386 29.63 -14.81 11.18
CA ALA A 386 30.68 -13.78 11.14
C ALA A 386 31.74 -14.20 10.12
N THR A 387 32.47 -13.22 9.60
CA THR A 387 33.67 -13.48 8.79
C THR A 387 34.77 -12.51 9.21
N ALA A 388 36.00 -13.01 9.11
CA ALA A 388 37.26 -12.40 9.55
C ALA A 388 38.27 -12.58 8.43
N MET A 389 39.02 -11.54 8.13
CA MET A 389 40.07 -11.53 7.11
C MET A 389 41.37 -11.08 7.77
N VAL A 390 42.46 -11.79 7.53
CA VAL A 390 43.81 -11.35 7.96
C VAL A 390 44.50 -10.79 6.72
N VAL A 391 45.09 -9.62 6.92
CA VAL A 391 45.78 -8.80 5.89
C VAL A 391 47.22 -8.55 6.38
N GLN A 392 48.18 -8.40 5.45
CA GLN A 392 49.56 -7.97 5.76
C GLN A 392 49.87 -6.79 4.86
N LYS A 393 50.02 -5.60 5.45
CA LYS A 393 50.28 -4.35 4.69
C LYS A 393 51.72 -4.42 4.17
N LEU A 394 51.94 -3.87 2.98
CA LEU A 394 53.14 -4.11 2.14
C LEU A 394 53.52 -2.81 1.44
N ASP A 395 54.81 -2.59 1.20
CA ASP A 395 55.29 -1.44 0.39
C ASP A 395 55.41 -1.90 -1.06
N ARG A 396 55.89 -3.13 -1.27
CA ARG A 396 55.97 -3.77 -2.61
C ARG A 396 55.86 -5.29 -2.42
N VAL A 397 55.85 -6.05 -3.52
CA VAL A 397 55.41 -7.48 -3.49
C VAL A 397 56.61 -8.40 -3.75
N GLU B 1 48.12 -28.23 -5.61
CA GLU B 1 47.29 -28.55 -4.41
C GLU B 1 45.85 -28.06 -4.57
N ILE B 2 45.50 -27.32 -5.64
CA ILE B 2 44.09 -27.17 -6.08
C ILE B 2 43.46 -28.57 -6.20
N GLN B 3 42.45 -28.88 -5.38
CA GLN B 3 41.78 -30.20 -5.35
C GLN B 3 40.62 -30.19 -6.35
N GLU B 4 39.91 -31.32 -6.43
CA GLU B 4 38.73 -31.48 -7.32
C GLU B 4 37.49 -31.62 -6.43
N ALA B 5 36.34 -31.21 -6.96
CA ALA B 5 35.05 -31.23 -6.24
C ALA B 5 34.11 -32.19 -6.98
N TYR B 6 33.36 -32.97 -6.22
CA TYR B 6 32.43 -33.98 -6.77
C TYR B 6 31.02 -33.63 -6.35
N ILE B 7 30.07 -33.73 -7.28
CA ILE B 7 28.61 -33.80 -6.94
C ILE B 7 28.32 -35.21 -6.42
N LEU B 8 27.78 -35.33 -5.21
CA LEU B 8 27.42 -36.64 -4.60
C LEU B 8 25.93 -36.93 -4.79
N SER B 9 25.11 -35.89 -4.95
CA SER B 9 23.63 -35.99 -4.94
C SER B 9 22.97 -34.69 -5.42
N GLY B 10 21.73 -34.81 -5.86
CA GLY B 10 20.89 -33.69 -6.32
C GLY B 10 19.43 -33.99 -6.13
N ALA B 11 18.66 -33.01 -5.66
CA ALA B 11 17.19 -33.09 -5.52
C ALA B 11 16.58 -31.75 -5.90
N ARG B 12 15.36 -31.76 -6.44
CA ARG B 12 14.56 -30.55 -6.68
C ARG B 12 13.14 -30.79 -6.17
N THR B 13 12.47 -29.74 -5.72
CA THR B 13 11.02 -29.78 -5.46
C THR B 13 10.35 -29.96 -6.81
N PRO B 14 9.07 -30.35 -6.89
CA PRO B 14 8.33 -30.16 -8.12
C PRO B 14 8.41 -28.65 -8.36
N THR B 15 8.24 -28.24 -9.61
CA THR B 15 8.12 -26.82 -10.02
C THR B 15 6.62 -26.54 -10.04
N ALA B 16 6.14 -25.71 -9.10
CA ALA B 16 4.71 -25.31 -9.03
C ALA B 16 4.43 -24.08 -9.88
N LYS B 17 3.17 -23.90 -10.25
CA LYS B 17 2.63 -22.74 -11.02
C LYS B 17 2.72 -21.46 -10.17
N PHE B 18 2.91 -20.31 -10.80
CA PHE B 18 2.64 -19.00 -10.18
C PHE B 18 1.24 -19.03 -9.52
N ASN B 19 1.15 -18.52 -8.30
CA ASN B 19 -0.10 -18.46 -7.52
C ASN B 19 -0.74 -19.85 -7.47
N GLY B 20 0.09 -20.89 -7.39
CA GLY B 20 -0.43 -22.26 -7.34
C GLY B 20 -0.34 -22.92 -5.99
N SER B 21 0.34 -24.06 -5.93
CA SER B 21 0.45 -24.92 -4.72
C SER B 21 1.41 -24.38 -3.68
N PHE B 22 2.45 -23.64 -4.09
CA PHE B 22 3.45 -23.21 -3.10
C PHE B 22 3.24 -21.79 -2.61
N VAL B 23 2.07 -21.19 -2.79
CA VAL B 23 1.83 -19.80 -2.31
C VAL B 23 2.10 -19.69 -0.81
N SER B 24 1.72 -20.68 0.00
CA SER B 24 1.95 -20.66 1.45
C SER B 24 3.33 -21.19 1.80
N VAL B 25 4.12 -21.65 0.84
CA VAL B 25 5.47 -22.19 1.20
C VAL B 25 6.56 -21.21 0.74
N SER B 26 7.30 -20.66 1.69
CA SER B 26 8.38 -19.70 1.38
C SER B 26 9.54 -20.38 0.65
N ALA B 27 10.29 -19.61 -0.14
CA ALA B 27 11.44 -20.12 -0.90
C ALA B 27 12.37 -20.95 -0.01
N PRO B 28 12.75 -20.49 1.20
CA PRO B 28 13.57 -21.27 2.09
C PRO B 28 12.88 -22.55 2.59
N GLU B 29 11.56 -22.58 2.67
CA GLU B 29 10.88 -23.84 3.07
C GLU B 29 11.07 -24.83 1.92
N LEU B 30 10.91 -24.36 0.69
CA LEU B 30 11.17 -25.14 -0.54
C LEU B 30 12.65 -25.55 -0.56
N GLY B 31 13.56 -24.60 -0.37
CA GLY B 31 14.99 -24.91 -0.24
C GLY B 31 15.23 -26.07 0.73
N ALA B 32 14.61 -25.99 1.90
CA ALA B 32 14.74 -26.97 3.00
C ALA B 32 14.37 -28.36 2.48
N VAL B 33 13.27 -28.52 1.75
CA VAL B 33 12.89 -29.88 1.31
C VAL B 33 13.92 -30.35 0.27
N ALA B 34 14.38 -29.50 -0.64
CA ALA B 34 15.45 -29.89 -1.58
C ALA B 34 16.73 -30.28 -0.81
N ILE B 35 17.17 -29.50 0.17
CA ILE B 35 18.40 -29.82 0.95
C ILE B 35 18.21 -31.09 1.79
N LYS B 36 17.08 -31.28 2.47
CA LYS B 36 16.80 -32.50 3.27
C LYS B 36 17.04 -33.73 2.39
N SER B 37 16.52 -33.72 1.16
CA SER B 37 16.53 -34.89 0.23
C SER B 37 17.93 -35.09 -0.33
N ALA B 38 18.62 -34.01 -0.72
CA ALA B 38 20.02 -34.06 -1.19
C ALA B 38 20.93 -34.67 -0.13
N VAL B 39 20.83 -34.26 1.14
CA VAL B 39 21.80 -34.74 2.17
C VAL B 39 21.50 -36.23 2.43
N SER B 40 20.23 -36.57 2.57
CA SER B 40 19.75 -37.96 2.75
C SER B 40 20.44 -38.84 1.70
N LYS B 41 20.29 -38.51 0.41
CA LYS B 41 20.76 -39.32 -0.75
C LYS B 41 22.28 -39.30 -0.91
N SER B 42 23.01 -38.39 -0.25
CA SER B 42 24.47 -38.22 -0.48
C SER B 42 25.23 -39.37 0.19
N GLY B 43 24.67 -39.91 1.27
CA GLY B 43 25.32 -40.92 2.12
C GLY B 43 26.42 -40.31 2.97
N VAL B 44 26.53 -38.98 2.97
CA VAL B 44 27.54 -38.25 3.79
C VAL B 44 26.90 -37.96 5.14
N PRO B 45 27.61 -38.17 6.26
CA PRO B 45 27.08 -37.81 7.58
C PRO B 45 26.99 -36.29 7.66
N VAL B 46 25.89 -35.76 8.19
CA VAL B 46 25.53 -34.31 8.11
C VAL B 46 26.65 -33.42 8.67
N GLU B 47 27.44 -33.92 9.63
CA GLU B 47 28.47 -33.16 10.39
C GLU B 47 29.68 -32.80 9.52
N LYS B 48 29.78 -33.37 8.32
CA LYS B 48 30.91 -33.09 7.39
C LYS B 48 30.55 -31.86 6.53
N ILE B 49 29.26 -31.57 6.38
CA ILE B 49 28.72 -30.42 5.59
C ILE B 49 28.83 -29.13 6.40
N THR B 50 29.72 -28.21 6.00
CA THR B 50 30.11 -26.97 6.76
C THR B 50 29.52 -25.67 6.15
N ASP B 51 28.93 -25.69 4.95
CA ASP B 51 28.41 -24.45 4.28
C ASP B 51 27.21 -24.79 3.41
N VAL B 52 26.20 -23.91 3.41
CA VAL B 52 25.01 -23.92 2.52
C VAL B 52 24.98 -22.60 1.72
N TYR B 53 25.22 -22.66 0.41
CA TYR B 53 25.10 -21.52 -0.53
C TYR B 53 23.86 -21.71 -1.40
N MET B 54 22.88 -20.81 -1.30
CA MET B 54 21.61 -20.91 -2.08
C MET B 54 21.40 -19.65 -2.93
N GLY B 55 21.13 -19.82 -4.22
CA GLY B 55 20.67 -18.73 -5.09
C GLY B 55 19.26 -18.29 -4.71
N ASN B 56 18.99 -17.01 -4.80
CA ASN B 56 17.67 -16.42 -4.53
C ASN B 56 17.69 -15.03 -5.15
N VAL B 57 16.82 -14.74 -6.11
CA VAL B 57 16.93 -13.49 -6.91
C VAL B 57 16.13 -12.37 -6.26
N LEU B 58 14.89 -12.66 -5.88
CA LEU B 58 13.90 -11.72 -5.31
C LEU B 58 13.76 -12.04 -3.81
N GLN B 59 14.58 -11.36 -3.00
CA GLN B 59 14.80 -11.62 -1.56
C GLN B 59 13.79 -10.86 -0.72
N GLY B 60 13.03 -9.94 -1.32
CA GLY B 60 12.11 -9.06 -0.56
C GLY B 60 11.09 -9.86 0.23
N ALA B 61 10.98 -9.57 1.52
CA ALA B 61 9.96 -10.06 2.48
C ALA B 61 10.18 -11.55 2.78
N VAL B 62 11.34 -12.08 2.39
CA VAL B 62 11.76 -13.50 2.65
C VAL B 62 12.30 -13.61 4.07
N GLY B 63 12.56 -12.47 4.71
CA GLY B 63 13.17 -12.40 6.05
C GLY B 63 14.68 -12.48 5.97
N GLN B 64 15.33 -12.35 7.12
CA GLN B 64 16.82 -12.30 7.23
C GLN B 64 17.44 -13.58 6.67
N ALA B 65 18.47 -13.43 5.85
CA ALA B 65 19.42 -14.50 5.45
C ALA B 65 18.67 -15.69 4.89
N PRO B 66 18.06 -15.57 3.69
CA PRO B 66 17.34 -16.68 3.07
C PRO B 66 18.08 -18.01 3.10
N ALA B 67 19.34 -18.05 2.66
CA ALA B 67 20.17 -19.27 2.63
C ALA B 67 20.19 -19.90 4.03
N ARG B 68 20.31 -19.06 5.07
CA ARG B 68 20.43 -19.50 6.49
C ARG B 68 19.10 -20.13 6.91
N GLN B 69 17.99 -19.56 6.47
CA GLN B 69 16.64 -20.15 6.73
C GLN B 69 16.56 -21.57 6.17
N ALA B 70 16.86 -21.76 4.89
CA ALA B 70 16.80 -23.06 4.19
C ALA B 70 17.62 -24.09 4.99
N SER B 71 18.83 -23.72 5.38
CA SER B 71 19.79 -24.55 6.15
C SER B 71 19.14 -24.98 7.47
N MET B 72 18.54 -24.03 8.19
CA MET B 72 17.99 -24.26 9.54
C MET B 72 16.68 -25.05 9.44
N PHE B 73 15.85 -24.78 8.44
CA PHE B 73 14.58 -25.51 8.25
C PHE B 73 14.88 -26.94 7.76
N ALA B 74 16.05 -27.20 7.17
CA ALA B 74 16.48 -28.53 6.71
C ALA B 74 16.99 -29.38 7.88
N GLY B 75 17.16 -28.78 9.06
CA GLY B 75 17.64 -29.49 10.27
C GLY B 75 19.15 -29.50 10.38
N LEU B 76 19.86 -28.74 9.54
CA LEU B 76 21.34 -28.65 9.64
C LEU B 76 21.69 -27.87 10.91
N SER B 77 22.93 -28.04 11.37
CA SER B 77 23.46 -27.43 12.61
C SER B 77 23.55 -25.91 12.41
N PRO B 78 23.24 -25.11 13.45
CA PRO B 78 23.61 -23.70 13.47
C PRO B 78 25.11 -23.42 13.26
N THR B 79 25.99 -24.43 13.27
CA THR B 79 27.45 -24.24 13.04
C THR B 79 27.76 -24.15 11.54
N VAL B 80 26.83 -24.60 10.69
CA VAL B 80 26.96 -24.58 9.20
C VAL B 80 26.86 -23.13 8.72
N GLU B 81 27.91 -22.60 8.08
CA GLU B 81 27.87 -21.25 7.44
C GLU B 81 26.96 -21.25 6.21
N SER B 82 26.55 -20.06 5.79
CA SER B 82 25.51 -19.88 4.75
C SER B 82 25.70 -18.53 4.08
N MET B 83 25.14 -18.41 2.87
CA MET B 83 25.22 -17.22 1.99
C MET B 83 24.11 -17.29 0.93
N THR B 84 23.41 -16.19 0.73
CA THR B 84 22.37 -16.05 -0.33
C THR B 84 23.06 -15.38 -1.52
N VAL B 85 23.01 -16.01 -2.71
CA VAL B 85 23.76 -15.53 -3.91
C VAL B 85 22.77 -15.04 -4.97
N ASN B 86 23.10 -13.90 -5.60
CA ASN B 86 22.26 -13.26 -6.64
C ASN B 86 23.09 -12.98 -7.89
N LYS B 87 23.08 -13.94 -8.82
CA LYS B 87 23.56 -13.72 -10.21
C LYS B 87 22.32 -13.84 -11.10
N VAL B 88 21.22 -13.20 -10.67
CA VAL B 88 19.87 -13.33 -11.29
C VAL B 88 19.63 -14.81 -11.64
N ALA B 90 21.21 -17.03 -13.04
CA ALA B 90 22.36 -17.91 -12.91
C ALA B 90 22.59 -18.25 -11.44
N SER B 91 21.81 -17.69 -10.51
CA SER B 91 22.06 -17.77 -9.05
C SER B 91 22.33 -19.22 -8.62
N GLY B 92 21.45 -20.16 -8.97
CA GLY B 92 21.54 -21.57 -8.56
C GLY B 92 22.84 -22.25 -9.01
N LEU B 93 23.28 -22.05 -10.25
CA LEU B 93 24.53 -22.67 -10.76
C LEU B 93 25.73 -22.01 -10.08
N LYS B 94 25.70 -20.68 -10.00
CA LYS B 94 26.80 -19.87 -9.43
C LYS B 94 27.08 -20.35 -8.00
N ALA B 95 26.00 -20.71 -7.29
CA ALA B 95 26.05 -21.12 -5.87
C ALA B 95 26.81 -22.45 -5.79
N VAL B 96 26.49 -23.39 -6.67
CA VAL B 96 27.20 -24.69 -6.78
C VAL B 96 28.69 -24.44 -7.08
N ALA B 97 29.03 -23.53 -8.00
CA ALA B 97 30.44 -23.20 -8.33
C ALA B 97 31.16 -22.63 -7.11
N LEU B 98 30.52 -21.74 -6.33
CA LEU B 98 31.12 -21.13 -5.11
C LEU B 98 31.38 -22.21 -4.06
N ALA B 99 30.44 -23.14 -3.88
CA ALA B 99 30.63 -24.26 -2.93
C ALA B 99 31.78 -25.15 -3.43
N ALA B 100 31.90 -25.39 -4.73
CA ALA B 100 32.99 -26.20 -5.30
C ALA B 100 34.32 -25.53 -4.98
N GLN B 101 34.36 -24.20 -4.99
CA GLN B 101 35.62 -23.46 -4.80
C GLN B 101 36.15 -23.72 -3.40
N ASN B 102 35.26 -23.79 -2.42
CA ASN B 102 35.60 -24.09 -1.00
C ASN B 102 36.33 -25.44 -0.94
N ILE B 103 35.86 -26.44 -1.67
CA ILE B 103 36.52 -27.79 -1.77
C ILE B 103 37.81 -27.68 -2.59
N GLN B 104 37.77 -27.06 -3.76
CA GLN B 104 38.96 -26.89 -4.64
C GLN B 104 40.09 -26.22 -3.86
N LEU B 105 39.79 -25.42 -2.84
CA LEU B 105 40.80 -24.59 -2.15
C LEU B 105 41.25 -25.25 -0.85
N GLY B 106 40.68 -26.40 -0.49
CA GLY B 106 41.05 -27.15 0.72
C GLY B 106 40.33 -26.65 1.96
N LEU B 107 39.44 -25.66 1.82
CA LEU B 107 38.77 -24.98 2.96
C LEU B 107 37.61 -25.82 3.50
N ALA B 108 37.13 -26.81 2.75
CA ALA B 108 35.99 -27.65 3.18
C ALA B 108 35.99 -28.97 2.41
N GLU B 109 35.41 -30.00 3.00
CA GLU B 109 35.36 -31.36 2.39
C GLU B 109 33.92 -31.67 1.94
N ALA B 110 32.89 -31.07 2.54
CA ALA B 110 31.48 -31.28 2.12
C ALA B 110 30.67 -29.97 2.22
N GLN B 111 29.86 -29.71 1.18
CA GLN B 111 29.05 -28.48 0.99
C GLN B 111 27.65 -28.88 0.51
N VAL B 112 26.64 -28.05 0.79
CA VAL B 112 25.38 -28.11 0.01
C VAL B 112 25.27 -26.78 -0.75
N ALA B 113 24.76 -26.85 -1.99
CA ALA B 113 24.50 -25.67 -2.83
C ALA B 113 23.31 -25.92 -3.75
N GLY B 114 22.65 -24.82 -4.11
CA GLY B 114 21.52 -24.85 -5.05
C GLY B 114 20.87 -23.52 -5.12
N GLY B 115 19.55 -23.51 -5.19
CA GLY B 115 18.80 -22.25 -5.28
C GLY B 115 17.35 -22.46 -4.95
N MET B 116 16.61 -21.35 -4.93
CA MET B 116 15.22 -21.34 -4.48
C MET B 116 14.60 -20.02 -4.94
N GLU B 117 13.30 -20.04 -5.19
CA GLU B 117 12.53 -18.87 -5.65
C GLU B 117 11.08 -19.19 -5.38
N ASN B 118 10.40 -18.27 -4.70
CA ASN B 118 8.91 -18.28 -4.69
C ASN B 118 8.50 -16.97 -5.32
N MET B 119 8.17 -17.02 -6.60
CA MET B 119 7.73 -15.82 -7.36
C MET B 119 6.32 -15.40 -6.94
N SER B 120 5.50 -16.35 -6.51
CA SER B 120 4.15 -16.00 -6.01
C SER B 120 4.30 -15.04 -4.82
N ARG B 121 5.30 -15.29 -3.98
CA ARG B 121 5.46 -14.51 -2.73
C ARG B 121 6.34 -13.27 -2.90
N VAL B 122 6.79 -12.93 -4.09
CA VAL B 122 7.58 -11.67 -4.14
C VAL B 122 6.58 -10.53 -4.00
N PRO B 123 6.90 -9.47 -3.24
CA PRO B 123 5.93 -8.42 -3.00
C PRO B 123 6.01 -7.17 -3.85
N TYR B 124 5.07 -6.27 -3.58
CA TYR B 124 5.07 -4.92 -4.19
C TYR B 124 5.83 -4.02 -3.24
N TYR B 125 6.43 -2.97 -3.78
CA TYR B 125 7.30 -2.03 -3.04
C TYR B 125 6.57 -0.70 -2.83
N LEU B 126 6.43 -0.31 -1.56
CA LEU B 126 5.93 1.01 -1.10
C LEU B 126 7.13 1.76 -0.53
N PRO B 127 7.61 2.85 -1.18
CA PRO B 127 8.69 3.65 -0.62
C PRO B 127 8.26 4.25 0.73
N ARG B 128 9.23 4.64 1.54
CA ARG B 128 8.97 5.25 2.87
C ARG B 128 8.66 6.74 2.65
N SER B 129 8.12 7.39 3.67
CA SER B 129 7.60 8.78 3.67
C SER B 129 8.49 9.77 2.91
N THR B 130 9.80 9.70 3.08
CA THR B 130 10.77 10.65 2.46
C THR B 130 10.87 10.48 0.94
N GLN B 131 10.32 9.41 0.38
CA GLN B 131 10.40 9.15 -1.09
C GLN B 131 8.99 9.06 -1.67
N LEU B 132 8.00 9.55 -0.93
CA LEU B 132 6.61 9.67 -1.44
C LEU B 132 6.36 11.13 -1.75
N PRO B 133 5.49 11.45 -2.72
CA PRO B 133 5.07 12.83 -2.94
C PRO B 133 4.08 13.19 -1.84
N PRO B 134 3.91 14.50 -1.54
CA PRO B 134 2.94 14.93 -0.54
C PRO B 134 1.47 14.75 -0.97
N PHE B 135 1.22 14.74 -2.27
CA PHE B 135 -0.16 14.45 -2.76
C PHE B 135 -0.07 14.02 -4.22
N GLY B 136 -1.16 13.42 -4.71
CA GLY B 136 -1.28 12.89 -6.08
C GLY B 136 -0.88 11.44 -6.16
N GLU B 137 -1.29 10.78 -7.24
CA GLU B 137 -1.16 9.33 -7.56
C GLU B 137 0.24 8.80 -7.19
N ILE B 138 0.32 7.62 -6.54
CA ILE B 138 1.60 6.83 -6.38
C ILE B 138 1.55 5.59 -7.27
N LYS B 139 2.65 5.28 -7.95
CA LYS B 139 2.83 4.00 -8.66
C LYS B 139 3.69 3.09 -7.78
N LEU B 140 3.19 1.90 -7.42
CA LEU B 140 3.96 0.83 -6.75
C LEU B 140 4.39 -0.20 -7.79
N GLN B 141 5.71 -0.42 -7.87
CA GLN B 141 6.36 -1.51 -8.65
C GLN B 141 6.15 -2.87 -7.98
N ASP B 142 5.93 -3.86 -8.82
CA ASP B 142 5.94 -5.31 -8.53
C ASP B 142 7.41 -5.75 -8.57
N GLY B 143 7.92 -6.32 -7.48
CA GLY B 143 9.29 -6.86 -7.43
C GLY B 143 9.56 -7.73 -8.63
N LEU B 144 8.60 -8.57 -9.00
CA LEU B 144 8.80 -9.46 -10.18
C LEU B 144 9.32 -8.60 -11.34
N ILE B 145 8.77 -7.39 -11.56
CA ILE B 145 9.14 -6.62 -12.79
C ILE B 145 10.37 -5.75 -12.52
N GLN B 146 10.35 -4.93 -11.47
CA GLN B 146 11.45 -3.96 -11.20
C GLN B 146 12.78 -4.67 -10.92
N ASP B 147 12.77 -5.75 -10.13
CA ASP B 147 14.01 -6.45 -9.69
C ASP B 147 14.30 -7.68 -10.57
N GLY B 148 13.28 -8.37 -11.07
CA GLY B 148 13.46 -9.67 -11.73
C GLY B 148 13.68 -9.54 -13.24
N LEU B 149 12.82 -8.77 -13.92
CA LEU B 149 12.52 -8.94 -15.36
C LEU B 149 12.72 -7.62 -16.10
N TRP B 150 13.29 -6.59 -15.47
CA TRP B 150 13.44 -5.25 -16.09
C TRP B 150 14.92 -4.90 -16.23
N ASP B 151 15.39 -4.73 -17.48
CA ASP B 151 16.76 -4.25 -17.77
C ASP B 151 16.85 -2.79 -17.32
N VAL B 152 17.92 -2.46 -16.60
CA VAL B 152 18.15 -1.14 -15.94
C VAL B 152 18.57 -0.09 -16.98
N TYR B 153 19.34 -0.50 -18.02
CA TYR B 153 20.10 0.40 -18.93
C TYR B 153 19.24 0.76 -20.14
N ASN B 154 18.66 -0.25 -20.79
CA ASN B 154 17.58 -0.14 -21.81
C ASN B 154 16.28 -0.42 -21.07
N GLN B 155 15.49 0.59 -20.73
CA GLN B 155 14.43 0.44 -19.69
C GLN B 155 13.25 -0.37 -20.26
N PHE B 156 13.45 -1.67 -20.57
CA PHE B 156 12.41 -2.57 -21.11
C PHE B 156 12.55 -4.00 -20.54
N HIS B 157 11.53 -4.83 -20.76
CA HIS B 157 11.43 -6.25 -20.30
C HIS B 157 12.54 -7.10 -20.94
N MET B 158 12.90 -8.22 -20.30
CA MET B 158 13.86 -9.22 -20.85
C MET B 158 13.36 -9.69 -22.21
N GLY B 159 12.03 -9.81 -22.36
CA GLY B 159 11.33 -10.21 -23.59
C GLY B 159 11.76 -9.43 -24.83
N ILE B 160 12.04 -8.13 -24.67
CA ILE B 160 12.52 -7.24 -25.77
C ILE B 160 13.95 -7.64 -26.17
N CYS B 161 14.80 -8.01 -25.20
CA CYS B 161 16.20 -8.44 -25.42
C CYS B 161 16.18 -9.69 -26.31
N ALA B 162 15.24 -10.60 -26.03
CA ALA B 162 14.98 -11.81 -26.82
C ALA B 162 14.51 -11.41 -28.23
N GLU B 163 13.53 -10.49 -28.35
CA GLU B 163 13.07 -9.95 -29.64
C GLU B 163 14.25 -9.54 -30.54
N LYS B 164 15.33 -8.99 -29.96
CA LYS B 164 16.47 -8.42 -30.73
C LYS B 164 17.51 -9.49 -31.07
N THR B 165 17.55 -10.61 -30.34
CA THR B 165 18.38 -11.79 -30.69
C THR B 165 17.62 -12.66 -31.73
N ALA B 166 16.29 -12.61 -31.69
CA ALA B 166 15.39 -13.33 -32.62
C ALA B 166 15.56 -12.76 -34.05
N LYS B 167 15.70 -11.43 -34.19
CA LYS B 167 15.90 -10.77 -35.50
C LYS B 167 17.36 -10.97 -35.93
N LYS B 168 18.33 -10.64 -35.08
CA LYS B 168 19.78 -10.66 -35.44
C LYS B 168 20.22 -12.05 -35.94
N TYR B 169 19.51 -13.14 -35.60
CA TYR B 169 19.86 -14.54 -36.00
C TYR B 169 18.69 -15.14 -36.78
N GLU B 170 17.72 -14.31 -37.17
CA GLU B 170 16.60 -14.68 -38.08
C GLU B 170 15.88 -15.92 -37.53
N ILE B 171 15.34 -15.81 -36.32
CA ILE B 171 14.56 -16.88 -35.63
C ILE B 171 13.10 -16.44 -35.59
N SER B 172 12.29 -17.02 -36.47
CA SER B 172 10.90 -16.60 -36.77
C SER B 172 9.95 -17.00 -35.64
N ARG B 173 8.74 -16.45 -35.66
CA ARG B 173 7.60 -16.85 -34.80
C ARG B 173 7.40 -18.37 -34.87
N GLU B 174 7.53 -18.97 -36.05
CA GLU B 174 7.14 -20.38 -36.31
C GLU B 174 8.20 -21.30 -35.67
N GLU B 175 9.47 -20.93 -35.81
CA GLU B 175 10.64 -21.67 -35.27
C GLU B 175 10.55 -21.71 -33.73
N GLN B 176 10.19 -20.57 -33.15
CA GLN B 176 10.02 -20.39 -31.68
C GLN B 176 8.85 -21.28 -31.21
N ASP B 177 7.67 -21.13 -31.83
CA ASP B 177 6.48 -21.94 -31.46
C ASP B 177 6.77 -23.44 -31.67
N GLN B 178 7.57 -23.82 -32.67
CA GLN B 178 7.98 -25.23 -32.90
C GLN B 178 8.76 -25.73 -31.67
N TYR B 179 9.83 -25.02 -31.28
CA TYR B 179 10.68 -25.38 -30.11
C TYR B 179 9.80 -25.47 -28.85
N ALA B 180 8.87 -24.53 -28.65
CA ALA B 180 8.03 -24.54 -27.43
C ALA B 180 7.14 -25.77 -27.43
N ILE B 181 6.52 -26.11 -28.55
CA ILE B 181 5.62 -27.30 -28.61
C ILE B 181 6.48 -28.53 -28.29
N GLN B 182 7.69 -28.59 -28.84
CA GLN B 182 8.61 -29.72 -28.62
C GLN B 182 9.02 -29.78 -27.15
N SER B 183 9.30 -28.65 -26.51
CA SER B 183 9.64 -28.62 -25.06
C SER B 183 8.49 -29.25 -24.27
N TYR B 184 7.25 -28.81 -24.55
CA TYR B 184 6.03 -29.36 -23.90
C TYR B 184 5.95 -30.89 -24.13
N GLN B 185 6.25 -31.37 -25.33
CA GLN B 185 6.08 -32.81 -25.68
C GLN B 185 7.14 -33.64 -24.95
N ARG B 186 8.40 -33.21 -25.03
CA ARG B 186 9.54 -33.85 -24.32
C ARG B 186 9.23 -33.94 -22.82
N ALA B 187 8.63 -32.90 -22.23
CA ALA B 187 8.24 -32.88 -20.80
C ALA B 187 7.17 -33.95 -20.54
N GLN B 188 6.11 -33.97 -21.36
CA GLN B 188 5.00 -34.95 -21.24
C GLN B 188 5.57 -36.38 -21.37
N ALA B 189 6.41 -36.60 -22.40
CA ALA B 189 7.15 -37.86 -22.66
C ALA B 189 7.96 -38.28 -21.43
N ALA B 190 8.67 -37.34 -20.80
CA ALA B 190 9.57 -37.63 -19.66
C ALA B 190 8.71 -37.98 -18.44
N TRP B 191 7.56 -37.31 -18.27
CA TRP B 191 6.66 -37.56 -17.12
C TRP B 191 5.97 -38.92 -17.29
N LYS B 192 5.49 -39.27 -18.49
CA LYS B 192 4.91 -40.62 -18.75
C LYS B 192 5.96 -41.68 -18.42
N GLU B 193 7.23 -41.50 -18.85
CA GLU B 193 8.31 -42.48 -18.54
C GLU B 193 8.78 -42.32 -17.09
N ASN B 194 8.29 -41.31 -16.34
CA ASN B 194 8.59 -41.15 -14.90
C ASN B 194 10.09 -40.82 -14.70
N LYS B 195 10.65 -39.99 -15.59
CA LYS B 195 12.12 -39.76 -15.68
C LYS B 195 12.59 -38.85 -14.54
N PHE B 196 11.68 -38.16 -13.84
CA PHE B 196 11.97 -37.15 -12.78
C PHE B 196 11.70 -37.69 -11.36
N ALA B 197 11.22 -38.93 -11.22
CA ALA B 197 10.81 -39.49 -9.91
C ALA B 197 11.97 -39.48 -8.92
N GLU B 198 13.20 -39.84 -9.34
CA GLU B 198 14.34 -40.01 -8.39
C GLU B 198 14.96 -38.64 -8.02
N GLU B 199 14.97 -37.64 -8.90
CA GLU B 199 15.51 -36.29 -8.54
C GLU B 199 14.50 -35.52 -7.67
N ILE B 200 13.20 -35.81 -7.80
CA ILE B 200 12.13 -34.99 -7.17
C ILE B 200 12.02 -35.32 -5.67
N ALA B 201 12.02 -34.27 -4.84
CA ALA B 201 11.75 -34.29 -3.39
C ALA B 201 10.36 -33.72 -3.17
N PRO B 202 9.35 -34.55 -2.85
CA PRO B 202 7.98 -34.08 -2.70
C PRO B 202 7.83 -33.07 -1.56
N VAL B 203 6.94 -32.12 -1.76
CA VAL B 203 6.67 -31.03 -0.78
C VAL B 203 5.29 -31.31 -0.18
N THR B 204 5.24 -31.49 1.12
CA THR B 204 3.98 -31.62 1.89
C THR B 204 3.52 -30.21 2.27
N VAL B 205 2.52 -29.67 1.59
CA VAL B 205 2.01 -28.32 1.98
C VAL B 205 0.81 -28.49 2.91
N LYS B 206 0.88 -27.82 4.07
CA LYS B 206 -0.14 -27.80 5.15
C LYS B 206 -1.39 -27.03 4.69
N GLY B 207 -2.21 -26.55 5.63
CA GLY B 207 -3.42 -25.75 5.34
C GLY B 207 -4.53 -26.04 6.33
N LYS B 208 -5.62 -25.26 6.26
CA LYS B 208 -6.79 -25.38 7.17
C LYS B 208 -7.46 -26.74 6.93
N LYS B 209 -8.04 -26.94 5.74
CA LYS B 209 -8.91 -28.12 5.44
C LYS B 209 -8.04 -29.39 5.35
N GLY B 210 -6.84 -29.32 4.78
CA GLY B 210 -6.12 -30.52 4.26
C GLY B 210 -4.67 -30.60 4.74
N GLU B 211 -3.98 -31.64 4.26
CA GLU B 211 -2.50 -31.76 4.11
C GLU B 211 -2.25 -32.43 2.74
N THR B 212 -1.73 -31.67 1.77
CA THR B 212 -1.48 -32.12 0.38
C THR B 212 0.02 -32.42 0.21
N VAL B 213 0.34 -33.56 -0.42
CA VAL B 213 1.71 -33.94 -0.87
C VAL B 213 1.81 -33.61 -2.36
N VAL B 214 2.63 -32.64 -2.73
CA VAL B 214 2.84 -32.26 -4.16
C VAL B 214 4.11 -32.95 -4.66
N GLU B 215 4.01 -33.75 -5.73
CA GLU B 215 5.16 -34.55 -6.22
C GLU B 215 5.31 -34.43 -7.74
N ARG B 216 4.46 -33.67 -8.42
CA ARG B 216 4.43 -33.55 -9.90
C ARG B 216 4.59 -32.07 -10.27
N ASP B 217 5.33 -31.79 -11.33
CA ASP B 217 5.48 -30.41 -11.86
C ASP B 217 4.07 -29.94 -12.19
N GLU B 218 3.88 -28.64 -12.34
CA GLU B 218 2.59 -27.99 -12.68
C GLU B 218 2.82 -27.09 -13.90
N GLY B 219 2.19 -27.40 -15.03
CA GLY B 219 2.18 -26.52 -16.20
C GLY B 219 2.57 -27.22 -17.49
N TYR B 220 3.16 -28.41 -17.41
CA TYR B 220 3.73 -29.11 -18.60
C TYR B 220 2.61 -29.73 -19.44
N GLU B 221 1.43 -29.96 -18.85
CA GLU B 221 0.24 -30.56 -19.52
C GLU B 221 -0.63 -29.47 -20.16
N ASN B 222 -0.24 -28.20 -20.09
CA ASN B 222 -1.09 -27.05 -20.51
C ASN B 222 -0.98 -26.80 -22.02
N LEU B 223 -0.17 -27.58 -22.74
CA LEU B 223 0.05 -27.44 -24.21
C LEU B 223 -1.30 -27.50 -24.94
N ARG B 224 -1.67 -26.37 -25.56
CA ARG B 224 -2.72 -26.28 -26.60
C ARG B 224 -2.00 -25.89 -27.90
N ILE B 225 -1.63 -26.88 -28.71
CA ILE B 225 -0.78 -26.69 -29.92
C ILE B 225 -1.60 -25.89 -30.96
N ASP B 226 -2.92 -26.01 -30.91
CA ASP B 226 -3.89 -25.12 -31.62
C ASP B 226 -3.61 -23.66 -31.24
N LYS B 227 -3.78 -23.30 -29.96
CA LYS B 227 -3.73 -21.90 -29.46
C LYS B 227 -2.35 -21.25 -29.70
N MET B 228 -1.25 -22.03 -29.59
CA MET B 228 0.16 -21.53 -29.59
C MET B 228 0.40 -20.49 -30.70
N ALA B 229 -0.08 -20.73 -31.93
CA ALA B 229 0.15 -19.84 -33.10
C ALA B 229 -0.84 -18.67 -33.08
N THR B 230 -1.87 -18.75 -32.23
CA THR B 230 -3.01 -17.79 -32.10
C THR B 230 -2.75 -16.78 -30.96
N LEU B 231 -1.70 -16.98 -30.16
CA LEU B 231 -1.25 -16.09 -29.03
C LEU B 231 -0.72 -14.76 -29.59
N LYS B 232 -0.99 -13.65 -28.90
CA LYS B 232 -0.40 -12.31 -29.19
C LYS B 232 1.05 -12.28 -28.71
N PRO B 233 1.97 -11.57 -29.41
CA PRO B 233 3.28 -11.24 -28.84
C PRO B 233 3.13 -10.44 -27.53
N ALA B 234 3.85 -10.86 -26.49
CA ALA B 234 3.61 -10.44 -25.09
C ALA B 234 4.35 -9.13 -24.81
N PHE B 235 5.41 -8.83 -25.58
CA PHE B 235 6.40 -7.77 -25.23
C PHE B 235 6.51 -6.71 -26.34
N LEU B 236 6.45 -7.08 -27.63
CA LEU B 236 6.61 -6.14 -28.79
C LEU B 236 5.32 -6.10 -29.63
N ARG B 237 4.49 -5.05 -29.47
CA ARG B 237 3.21 -4.90 -30.21
C ARG B 237 3.35 -3.78 -31.25
N ASP B 238 4.37 -3.85 -32.11
CA ASP B 238 4.60 -2.92 -33.24
C ASP B 238 4.49 -3.69 -34.58
N GLY B 239 3.88 -4.89 -34.55
CA GLY B 239 3.69 -5.76 -35.73
C GLY B 239 4.75 -6.84 -35.86
N THR B 240 6.01 -6.53 -35.51
CA THR B 240 7.20 -7.42 -35.68
C THR B 240 7.42 -8.26 -34.41
N GLY B 241 6.36 -8.53 -33.64
CA GLY B 241 6.43 -9.27 -32.37
C GLY B 241 6.45 -10.77 -32.59
N THR B 242 7.39 -11.48 -31.96
CA THR B 242 7.64 -12.93 -32.21
C THR B 242 7.71 -13.70 -30.88
N VAL B 243 8.04 -13.06 -29.76
CA VAL B 243 8.02 -13.74 -28.43
C VAL B 243 6.62 -13.60 -27.81
N THR B 244 6.10 -14.70 -27.26
CA THR B 244 4.75 -14.84 -26.63
C THR B 244 4.88 -15.51 -25.27
N ALA B 245 3.83 -15.50 -24.46
CA ALA B 245 3.77 -16.28 -23.19
C ALA B 245 3.93 -17.77 -23.53
N GLY B 246 3.42 -18.21 -24.68
CA GLY B 246 3.51 -19.61 -25.15
C GLY B 246 4.96 -20.05 -25.34
N ASN B 247 5.79 -19.24 -26.00
CA ASN B 247 7.15 -19.66 -26.42
C ASN B 247 8.22 -19.06 -25.49
N ALA B 248 7.81 -18.53 -24.32
CA ALA B 248 8.72 -18.03 -23.26
C ALA B 248 8.56 -18.88 -21.98
N SER B 249 9.54 -18.81 -21.08
CA SER B 249 9.45 -19.37 -19.70
C SER B 249 8.27 -18.75 -18.97
N THR B 250 7.63 -19.52 -18.10
CA THR B 250 6.62 -19.05 -17.13
C THR B 250 7.31 -18.72 -15.80
N MET B 251 6.59 -18.02 -14.92
CA MET B 251 7.00 -17.73 -13.53
C MET B 251 6.52 -18.91 -12.66
N ASN B 252 7.34 -19.32 -11.71
CA ASN B 252 7.12 -20.57 -10.95
C ASN B 252 7.76 -20.45 -9.58
N ASP B 253 7.39 -21.37 -8.69
CA ASP B 253 7.92 -21.48 -7.30
C ASP B 253 8.59 -22.84 -7.23
N GLY B 254 9.78 -22.91 -6.64
CA GLY B 254 10.55 -24.16 -6.66
C GLY B 254 11.92 -23.98 -6.07
N ALA B 255 12.58 -25.09 -5.77
CA ALA B 255 13.95 -25.11 -5.22
C ALA B 255 14.66 -26.39 -5.66
N SER B 256 15.97 -26.41 -5.44
CA SER B 256 16.90 -27.47 -5.89
C SER B 256 18.18 -27.30 -5.08
N ALA B 257 18.86 -28.41 -4.79
CA ALA B 257 20.04 -28.47 -3.91
C ALA B 257 20.89 -29.69 -4.31
N LEU B 258 22.21 -29.58 -4.17
CA LEU B 258 23.16 -30.68 -4.38
C LEU B 258 24.13 -30.72 -3.21
N VAL B 259 24.64 -31.90 -2.91
CA VAL B 259 25.74 -32.10 -1.94
C VAL B 259 27.00 -32.30 -2.78
N LEU B 260 28.04 -31.55 -2.46
CA LEU B 260 29.38 -31.64 -3.09
C LEU B 260 30.34 -32.19 -2.04
N GLY B 261 31.44 -32.77 -2.52
CA GLY B 261 32.46 -33.43 -1.70
C GLY B 261 33.83 -33.37 -2.34
N SER B 262 34.86 -33.52 -1.49
CA SER B 262 36.27 -33.79 -1.90
C SER B 262 36.35 -35.22 -2.44
N LYS B 263 37.40 -35.52 -3.20
CA LYS B 263 37.81 -36.90 -3.59
C LYS B 263 37.65 -37.85 -2.38
N ALA B 264 38.25 -37.50 -1.23
CA ALA B 264 38.27 -38.36 -0.04
C ALA B 264 36.82 -38.65 0.39
N ILE B 265 35.97 -37.63 0.44
CA ILE B 265 34.57 -37.77 0.95
C ILE B 265 33.77 -38.59 -0.05
N ALA B 266 33.96 -38.36 -1.36
CA ALA B 266 33.27 -39.14 -2.42
C ALA B 266 33.63 -40.63 -2.27
N ARG B 267 34.92 -40.96 -2.11
CA ARG B 267 35.43 -42.35 -1.98
C ARG B 267 34.77 -43.04 -0.78
N GLU B 268 34.80 -42.43 0.40
CA GLU B 268 34.34 -43.07 1.66
C GLU B 268 32.82 -43.25 1.65
N PHE B 269 32.04 -42.33 1.04
CA PHE B 269 30.58 -42.23 1.31
C PHE B 269 29.70 -42.31 0.06
N ALA B 270 30.22 -42.17 -1.15
CA ALA B 270 29.40 -41.83 -2.34
C ALA B 270 29.63 -42.73 -3.54
N GLN B 271 30.37 -43.83 -3.39
CA GLN B 271 30.76 -44.65 -4.57
C GLN B 271 29.58 -45.13 -5.40
N GLY B 272 28.44 -45.46 -4.82
CA GLY B 272 27.37 -45.96 -5.70
C GLY B 272 26.42 -44.89 -6.14
N ASN B 273 26.54 -43.70 -5.54
CA ASN B 273 25.65 -42.52 -5.73
C ASN B 273 25.12 -42.37 -7.15
N ARG B 274 23.81 -42.24 -7.27
CA ARG B 274 23.13 -42.11 -8.58
C ARG B 274 23.56 -40.83 -9.28
N ALA B 275 23.73 -39.75 -8.54
CA ALA B 275 24.07 -38.47 -9.21
C ALA B 275 25.58 -38.19 -9.13
N LEU B 276 26.38 -39.18 -8.76
CA LEU B 276 27.85 -38.99 -8.62
C LEU B 276 28.46 -38.46 -9.93
N ALA B 277 29.21 -37.37 -9.83
CA ALA B 277 29.89 -36.70 -10.96
C ALA B 277 31.02 -35.84 -10.43
N ARG B 278 32.07 -35.65 -11.24
CA ARG B 278 33.16 -34.66 -11.05
C ARG B 278 32.71 -33.33 -11.65
N ILE B 279 32.89 -32.22 -10.93
CA ILE B 279 32.80 -30.86 -11.52
C ILE B 279 34.09 -30.69 -12.31
N VAL B 280 34.04 -30.64 -13.64
CA VAL B 280 35.30 -30.59 -14.42
C VAL B 280 35.72 -29.13 -14.51
N SER B 281 34.79 -28.24 -14.87
CA SER B 281 35.10 -26.82 -15.05
C SER B 281 33.85 -25.96 -14.83
N THR B 282 34.07 -24.67 -14.56
CA THR B 282 33.00 -23.64 -14.51
C THR B 282 33.54 -22.39 -15.19
N ALA B 283 32.65 -21.58 -15.73
CA ALA B 283 33.01 -20.30 -16.37
C ALA B 283 31.81 -19.38 -16.33
N ASP B 284 32.08 -18.10 -16.05
CA ASP B 284 31.12 -16.98 -16.17
C ASP B 284 31.55 -16.13 -17.37
N ALA B 285 30.60 -15.46 -18.04
CA ALA B 285 30.93 -14.51 -19.12
C ALA B 285 29.79 -13.52 -19.25
N ALA B 286 30.11 -12.29 -19.66
CA ALA B 286 29.16 -11.19 -19.86
C ALA B 286 29.46 -10.49 -21.19
N ILE B 287 28.42 -9.89 -21.77
CA ILE B 287 28.49 -8.98 -22.95
C ILE B 287 27.49 -7.87 -22.67
N ASP B 288 27.17 -7.04 -23.66
CA ASP B 288 26.09 -6.01 -23.57
C ASP B 288 24.83 -6.60 -22.96
N PRO B 289 24.17 -5.89 -22.01
CA PRO B 289 22.91 -6.33 -21.40
C PRO B 289 21.80 -6.81 -22.37
N VAL B 290 21.53 -6.03 -23.42
CA VAL B 290 20.45 -6.39 -24.39
C VAL B 290 20.72 -7.80 -24.91
N ASP B 291 22.01 -8.18 -25.07
CA ASP B 291 22.45 -9.44 -25.75
C ASP B 291 22.53 -10.64 -24.77
N PHE B 292 21.88 -10.59 -23.60
CA PHE B 292 22.03 -11.64 -22.55
C PHE B 292 21.69 -13.01 -23.12
N PRO B 293 20.70 -13.12 -24.05
CA PRO B 293 20.34 -14.41 -24.65
C PRO B 293 21.49 -15.24 -25.26
N VAL B 294 22.56 -14.58 -25.75
CA VAL B 294 23.68 -15.28 -26.47
C VAL B 294 24.93 -15.34 -25.59
N ALA B 295 24.88 -14.86 -24.34
CA ALA B 295 25.99 -14.94 -23.35
C ALA B 295 26.45 -16.40 -23.17
N PRO B 296 25.54 -17.38 -23.10
CA PRO B 296 25.96 -18.78 -22.91
C PRO B 296 26.97 -19.26 -23.96
N ALA B 297 26.84 -18.78 -25.20
CA ALA B 297 27.74 -19.06 -26.35
C ALA B 297 29.14 -18.52 -26.05
N LYS B 298 29.25 -17.47 -25.23
CA LYS B 298 30.57 -16.99 -24.71
C LYS B 298 31.08 -17.86 -23.53
N ALA B 299 30.21 -18.28 -22.61
CA ALA B 299 30.61 -19.02 -21.38
C ALA B 299 30.99 -20.47 -21.72
N VAL B 300 30.26 -21.09 -22.63
CA VAL B 300 30.42 -22.54 -22.93
C VAL B 300 31.85 -22.83 -23.40
N PRO B 301 32.43 -22.10 -24.39
CA PRO B 301 33.79 -22.39 -24.86
C PRO B 301 34.84 -22.19 -23.75
N ILE B 302 34.66 -21.18 -22.91
CA ILE B 302 35.59 -20.99 -21.76
C ILE B 302 35.56 -22.23 -20.88
N ALA B 303 34.36 -22.74 -20.59
CA ALA B 303 34.16 -23.93 -19.74
C ALA B 303 34.77 -25.17 -20.43
N LEU B 304 34.50 -25.31 -21.73
CA LEU B 304 35.02 -26.47 -22.53
C LEU B 304 36.55 -26.46 -22.50
N GLU B 305 37.13 -25.28 -22.72
CA GLU B 305 38.60 -25.09 -22.66
C GLU B 305 39.13 -25.55 -21.31
N ARG B 306 38.58 -25.03 -20.21
CA ARG B 306 39.13 -25.31 -18.86
C ARG B 306 38.96 -26.80 -18.53
N ALA B 307 38.08 -27.51 -19.23
CA ALA B 307 37.84 -28.96 -19.07
C ALA B 307 38.70 -29.76 -20.07
N GLY B 308 39.40 -29.09 -20.99
CA GLY B 308 40.18 -29.73 -22.07
C GLY B 308 39.36 -30.76 -22.85
N ILE B 309 38.12 -30.42 -23.21
CA ILE B 309 37.24 -31.27 -24.07
C ILE B 309 36.69 -30.43 -25.22
N THR B 310 36.23 -31.11 -26.27
CA THR B 310 35.54 -30.52 -27.44
C THR B 310 34.04 -30.65 -27.19
N LYS B 311 33.27 -29.74 -27.80
CA LYS B 311 31.79 -29.72 -27.90
C LYS B 311 31.27 -31.14 -28.14
N ASP B 312 31.87 -31.85 -29.10
CA ASP B 312 31.42 -33.19 -29.55
C ASP B 312 31.54 -34.22 -28.43
N GLN B 313 32.32 -33.96 -27.38
CA GLN B 313 32.59 -34.91 -26.26
C GLN B 313 31.51 -34.83 -25.17
N VAL B 314 30.63 -33.82 -25.22
CA VAL B 314 29.51 -33.70 -24.24
C VAL B 314 28.28 -34.40 -24.83
N ALA B 315 27.74 -35.36 -24.07
CA ALA B 315 26.60 -36.24 -24.41
C ALA B 315 25.28 -35.46 -24.32
N VAL B 316 25.09 -34.68 -23.26
CA VAL B 316 23.82 -33.95 -23.00
C VAL B 316 24.12 -32.50 -22.63
N TRP B 317 23.44 -31.56 -23.29
CA TRP B 317 23.40 -30.13 -22.95
C TRP B 317 22.05 -29.79 -22.32
N GLU B 318 22.09 -29.12 -21.18
CA GLU B 318 20.91 -28.52 -20.53
C GLU B 318 21.17 -27.01 -20.51
N PHE B 319 20.56 -26.28 -21.45
CA PHE B 319 20.45 -24.79 -21.53
C PHE B 319 19.08 -24.34 -21.01
N ASN B 320 19.02 -23.37 -20.09
CA ASN B 320 17.74 -22.93 -19.50
C ASN B 320 16.91 -22.25 -20.58
N GLU B 321 15.66 -22.69 -20.78
CA GLU B 321 14.78 -22.19 -21.89
C GLU B 321 14.09 -20.89 -21.47
N ALA B 322 14.85 -19.83 -21.21
CA ALA B 322 14.34 -18.47 -20.90
C ALA B 322 13.30 -18.10 -21.97
N PHE B 323 13.68 -18.27 -23.23
CA PHE B 323 12.85 -18.05 -24.44
C PHE B 323 13.30 -19.07 -25.50
N ALA B 324 12.39 -19.60 -26.30
CA ALA B 324 12.69 -20.46 -27.46
C ALA B 324 13.81 -19.82 -28.30
N ALA B 325 13.73 -18.53 -28.57
CA ALA B 325 14.72 -17.76 -29.36
C ALA B 325 16.13 -17.91 -28.77
N VAL B 326 16.23 -17.95 -27.43
CA VAL B 326 17.52 -18.10 -26.69
C VAL B 326 18.17 -19.42 -27.11
N ILE B 327 17.43 -20.53 -27.00
CA ILE B 327 17.96 -21.88 -27.34
C ILE B 327 18.41 -21.90 -28.82
N LYS B 328 17.62 -21.34 -29.73
CA LYS B 328 17.84 -21.52 -31.20
C LYS B 328 19.05 -20.68 -31.63
N ALA B 329 19.18 -19.46 -31.11
CA ALA B 329 20.38 -18.59 -31.25
C ALA B 329 21.65 -19.30 -30.74
N ASN B 330 21.57 -20.01 -29.62
CA ASN B 330 22.73 -20.69 -28.98
C ASN B 330 23.05 -21.98 -29.73
N GLU B 331 22.02 -22.71 -30.18
CA GLU B 331 22.19 -23.89 -31.08
C GLU B 331 22.96 -23.46 -32.34
N LYS B 332 22.60 -22.32 -32.95
CA LYS B 332 23.23 -21.84 -34.21
C LYS B 332 24.73 -21.59 -33.98
N ILE B 333 25.08 -20.80 -32.96
CA ILE B 333 26.46 -20.30 -32.72
C ILE B 333 27.41 -21.45 -32.37
N LEU B 334 26.94 -22.45 -31.61
CA LEU B 334 27.82 -23.52 -31.07
C LEU B 334 27.73 -24.77 -31.96
N GLY B 335 26.87 -24.72 -32.98
CA GLY B 335 26.64 -25.82 -33.92
C GLY B 335 26.08 -27.03 -33.22
N LEU B 336 24.97 -26.88 -32.48
CA LEU B 336 24.44 -27.97 -31.62
C LEU B 336 23.09 -28.47 -32.14
N GLN B 337 22.82 -28.35 -33.45
CA GLN B 337 21.50 -28.62 -34.06
C GLN B 337 21.13 -30.10 -33.89
N ASN B 338 22.12 -31.01 -33.92
CA ASN B 338 21.92 -32.48 -33.79
C ASN B 338 22.43 -32.96 -32.42
N ALA B 339 22.69 -32.06 -31.47
CA ALA B 339 23.11 -32.47 -30.11
C ALA B 339 21.86 -32.81 -29.28
N ARG B 340 22.03 -33.61 -28.25
CA ARG B 340 20.97 -33.84 -27.23
C ARG B 340 20.85 -32.54 -26.38
N VAL B 341 19.91 -31.66 -26.70
CA VAL B 341 19.67 -30.37 -25.98
C VAL B 341 18.29 -30.39 -25.31
N ASN B 342 18.25 -30.32 -23.99
CA ASN B 342 17.02 -30.29 -23.16
C ASN B 342 16.11 -31.46 -23.55
N PRO B 343 16.62 -32.72 -23.52
CA PRO B 343 15.88 -33.86 -24.04
C PRO B 343 14.56 -34.16 -23.33
N LEU B 344 14.47 -33.75 -22.06
CA LEU B 344 13.32 -34.06 -21.17
C LEU B 344 12.42 -32.82 -21.02
N GLY B 345 12.62 -31.80 -21.85
CA GLY B 345 11.94 -30.50 -21.70
C GLY B 345 12.78 -29.48 -20.96
N GLY B 346 12.30 -28.24 -20.89
CA GLY B 346 12.96 -27.10 -20.23
C GLY B 346 11.98 -26.07 -19.66
N ALA B 347 12.49 -24.88 -19.34
CA ALA B 347 11.79 -23.84 -18.55
C ALA B 347 10.47 -23.40 -19.22
N ILE B 348 10.34 -23.49 -20.54
CA ILE B 348 9.06 -23.18 -21.26
C ILE B 348 7.92 -24.08 -20.72
N SER B 349 8.21 -25.35 -20.41
CA SER B 349 7.19 -26.37 -20.06
C SER B 349 7.31 -26.80 -18.61
N LEU B 350 8.53 -26.82 -18.05
CA LEU B 350 8.82 -27.33 -16.69
C LEU B 350 8.86 -26.18 -15.67
N GLY B 351 8.97 -24.95 -16.14
CA GLY B 351 8.92 -23.78 -15.24
C GLY B 351 10.30 -23.20 -15.01
N HIS B 352 10.31 -22.02 -14.42
CA HIS B 352 11.51 -21.18 -14.18
C HIS B 352 11.33 -20.51 -12.82
N ALA B 353 11.57 -21.22 -11.72
CA ALA B 353 11.77 -20.61 -10.39
C ALA B 353 13.18 -19.98 -10.36
N LEU B 354 13.27 -18.67 -10.64
CA LEU B 354 14.51 -17.92 -11.05
C LEU B 354 15.78 -18.41 -10.34
N GLY B 355 15.84 -18.27 -9.02
CA GLY B 355 17.05 -18.56 -8.23
C GLY B 355 17.43 -20.03 -8.24
N SER B 356 16.48 -20.91 -8.59
CA SER B 356 16.59 -22.40 -8.53
C SER B 356 17.03 -22.95 -9.88
N SER B 357 16.71 -22.26 -10.97
CA SER B 357 16.77 -22.88 -12.32
C SER B 357 18.19 -23.34 -12.63
N GLY B 358 19.21 -22.55 -12.26
CA GLY B 358 20.61 -22.89 -12.54
C GLY B 358 20.98 -24.24 -11.96
N SER B 359 20.47 -24.55 -10.76
CA SER B 359 20.82 -25.81 -10.05
C SER B 359 19.80 -26.88 -10.44
N ARG B 360 18.57 -26.51 -10.80
CA ARG B 360 17.53 -27.46 -11.28
C ARG B 360 17.98 -28.11 -12.60
N ILE B 361 18.51 -27.35 -13.55
CA ILE B 361 18.97 -27.95 -14.84
C ILE B 361 20.17 -28.88 -14.59
N LEU B 362 21.03 -28.57 -13.63
CA LEU B 362 22.17 -29.44 -13.25
C LEU B 362 21.63 -30.78 -12.69
N VAL B 363 20.63 -30.74 -11.81
CA VAL B 363 19.98 -31.93 -11.19
C VAL B 363 19.37 -32.79 -12.31
N THR B 364 18.66 -32.18 -13.24
CA THR B 364 18.05 -32.83 -14.41
C THR B 364 19.16 -33.43 -15.30
N LEU B 365 20.23 -32.68 -15.59
CA LEU B 365 21.41 -33.14 -16.37
C LEU B 365 22.00 -34.42 -15.76
N LEU B 366 22.33 -34.39 -14.47
CA LEU B 366 23.07 -35.51 -13.85
C LEU B 366 22.26 -36.82 -13.94
N HIS B 367 20.93 -36.74 -14.04
CA HIS B 367 20.06 -37.94 -13.96
C HIS B 367 19.98 -38.59 -15.34
N GLN B 368 20.45 -37.93 -16.40
CA GLN B 368 20.29 -38.46 -17.77
C GLN B 368 21.67 -38.64 -18.45
N LEU B 369 22.75 -38.83 -17.68
CA LEU B 369 24.11 -39.10 -18.23
C LEU B 369 24.48 -40.56 -17.95
N GLN B 370 25.17 -41.20 -18.91
CA GLN B 370 25.75 -42.56 -18.71
C GLN B 370 27.12 -42.39 -18.06
N PRO B 371 27.66 -43.46 -17.44
CA PRO B 371 28.99 -43.39 -16.83
C PRO B 371 30.07 -42.96 -17.82
N GLY B 372 30.94 -42.03 -17.40
CA GLY B 372 32.07 -41.51 -18.18
C GLY B 372 31.69 -40.35 -19.09
N GLU B 373 30.41 -40.00 -19.15
CA GLU B 373 29.91 -38.97 -20.10
C GLU B 373 30.13 -37.57 -19.50
N TYR B 374 30.49 -36.64 -20.36
CA TYR B 374 30.49 -35.18 -20.07
C TYR B 374 29.09 -34.60 -20.31
N GLY B 375 28.65 -33.76 -19.36
CA GLY B 375 27.44 -32.94 -19.45
C GLY B 375 27.77 -31.46 -19.32
N VAL B 376 26.90 -30.60 -19.86
CA VAL B 376 27.03 -29.12 -19.73
C VAL B 376 25.65 -28.57 -19.33
N ALA B 377 25.66 -27.80 -18.25
CA ALA B 377 24.56 -26.93 -17.78
C ALA B 377 25.00 -25.51 -18.01
N ALA B 378 24.28 -24.75 -18.83
CA ALA B 378 24.52 -23.32 -19.09
C ALA B 378 23.22 -22.54 -18.88
N ILE B 379 23.29 -21.35 -18.29
CA ILE B 379 22.09 -20.52 -18.04
C ILE B 379 22.48 -19.04 -18.17
N CYS B 380 21.70 -18.30 -18.94
CA CYS B 380 21.86 -16.84 -19.17
C CYS B 380 21.21 -16.09 -18.01
N ASN B 381 21.59 -14.83 -17.79
CA ASN B 381 21.06 -14.02 -16.68
C ASN B 381 21.00 -12.55 -17.09
N GLY B 382 19.97 -11.85 -16.60
CA GLY B 382 19.71 -10.41 -16.78
C GLY B 382 20.93 -9.55 -16.51
N GLY B 383 21.12 -8.52 -17.35
CA GLY B 383 22.34 -7.69 -17.33
C GLY B 383 23.36 -8.11 -18.39
N GLY B 384 23.15 -9.27 -19.06
CA GLY B 384 23.95 -9.70 -20.23
C GLY B 384 25.02 -10.75 -19.91
N ALA B 385 24.73 -11.75 -19.09
CA ALA B 385 25.75 -12.68 -18.53
C ALA B 385 25.24 -14.13 -18.51
N ALA B 386 26.12 -15.07 -18.23
CA ALA B 386 25.77 -16.51 -18.28
C ALA B 386 26.80 -17.29 -17.48
N THR B 387 26.37 -18.39 -16.88
CA THR B 387 27.22 -19.38 -16.18
C THR B 387 27.02 -20.75 -16.85
N ALA B 388 28.14 -21.42 -17.13
CA ALA B 388 28.21 -22.78 -17.70
C ALA B 388 29.11 -23.63 -16.81
N MET B 389 28.70 -24.86 -16.55
CA MET B 389 29.48 -25.85 -15.76
C MET B 389 29.66 -27.08 -16.66
N VAL B 390 30.86 -27.66 -16.69
CA VAL B 390 31.11 -28.99 -17.32
C VAL B 390 31.21 -30.02 -16.19
N VAL B 391 30.51 -31.12 -16.39
CA VAL B 391 30.35 -32.24 -15.42
C VAL B 391 30.71 -33.53 -16.16
N GLN B 392 31.40 -34.47 -15.50
CA GLN B 392 31.65 -35.85 -15.99
C GLN B 392 30.97 -36.82 -15.02
N LYS B 393 29.95 -37.55 -15.47
CA LYS B 393 29.20 -38.56 -14.67
C LYS B 393 30.12 -39.74 -14.35
N LEU B 394 30.03 -40.28 -13.14
CA LEU B 394 30.94 -41.36 -12.64
C LEU B 394 30.13 -42.44 -11.91
N ASP B 395 30.57 -43.69 -12.03
CA ASP B 395 30.11 -44.80 -11.15
C ASP B 395 30.95 -44.80 -9.86
N ARG B 396 32.24 -44.45 -9.89
CA ARG B 396 33.02 -44.31 -8.62
C ARG B 396 34.26 -43.41 -8.77
N VAL B 397 34.90 -43.09 -7.62
CA VAL B 397 36.29 -42.58 -7.40
C VAL B 397 36.25 -41.05 -7.22
N GLU C 1 -48.65 26.96 7.24
CA GLU C 1 -48.21 25.84 8.13
C GLU C 1 -46.68 25.82 8.12
N ILE C 2 -46.04 26.11 6.98
CA ILE C 2 -44.54 26.14 6.90
C ILE C 2 -44.02 27.38 7.63
N GLN C 3 -43.29 27.17 8.74
CA GLN C 3 -42.59 28.23 9.53
C GLN C 3 -41.43 28.81 8.72
N GLU C 4 -40.64 29.68 9.34
CA GLU C 4 -39.35 30.18 8.78
C GLU C 4 -38.27 29.97 9.82
N ALA C 5 -37.00 29.94 9.38
CA ALA C 5 -35.85 29.52 10.21
C ALA C 5 -34.92 30.71 10.41
N TYR C 6 -34.34 30.81 11.59
CA TYR C 6 -33.43 31.91 11.96
C TYR C 6 -32.05 31.32 12.23
N ILE C 7 -31.02 31.97 11.69
CA ILE C 7 -29.61 31.79 12.16
C ILE C 7 -29.49 32.60 13.44
N LEU C 8 -29.03 31.97 14.53
CA LEU C 8 -28.84 32.61 15.86
C LEU C 8 -27.36 32.81 16.16
N SER C 9 -26.46 32.08 15.51
CA SER C 9 -25.00 32.17 15.76
C SER C 9 -24.22 31.55 14.61
N GLY C 10 -22.92 31.80 14.61
CA GLY C 10 -21.99 31.44 13.53
C GLY C 10 -20.58 31.46 14.09
N ALA C 11 -19.87 30.34 13.95
CA ALA C 11 -18.45 30.23 14.32
C ALA C 11 -17.70 29.47 13.23
N ARG C 12 -16.40 29.68 13.13
CA ARG C 12 -15.49 28.84 12.32
C ARG C 12 -14.17 28.66 13.07
N THR C 13 -13.42 27.63 12.71
CA THR C 13 -12.00 27.49 13.12
C THR C 13 -11.20 28.47 12.29
N PRO C 14 -9.96 28.80 12.69
CA PRO C 14 -9.03 29.37 11.74
C PRO C 14 -8.89 28.38 10.58
N THR C 15 -8.58 28.84 9.37
CA THR C 15 -8.37 27.94 8.23
C THR C 15 -6.88 27.65 8.14
N ALA C 16 -6.46 26.43 8.50
CA ALA C 16 -5.05 26.02 8.55
C ALA C 16 -4.57 25.58 7.17
N LYS C 17 -3.28 25.77 6.92
CA LYS C 17 -2.55 25.34 5.70
C LYS C 17 -2.67 23.82 5.52
N PHE C 18 -2.60 23.35 4.28
CA PHE C 18 -2.40 21.90 3.96
C PHE C 18 -1.10 21.41 4.61
N ASN C 19 -1.15 20.31 5.36
CA ASN C 19 -0.01 19.69 6.09
C ASN C 19 0.54 20.68 7.11
N GLY C 20 -0.35 21.45 7.76
CA GLY C 20 -0.03 22.50 8.73
C GLY C 20 -0.51 22.15 10.14
N SER C 21 -0.98 23.16 10.87
CA SER C 21 -1.32 23.12 12.31
C SER C 21 -2.31 22.01 12.66
N PHE C 22 -3.26 21.67 11.78
CA PHE C 22 -4.35 20.70 12.10
C PHE C 22 -4.08 19.28 11.58
N VAL C 23 -2.86 18.96 11.14
CA VAL C 23 -2.48 17.60 10.64
C VAL C 23 -3.00 16.55 11.61
N SER C 24 -2.86 16.81 12.91
CA SER C 24 -3.15 15.85 14.01
C SER C 24 -4.61 15.97 14.47
N VAL C 25 -5.37 16.95 14.00
CA VAL C 25 -6.75 17.22 14.49
C VAL C 25 -7.75 16.80 13.41
N SER C 26 -8.55 15.78 13.67
CA SER C 26 -9.49 15.19 12.68
C SER C 26 -10.62 16.17 12.41
N ALA C 27 -11.18 16.11 11.21
CA ALA C 27 -12.30 16.95 10.78
C ALA C 27 -13.33 17.03 11.91
N PRO C 28 -13.80 15.92 12.51
CA PRO C 28 -14.83 16.02 13.55
C PRO C 28 -14.38 16.80 14.79
N GLU C 29 -13.11 16.71 15.16
CA GLU C 29 -12.57 17.52 16.29
C GLU C 29 -12.69 19.01 15.91
N LEU C 30 -12.35 19.38 14.67
CA LEU C 30 -12.46 20.77 14.20
C LEU C 30 -13.93 21.19 14.18
N GLY C 31 -14.81 20.30 13.73
CA GLY C 31 -16.27 20.54 13.78
C GLY C 31 -16.73 20.80 15.21
N ALA C 32 -16.27 19.99 16.16
CA ALA C 32 -16.63 20.10 17.59
C ALA C 32 -16.29 21.50 18.12
N VAL C 33 -15.07 21.98 17.87
CA VAL C 33 -14.59 23.32 18.30
C VAL C 33 -15.54 24.39 17.74
N ALA C 34 -15.88 24.32 16.46
CA ALA C 34 -16.78 25.28 15.78
C ALA C 34 -18.19 25.13 16.36
N ILE C 35 -18.63 23.92 16.72
CA ILE C 35 -20.01 23.69 17.24
C ILE C 35 -20.11 24.26 18.67
N LYS C 36 -19.13 23.94 19.54
CA LYS C 36 -19.08 24.41 20.95
C LYS C 36 -19.31 25.93 20.99
N SER C 37 -18.53 26.68 20.21
CA SER C 37 -18.59 28.16 20.12
C SER C 37 -19.99 28.61 19.65
N ALA C 38 -20.49 28.08 18.54
CA ALA C 38 -21.78 28.52 17.95
C ALA C 38 -22.93 28.28 18.93
N VAL C 39 -22.85 27.22 19.73
CA VAL C 39 -23.88 26.81 20.73
C VAL C 39 -23.81 27.81 21.89
N SER C 40 -22.59 28.04 22.37
CA SER C 40 -22.19 28.99 23.43
C SER C 40 -22.62 30.43 23.07
N LYS C 41 -22.45 30.87 21.81
CA LYS C 41 -22.87 32.24 21.36
C LYS C 41 -24.37 32.29 21.02
N SER C 42 -25.07 31.16 20.87
CA SER C 42 -26.51 31.13 20.49
C SER C 42 -27.39 31.63 21.66
N GLY C 43 -26.89 31.53 22.89
CA GLY C 43 -27.71 31.70 24.09
C GLY C 43 -29.01 30.92 23.97
N VAL C 44 -28.94 29.73 23.36
CA VAL C 44 -29.99 28.67 23.42
C VAL C 44 -29.51 27.63 24.43
N PRO C 45 -30.39 27.13 25.34
CA PRO C 45 -30.01 26.05 26.25
C PRO C 45 -29.85 24.76 25.44
N VAL C 46 -28.72 24.06 25.64
CA VAL C 46 -28.22 22.99 24.72
C VAL C 46 -29.37 22.01 24.38
N GLU C 47 -30.14 21.59 25.37
CA GLU C 47 -31.13 20.47 25.26
C GLU C 47 -32.28 20.82 24.29
N LYS C 48 -32.34 22.04 23.74
CA LYS C 48 -33.36 22.41 22.72
C LYS C 48 -32.87 21.97 21.33
N ILE C 49 -31.54 21.83 21.19
CA ILE C 49 -30.86 21.42 19.93
C ILE C 49 -30.97 19.90 19.81
N THR C 50 -31.74 19.40 18.84
CA THR C 50 -32.08 17.96 18.65
C THR C 50 -31.38 17.34 17.44
N ASP C 51 -30.66 18.10 16.61
CA ASP C 51 -30.00 17.57 15.37
C ASP C 51 -28.73 18.35 15.01
N VAL C 52 -27.68 17.62 14.59
CA VAL C 52 -26.43 18.19 13.99
C VAL C 52 -26.25 17.66 12.56
N TYR C 53 -26.34 18.54 11.56
CA TYR C 53 -26.04 18.27 10.14
C TYR C 53 -24.71 18.93 9.73
N MET C 54 -23.68 18.14 9.44
CA MET C 54 -22.35 18.66 9.02
C MET C 54 -21.99 18.14 7.62
N GLY C 55 -21.56 19.03 6.74
CA GLY C 55 -20.90 18.69 5.48
C GLY C 55 -19.50 18.09 5.69
N ASN C 56 -19.17 17.11 4.88
CA ASN C 56 -17.84 16.44 4.88
C ASN C 56 -17.69 15.78 3.52
N VAL C 57 -16.79 16.25 2.66
CA VAL C 57 -16.69 15.71 1.27
C VAL C 57 -15.85 14.45 1.25
N LEU C 58 -14.75 14.42 2.02
CA LEU C 58 -13.76 13.32 1.99
C LEU C 58 -13.80 12.61 3.34
N GLN C 59 -14.63 11.57 3.46
CA GLN C 59 -15.00 10.90 4.73
C GLN C 59 -14.04 9.74 4.99
N GLY C 60 -13.20 9.38 4.03
CA GLY C 60 -12.31 8.21 4.14
C GLY C 60 -11.41 8.28 5.37
N ALA C 61 -11.55 7.30 6.27
CA ALA C 61 -10.64 7.10 7.43
C ALA C 61 -10.94 8.10 8.55
N VAL C 62 -12.05 8.83 8.45
CA VAL C 62 -12.52 9.80 9.48
C VAL C 62 -13.21 9.01 10.60
N GLY C 63 -13.59 7.77 10.32
CA GLY C 63 -14.34 6.94 11.27
C GLY C 63 -15.83 7.02 10.98
N GLN C 64 -16.59 6.16 11.64
CA GLN C 64 -18.04 6.01 11.45
C GLN C 64 -18.73 7.33 11.82
N ALA C 65 -19.76 7.71 11.06
CA ALA C 65 -20.67 8.85 11.31
C ALA C 65 -19.88 10.12 11.68
N PRO C 66 -19.10 10.68 10.74
CA PRO C 66 -18.37 11.92 11.00
C PRO C 66 -19.16 13.00 11.77
N ALA C 67 -20.38 13.33 11.33
CA ALA C 67 -21.28 14.36 11.93
C ALA C 67 -21.62 13.97 13.37
N ARG C 68 -21.87 12.68 13.63
CA ARG C 68 -22.12 12.15 15.01
C ARG C 68 -20.89 12.43 15.87
N GLN C 69 -19.68 12.33 15.31
CA GLN C 69 -18.40 12.50 16.06
C GLN C 69 -18.24 13.96 16.48
N ALA C 70 -18.50 14.89 15.56
CA ALA C 70 -18.50 16.36 15.82
C ALA C 70 -19.46 16.63 16.98
N SER C 71 -20.70 16.12 16.89
CA SER C 71 -21.77 16.27 17.90
C SER C 71 -21.27 15.79 19.28
N MET C 72 -20.72 14.59 19.37
CA MET C 72 -20.30 13.96 20.66
C MET C 72 -19.07 14.67 21.21
N PHE C 73 -18.10 15.04 20.37
CA PHE C 73 -16.84 15.72 20.79
C PHE C 73 -17.17 17.17 21.20
N ALA C 74 -18.32 17.69 20.78
CA ALA C 74 -18.82 19.04 21.15
C ALA C 74 -19.40 19.04 22.56
N GLY C 75 -19.76 17.86 23.10
CA GLY C 75 -20.39 17.70 24.42
C GLY C 75 -21.92 17.59 24.34
N LEU C 76 -22.51 17.61 23.13
CA LEU C 76 -23.97 17.44 22.94
C LEU C 76 -24.40 16.01 23.36
N SER C 77 -25.68 15.85 23.69
CA SER C 77 -26.25 14.59 24.21
C SER C 77 -26.33 13.53 23.11
N PRO C 78 -26.02 12.27 23.44
CA PRO C 78 -26.36 11.14 22.56
C PRO C 78 -27.82 11.19 22.04
N THR C 79 -28.70 11.94 22.72
CA THR C 79 -30.10 12.22 22.30
C THR C 79 -30.11 12.82 20.89
N VAL C 80 -29.07 13.59 20.55
CA VAL C 80 -29.07 14.49 19.37
C VAL C 80 -28.86 13.64 18.12
N GLU C 81 -29.71 13.81 17.12
CA GLU C 81 -29.56 13.10 15.83
C GLU C 81 -28.51 13.82 14.98
N SER C 82 -27.93 13.11 14.01
CA SER C 82 -26.86 13.62 13.14
C SER C 82 -26.94 13.01 11.74
N MET C 83 -26.23 13.61 10.80
CA MET C 83 -26.13 13.15 9.39
C MET C 83 -24.94 13.90 8.76
N THR C 84 -24.11 13.21 7.97
CA THR C 84 -23.01 13.88 7.26
C THR C 84 -23.42 13.97 5.79
N VAL C 85 -23.34 15.18 5.22
CA VAL C 85 -23.94 15.50 3.89
C VAL C 85 -22.79 15.82 2.92
N ASN C 86 -22.92 15.34 1.69
CA ASN C 86 -21.86 15.42 0.66
C ASN C 86 -22.48 15.94 -0.65
N LYS C 87 -22.41 17.26 -0.81
CA LYS C 87 -22.76 17.97 -2.05
C LYS C 87 -21.46 18.62 -2.51
N VAL C 88 -20.36 17.89 -2.32
CA VAL C 88 -18.98 18.33 -2.63
C VAL C 88 -18.71 19.65 -1.90
N ALA C 90 -20.46 22.37 -1.81
CA ALA C 90 -21.67 23.03 -1.30
C ALA C 90 -22.16 22.35 -0.02
N SER C 91 -21.48 21.30 0.43
CA SER C 91 -21.87 20.52 1.63
C SER C 91 -22.30 21.36 2.83
N GLY C 92 -21.45 22.25 3.33
CA GLY C 92 -21.73 23.04 4.54
C GLY C 92 -22.94 23.93 4.45
N LEU C 93 -23.25 24.47 3.28
CA LEU C 93 -24.40 25.37 3.09
C LEU C 93 -25.68 24.55 2.92
N LYS C 94 -25.58 23.44 2.19
CA LYS C 94 -26.68 22.48 1.99
C LYS C 94 -27.09 21.95 3.36
N ALA C 95 -26.11 21.65 4.22
CA ALA C 95 -26.35 21.13 5.59
C ALA C 95 -27.22 22.15 6.31
N VAL C 96 -26.92 23.44 6.14
CA VAL C 96 -27.65 24.53 6.85
C VAL C 96 -29.08 24.58 6.31
N ALA C 97 -29.27 24.47 4.99
CA ALA C 97 -30.59 24.44 4.30
C ALA C 97 -31.39 23.22 4.75
N LEU C 98 -30.73 22.09 4.98
CA LEU C 98 -31.40 20.85 5.44
C LEU C 98 -31.88 21.06 6.88
N ALA C 99 -31.03 21.57 7.77
CA ALA C 99 -31.37 21.78 9.19
C ALA C 99 -32.55 22.77 9.30
N ALA C 100 -32.49 23.86 8.54
CA ALA C 100 -33.59 24.85 8.40
C ALA C 100 -34.88 24.09 8.08
N GLN C 101 -34.87 23.24 7.06
CA GLN C 101 -36.06 22.47 6.62
C GLN C 101 -36.70 21.76 7.81
N ASN C 102 -35.92 21.21 8.73
CA ASN C 102 -36.44 20.56 9.96
C ASN C 102 -37.31 21.57 10.73
N ILE C 103 -36.92 22.85 10.73
CA ILE C 103 -37.57 23.93 11.53
C ILE C 103 -38.81 24.42 10.77
N GLN C 104 -38.68 24.56 9.45
CA GLN C 104 -39.71 25.04 8.48
C GLN C 104 -40.88 24.04 8.38
N LEU C 105 -40.74 22.80 8.87
CA LEU C 105 -41.79 21.75 8.84
C LEU C 105 -42.38 21.59 10.25
N GLY C 106 -41.69 22.13 11.25
CA GLY C 106 -42.15 22.12 12.64
C GLY C 106 -41.60 20.94 13.40
N LEU C 107 -40.59 20.26 12.83
CA LEU C 107 -40.05 18.97 13.34
C LEU C 107 -39.05 19.24 14.47
N ALA C 108 -38.44 20.43 14.49
CA ALA C 108 -37.47 20.83 15.53
C ALA C 108 -37.59 22.32 15.76
N GLU C 109 -37.03 22.82 16.87
CA GLU C 109 -37.02 24.26 17.18
C GLU C 109 -35.57 24.80 17.18
N ALA C 110 -34.56 23.93 17.34
CA ALA C 110 -33.13 24.34 17.34
C ALA C 110 -32.27 23.23 16.72
N GLN C 111 -31.42 23.61 15.75
CA GLN C 111 -30.52 22.75 14.94
C GLN C 111 -29.10 23.33 14.95
N VAL C 112 -28.09 22.45 14.91
CA VAL C 112 -26.70 22.83 14.58
C VAL C 112 -26.43 22.35 13.15
N ALA C 113 -25.69 23.13 12.39
CA ALA C 113 -25.39 22.80 10.98
C ALA C 113 -24.13 23.53 10.54
N GLY C 114 -23.34 22.87 9.71
CA GLY C 114 -22.14 23.45 9.12
C GLY C 114 -21.33 22.38 8.44
N GLY C 115 -20.02 22.45 8.54
CA GLY C 115 -19.16 21.57 7.75
C GLY C 115 -17.81 21.48 8.37
N MET C 116 -16.99 20.59 7.82
CA MET C 116 -15.66 20.23 8.33
C MET C 116 -14.91 19.46 7.25
N GLU C 117 -13.61 19.59 7.25
CA GLU C 117 -12.72 18.94 6.27
C GLU C 117 -11.30 19.03 6.81
N ASN C 118 -10.63 17.91 6.86
CA ASN C 118 -9.17 17.89 7.04
C ASN C 118 -8.60 17.21 5.80
N MET C 119 -8.21 18.03 4.84
CA MET C 119 -7.65 17.56 3.55
C MET C 119 -6.24 16.98 3.82
N SER C 120 -5.50 17.47 4.82
CA SER C 120 -4.22 16.84 5.25
C SER C 120 -4.51 15.35 5.54
N ARG C 121 -5.55 15.08 6.30
CA ARG C 121 -5.85 13.71 6.78
C ARG C 121 -6.62 12.85 5.78
N VAL C 122 -6.89 13.32 4.57
CA VAL C 122 -7.59 12.39 3.66
C VAL C 122 -6.55 11.39 3.15
N PRO C 123 -6.87 10.10 3.04
CA PRO C 123 -5.89 9.12 2.66
C PRO C 123 -5.79 8.70 1.20
N TYR C 124 -4.85 7.81 0.93
CA TYR C 124 -4.67 7.18 -0.39
C TYR C 124 -5.47 5.88 -0.37
N TYR C 125 -5.86 5.39 -1.53
CA TYR C 125 -6.70 4.18 -1.55
C TYR C 125 -5.96 2.98 -2.13
N LEU C 126 -5.92 1.90 -1.36
CA LEU C 126 -5.42 0.57 -1.81
C LEU C 126 -6.65 -0.29 -2.04
N PRO C 127 -6.98 -0.71 -3.29
CA PRO C 127 -8.10 -1.63 -3.48
C PRO C 127 -7.82 -2.95 -2.75
N ARG C 128 -8.87 -3.67 -2.36
CA ARG C 128 -8.68 -5.01 -1.74
C ARG C 128 -8.26 -6.03 -2.80
N SER C 129 -7.84 -7.22 -2.34
CA SER C 129 -7.29 -8.35 -3.13
C SER C 129 -8.04 -8.59 -4.45
N THR C 130 -9.37 -8.53 -4.44
CA THR C 130 -10.20 -8.87 -5.62
C THR C 130 -10.10 -7.80 -6.72
N GLN C 131 -9.60 -6.60 -6.42
CA GLN C 131 -9.59 -5.50 -7.43
C GLN C 131 -8.16 -5.12 -7.74
N LEU C 132 -7.22 -5.99 -7.39
CA LEU C 132 -5.78 -5.85 -7.72
C LEU C 132 -5.45 -6.81 -8.84
N PRO C 133 -4.56 -6.45 -9.80
CA PRO C 133 -4.09 -7.40 -10.80
C PRO C 133 -3.31 -8.49 -10.11
N PRO C 134 -3.10 -9.66 -10.74
CA PRO C 134 -2.27 -10.71 -10.14
C PRO C 134 -0.77 -10.36 -10.17
N PHE C 135 -0.35 -9.47 -11.06
CA PHE C 135 1.05 -8.96 -11.11
C PHE C 135 1.10 -7.70 -11.96
N GLY C 136 2.18 -6.95 -11.87
CA GLY C 136 2.37 -5.68 -12.60
C GLY C 136 2.04 -4.49 -11.72
N GLU C 137 2.62 -3.35 -12.06
CA GLU C 137 2.43 -2.00 -11.46
C GLU C 137 0.97 -1.75 -11.08
N ILE C 138 0.77 -1.08 -9.93
CA ILE C 138 -0.49 -0.62 -9.28
C ILE C 138 -0.40 0.90 -9.12
N LYS C 139 -1.46 1.63 -9.46
CA LYS C 139 -1.61 3.08 -9.16
C LYS C 139 -2.52 3.20 -7.93
N LEU C 140 -2.06 3.86 -6.88
CA LEU C 140 -2.91 4.26 -5.74
C LEU C 140 -3.39 5.68 -5.98
N GLN C 141 -4.70 5.92 -6.00
CA GLN C 141 -5.26 7.29 -6.13
C GLN C 141 -5.09 8.02 -4.80
N ASP C 142 -4.74 9.30 -4.84
CA ASP C 142 -4.69 10.16 -3.62
C ASP C 142 -6.04 10.08 -2.93
N GLY C 143 -7.12 10.60 -3.49
CA GLY C 143 -8.34 10.71 -2.65
C GLY C 143 -8.78 12.15 -2.54
N LEU C 144 -7.85 13.06 -2.27
CA LEU C 144 -8.06 14.49 -2.62
C LEU C 144 -8.43 14.57 -4.10
N ILE C 145 -7.70 13.85 -4.95
CA ILE C 145 -7.83 13.94 -6.43
C ILE C 145 -9.06 13.15 -6.87
N GLN C 146 -9.10 11.85 -6.59
CA GLN C 146 -10.13 10.91 -7.12
C GLN C 146 -11.55 11.28 -6.63
N ASP C 147 -11.72 11.63 -5.36
CA ASP C 147 -13.07 11.91 -4.76
C ASP C 147 -13.32 13.41 -4.71
N GLY C 148 -12.26 14.21 -4.56
CA GLY C 148 -12.37 15.65 -4.28
C GLY C 148 -12.41 16.48 -5.55
N LEU C 149 -11.42 16.30 -6.43
CA LEU C 149 -11.05 17.32 -7.44
C LEU C 149 -11.06 16.75 -8.86
N TRP C 150 -11.62 15.57 -9.10
CA TRP C 150 -11.51 14.92 -10.43
C TRP C 150 -12.91 14.77 -11.02
N ASP C 151 -13.15 15.36 -12.19
CA ASP C 151 -14.47 15.19 -12.84
C ASP C 151 -14.58 13.74 -13.36
N VAL C 152 -15.67 13.06 -13.02
CA VAL C 152 -15.93 11.65 -13.44
C VAL C 152 -16.11 11.56 -14.96
N TYR C 153 -16.78 12.54 -15.59
CA TYR C 153 -17.43 12.45 -16.94
C TYR C 153 -16.41 12.80 -18.04
N ASN C 154 -15.95 14.06 -18.05
CA ASN C 154 -14.61 14.40 -18.61
C ASN C 154 -13.67 13.79 -17.58
N GLN C 155 -12.46 13.39 -17.93
CA GLN C 155 -11.61 12.77 -16.90
C GLN C 155 -10.45 13.73 -16.63
N PHE C 156 -10.75 14.88 -16.01
CA PHE C 156 -9.73 15.92 -15.72
C PHE C 156 -10.04 16.72 -14.45
N HIS C 157 -9.03 17.46 -13.98
CA HIS C 157 -9.06 18.28 -12.73
C HIS C 157 -10.19 19.32 -12.80
N MET C 158 -10.75 19.70 -11.65
CA MET C 158 -11.69 20.86 -11.52
C MET C 158 -11.03 22.12 -12.08
N GLY C 159 -9.69 22.16 -12.11
CA GLY C 159 -8.93 23.29 -12.65
C GLY C 159 -9.07 23.40 -14.15
N ILE C 160 -9.33 22.29 -14.86
CA ILE C 160 -9.49 22.29 -16.34
C ILE C 160 -10.88 22.85 -16.69
N CYS C 161 -11.89 22.52 -15.89
CA CYS C 161 -13.25 23.13 -15.97
C CYS C 161 -13.14 24.66 -15.84
N ALA C 162 -12.35 25.17 -14.91
CA ALA C 162 -12.12 26.62 -14.71
C ALA C 162 -11.43 27.21 -15.95
N GLU C 163 -10.47 26.49 -16.54
CA GLU C 163 -9.69 26.94 -17.73
C GLU C 163 -10.64 27.10 -18.93
N LYS C 164 -11.63 26.21 -19.06
CA LYS C 164 -12.66 26.28 -20.14
C LYS C 164 -13.52 27.51 -19.88
N THR C 165 -14.09 27.64 -18.67
CA THR C 165 -14.88 28.82 -18.23
C THR C 165 -14.06 30.09 -18.48
N ALA C 166 -12.78 30.10 -18.14
CA ALA C 166 -11.87 31.26 -18.35
C ALA C 166 -11.87 31.65 -19.83
N LYS C 167 -11.74 30.68 -20.77
CA LYS C 167 -11.63 30.99 -22.22
C LYS C 167 -13.00 31.34 -22.80
N LYS C 168 -14.07 30.67 -22.37
CA LYS C 168 -15.45 30.91 -22.86
C LYS C 168 -15.88 32.36 -22.55
N TYR C 169 -15.43 32.93 -21.42
CA TYR C 169 -15.84 34.27 -20.94
C TYR C 169 -14.67 35.25 -21.07
N GLU C 170 -13.65 34.89 -21.85
CA GLU C 170 -12.47 35.76 -22.11
C GLU C 170 -12.05 36.42 -20.79
N ILE C 171 -11.65 35.61 -19.82
CA ILE C 171 -11.06 36.03 -18.51
C ILE C 171 -9.57 35.72 -18.58
N SER C 172 -8.73 36.72 -18.74
CA SER C 172 -7.29 36.53 -19.05
C SER C 172 -6.52 36.15 -17.78
N ARG C 173 -5.29 35.68 -17.98
CA ARG C 173 -4.30 35.47 -16.90
C ARG C 173 -4.22 36.74 -16.05
N GLU C 174 -4.06 37.92 -16.67
CA GLU C 174 -3.86 39.20 -15.94
C GLU C 174 -5.11 39.53 -15.10
N GLU C 175 -6.30 39.33 -15.66
CA GLU C 175 -7.59 39.60 -14.98
C GLU C 175 -7.73 38.66 -13.76
N GLN C 176 -7.43 37.37 -13.92
CA GLN C 176 -7.44 36.36 -12.84
C GLN C 176 -6.44 36.74 -11.73
N ASP C 177 -5.23 37.18 -12.11
CA ASP C 177 -4.16 37.54 -11.15
C ASP C 177 -4.57 38.81 -10.37
N GLN C 178 -5.25 39.75 -11.02
CA GLN C 178 -5.73 41.01 -10.39
C GLN C 178 -6.73 40.64 -9.30
N TYR C 179 -7.71 39.79 -9.58
CA TYR C 179 -8.72 39.39 -8.57
C TYR C 179 -8.01 38.69 -7.39
N ALA C 180 -7.06 37.80 -7.68
CA ALA C 180 -6.34 37.05 -6.63
C ALA C 180 -5.50 38.01 -5.79
N ILE C 181 -4.81 38.96 -6.40
CA ILE C 181 -4.02 39.97 -5.62
C ILE C 181 -5.00 40.73 -4.71
N GLN C 182 -6.15 41.11 -5.27
CA GLN C 182 -7.19 41.87 -4.54
C GLN C 182 -7.72 41.04 -3.36
N SER C 183 -7.97 39.75 -3.56
CA SER C 183 -8.45 38.82 -2.52
C SER C 183 -7.45 38.80 -1.36
N TYR C 184 -6.17 38.59 -1.65
CA TYR C 184 -5.08 38.57 -0.63
C TYR C 184 -5.07 39.91 0.13
N GLN C 185 -5.14 41.03 -0.61
CA GLN C 185 -5.05 42.40 -0.03
C GLN C 185 -6.23 42.66 0.91
N ARG C 186 -7.44 42.38 0.46
CA ARG C 186 -8.68 42.44 1.28
C ARG C 186 -8.59 41.58 2.54
N ALA C 187 -8.01 40.36 2.46
CA ALA C 187 -7.83 39.44 3.60
C ALA C 187 -6.81 40.02 4.59
N GLN C 188 -5.72 40.58 4.09
CA GLN C 188 -4.71 41.28 4.92
C GLN C 188 -5.38 42.48 5.62
N ALA C 189 -6.18 43.27 4.89
CA ALA C 189 -6.89 44.46 5.44
C ALA C 189 -7.79 43.98 6.59
N ALA C 190 -8.46 42.86 6.37
CA ALA C 190 -9.46 42.32 7.32
C ALA C 190 -8.73 41.76 8.55
N TRP C 191 -7.57 41.14 8.38
CA TRP C 191 -6.78 40.63 9.51
C TRP C 191 -6.08 41.79 10.27
N LYS C 192 -5.64 42.85 9.59
CA LYS C 192 -5.00 44.00 10.28
C LYS C 192 -6.05 44.69 11.16
N GLU C 193 -7.34 44.68 10.78
CA GLU C 193 -8.43 45.30 11.57
C GLU C 193 -9.12 44.27 12.47
N ASN C 194 -8.67 43.02 12.43
CA ASN C 194 -9.15 41.97 13.37
C ASN C 194 -10.64 41.65 13.15
N LYS C 195 -11.09 41.74 11.90
CA LYS C 195 -12.53 41.62 11.53
C LYS C 195 -13.06 40.19 11.62
N PHE C 196 -12.23 39.19 11.97
CA PHE C 196 -12.64 37.76 12.07
C PHE C 196 -12.61 37.29 13.53
N ALA C 197 -12.26 38.16 14.48
CA ALA C 197 -12.11 37.79 15.91
C ALA C 197 -13.43 37.21 16.42
N GLU C 198 -14.54 37.85 16.07
CA GLU C 198 -15.88 37.49 16.58
C GLU C 198 -16.30 36.08 16.12
N GLU C 199 -15.97 35.69 14.88
CA GLU C 199 -16.48 34.46 14.24
C GLU C 199 -15.51 33.30 14.48
N ILE C 200 -14.24 33.57 14.77
CA ILE C 200 -13.20 32.51 14.91
C ILE C 200 -13.25 31.94 16.32
N ALA C 201 -13.42 30.62 16.41
CA ALA C 201 -13.27 29.79 17.63
C ALA C 201 -11.87 29.18 17.61
N PRO C 202 -10.94 29.61 18.50
CA PRO C 202 -9.57 29.13 18.43
C PRO C 202 -9.54 27.62 18.70
N VAL C 203 -8.55 26.94 18.12
CA VAL C 203 -8.39 25.46 18.23
C VAL C 203 -7.14 25.23 19.07
N THR C 204 -7.19 24.33 20.06
CA THR C 204 -6.02 23.96 20.90
C THR C 204 -5.43 22.62 20.43
N VAL C 205 -4.23 22.65 19.89
CA VAL C 205 -3.58 21.43 19.34
C VAL C 205 -2.62 20.85 20.36
N LYS C 206 -2.93 19.66 20.87
CA LYS C 206 -2.02 19.01 21.85
C LYS C 206 -0.84 18.41 21.09
N GLY C 207 0.38 18.75 21.51
CA GLY C 207 1.60 18.23 20.84
C GLY C 207 2.40 17.35 21.78
N LYS C 208 3.60 16.96 21.36
CA LYS C 208 4.49 16.10 22.19
C LYS C 208 5.58 17.00 22.78
N LYS C 209 5.20 18.22 23.16
CA LYS C 209 6.15 19.21 23.73
C LYS C 209 5.33 20.23 24.53
N GLY C 210 4.03 20.33 24.23
CA GLY C 210 3.15 21.27 24.94
C GLY C 210 1.87 21.50 24.17
N GLU C 211 1.20 22.62 24.42
CA GLU C 211 -0.07 22.96 23.74
C GLU C 211 0.14 24.19 22.86
N THR C 212 -0.55 24.24 21.73
CA THR C 212 -0.56 25.40 20.81
C THR C 212 -2.00 25.84 20.58
N VAL C 213 -2.28 27.12 20.77
CA VAL C 213 -3.60 27.76 20.47
C VAL C 213 -3.49 28.39 19.09
N VAL C 214 -4.25 27.89 18.12
CA VAL C 214 -4.30 28.46 16.74
C VAL C 214 -5.52 29.35 16.63
N GLU C 215 -5.31 30.63 16.37
CA GLU C 215 -6.41 31.63 16.32
C GLU C 215 -6.39 32.39 15.00
N ARG C 216 -5.40 32.16 14.14
CA ARG C 216 -5.19 32.96 12.91
C ARG C 216 -5.19 32.05 11.67
N ASP C 217 -5.87 32.47 10.61
CA ASP C 217 -5.83 31.81 9.28
C ASP C 217 -4.39 31.81 8.80
N GLU C 218 -3.99 30.78 8.06
CA GLU C 218 -2.61 30.57 7.54
C GLU C 218 -2.71 30.64 6.02
N GLY C 219 -1.88 31.44 5.34
CA GLY C 219 -1.91 31.54 3.87
C GLY C 219 -2.19 32.94 3.36
N TYR C 220 -2.97 33.75 4.09
CA TYR C 220 -3.39 35.09 3.61
C TYR C 220 -2.20 36.06 3.57
N GLU C 221 -1.09 35.73 4.23
CA GLU C 221 0.11 36.60 4.39
C GLU C 221 1.12 36.30 3.28
N ASN C 222 0.87 35.25 2.48
CA ASN C 222 1.86 34.60 1.57
C ASN C 222 1.95 35.36 0.24
N LEU C 223 1.05 36.32 -0.02
CA LEU C 223 1.04 37.17 -1.26
C LEU C 223 2.43 37.74 -1.52
N ARG C 224 3.00 37.41 -2.68
CA ARG C 224 4.13 38.14 -3.30
C ARG C 224 3.62 38.64 -4.65
N ILE C 225 3.25 39.92 -4.70
CA ILE C 225 2.59 40.58 -5.87
C ILE C 225 3.52 40.47 -7.10
N ASP C 226 4.83 40.59 -6.87
CA ASP C 226 5.91 40.36 -7.87
C ASP C 226 5.69 38.96 -8.48
N LYS C 227 5.78 37.90 -7.66
CA LYS C 227 5.88 36.48 -8.12
C LYS C 227 4.56 35.98 -8.72
N MET C 228 3.44 36.72 -8.59
CA MET C 228 2.10 36.23 -9.01
C MET C 228 2.03 36.08 -10.53
N ALA C 229 2.55 37.06 -11.29
CA ALA C 229 2.49 37.08 -12.77
C ALA C 229 3.58 36.16 -13.35
N THR C 230 4.41 35.54 -12.50
CA THR C 230 5.55 34.66 -12.90
C THR C 230 5.22 33.18 -12.59
N LEU C 231 4.10 32.87 -11.94
CA LEU C 231 3.74 31.47 -11.57
C LEU C 231 3.36 30.69 -12.84
N LYS C 232 3.76 29.42 -12.93
CA LYS C 232 3.37 28.51 -14.03
C LYS C 232 1.92 28.09 -13.80
N PRO C 233 1.06 28.03 -14.84
CA PRO C 233 -0.24 27.39 -14.71
C PRO C 233 -0.07 26.01 -14.04
N ALA C 234 -1.00 25.63 -13.17
CA ALA C 234 -0.96 24.41 -12.35
C ALA C 234 -1.62 23.24 -13.08
N PHE C 235 -2.70 23.45 -13.84
CA PHE C 235 -3.55 22.34 -14.37
C PHE C 235 -3.39 22.16 -15.90
N LEU C 236 -3.16 23.24 -16.65
CA LEU C 236 -3.00 23.24 -18.13
C LEU C 236 -1.57 23.70 -18.39
N ARG C 237 -0.64 22.78 -18.66
CA ARG C 237 0.82 23.09 -18.69
C ARG C 237 1.35 22.89 -20.12
N ASP C 238 0.46 22.95 -21.13
CA ASP C 238 0.81 22.89 -22.57
C ASP C 238 1.13 24.29 -23.15
N GLY C 239 1.08 25.35 -22.33
CA GLY C 239 1.36 26.74 -22.77
C GLY C 239 0.10 27.57 -22.91
N THR C 240 -1.08 26.94 -22.94
CA THR C 240 -2.43 27.54 -23.08
C THR C 240 -2.95 28.10 -21.75
N GLY C 241 -2.30 27.76 -20.64
CA GLY C 241 -2.91 27.76 -19.29
C GLY C 241 -2.90 29.13 -18.66
N THR C 242 -3.89 29.41 -17.80
CA THR C 242 -4.08 30.70 -17.09
C THR C 242 -4.19 30.49 -15.57
N VAL C 243 -4.82 29.40 -15.12
CA VAL C 243 -5.04 29.11 -13.68
C VAL C 243 -3.75 28.59 -13.04
N THR C 244 -3.27 29.28 -11.99
CA THR C 244 -2.08 28.94 -11.18
C THR C 244 -2.49 28.60 -9.75
N ALA C 245 -1.54 28.11 -8.96
CA ALA C 245 -1.69 27.88 -7.50
C ALA C 245 -2.03 29.20 -6.83
N GLY C 246 -1.50 30.30 -7.36
CA GLY C 246 -1.72 31.67 -6.89
C GLY C 246 -3.15 32.16 -7.08
N ASN C 247 -3.78 31.97 -8.25
CA ASN C 247 -5.12 32.56 -8.54
C ASN C 247 -6.23 31.52 -8.35
N ALA C 248 -5.92 30.43 -7.63
CA ALA C 248 -6.87 29.36 -7.26
C ALA C 248 -6.93 29.22 -5.73
N SER C 249 -8.06 28.69 -5.23
CA SER C 249 -8.18 28.02 -3.92
C SER C 249 -6.91 27.24 -3.61
N THR C 250 -6.51 27.26 -2.34
CA THR C 250 -5.57 26.31 -1.67
C THR C 250 -6.36 25.11 -1.13
N MET C 251 -5.66 24.03 -0.81
CA MET C 251 -6.23 22.96 0.06
C MET C 251 -5.98 23.34 1.51
N ASN C 252 -6.97 23.13 2.37
CA ASN C 252 -6.95 23.57 3.80
C ASN C 252 -7.76 22.63 4.68
N ASP C 253 -7.50 22.75 5.99
CA ASP C 253 -8.18 22.06 7.10
C ASP C 253 -8.96 23.15 7.86
N GLY C 254 -10.20 22.87 8.23
CA GLY C 254 -11.04 23.83 8.97
C GLY C 254 -12.46 23.34 9.10
N ALA C 255 -13.25 24.03 9.90
CA ALA C 255 -14.68 23.70 10.12
C ALA C 255 -15.44 24.95 10.54
N SER C 256 -16.75 24.88 10.40
CA SER C 256 -17.67 26.01 10.59
C SER C 256 -19.02 25.45 11.04
N ALA C 257 -19.74 26.20 11.86
CA ALA C 257 -21.01 25.76 12.47
C ALA C 257 -21.88 26.97 12.81
N LEU C 258 -23.18 26.85 12.53
CA LEU C 258 -24.22 27.81 12.96
C LEU C 258 -25.26 27.08 13.82
N VAL C 259 -25.87 27.78 14.76
CA VAL C 259 -27.11 27.35 15.46
C VAL C 259 -28.29 28.00 14.75
N LEU C 260 -29.31 27.20 14.45
CA LEU C 260 -30.57 27.65 13.79
C LEU C 260 -31.71 27.50 14.81
N GLY C 261 -32.74 28.33 14.68
CA GLY C 261 -33.88 28.36 15.63
C GLY C 261 -35.19 28.61 14.92
N SER C 262 -36.29 28.23 15.56
CA SER C 262 -37.68 28.72 15.29
C SER C 262 -37.81 30.22 15.58
N LYS C 263 -38.81 30.87 14.99
CA LYS C 263 -39.28 32.24 15.38
C LYS C 263 -39.44 32.30 16.90
N ALA C 264 -40.07 31.29 17.49
CA ALA C 264 -40.31 31.14 18.95
C ALA C 264 -38.97 31.07 19.71
N ILE C 265 -37.95 30.41 19.19
CA ILE C 265 -36.66 30.22 19.93
C ILE C 265 -35.79 31.47 19.79
N ALA C 266 -35.82 32.11 18.61
CA ALA C 266 -35.08 33.37 18.34
C ALA C 266 -35.51 34.41 19.38
N ARG C 267 -36.82 34.71 19.43
CA ARG C 267 -37.48 35.62 20.41
C ARG C 267 -36.95 35.35 21.82
N GLU C 268 -37.14 34.13 22.34
CA GLU C 268 -36.92 33.87 23.78
C GLU C 268 -35.42 33.96 24.13
N PHE C 269 -34.54 33.75 23.15
CA PHE C 269 -33.09 33.68 23.48
C PHE C 269 -32.17 34.39 22.50
N ALA C 270 -32.62 34.83 21.32
CA ALA C 270 -31.61 35.37 20.40
C ALA C 270 -31.91 36.80 19.94
N GLN C 271 -32.53 37.62 20.78
CA GLN C 271 -32.69 39.02 20.38
C GLN C 271 -31.34 39.66 20.69
N GLY C 272 -30.74 40.40 19.77
CA GLY C 272 -29.43 40.97 20.11
C GLY C 272 -28.28 40.15 19.57
N ASN C 273 -28.43 38.83 19.49
CA ASN C 273 -27.37 37.96 18.89
C ASN C 273 -26.62 38.64 17.75
N ARG C 274 -25.30 38.64 17.84
CA ARG C 274 -24.38 39.27 16.86
C ARG C 274 -24.66 38.79 15.44
N ALA C 275 -24.83 37.49 15.26
CA ALA C 275 -24.99 36.90 13.91
C ALA C 275 -26.46 36.71 13.53
N LEU C 276 -27.41 37.22 14.32
CA LEU C 276 -28.87 36.90 14.15
C LEU C 276 -29.34 37.28 12.75
N ALA C 277 -30.12 36.42 12.09
CA ALA C 277 -30.61 36.59 10.70
C ALA C 277 -31.76 35.63 10.41
N ARG C 278 -32.59 35.97 9.45
CA ARG C 278 -33.65 35.12 8.87
C ARG C 278 -33.09 34.42 7.62
N ILE C 279 -33.44 33.15 7.44
CA ILE C 279 -33.17 32.44 6.16
C ILE C 279 -34.41 32.73 5.31
N VAL C 280 -34.22 33.59 4.33
CA VAL C 280 -35.32 34.03 3.42
C VAL C 280 -35.60 32.89 2.45
N SER C 281 -34.61 32.49 1.64
CA SER C 281 -34.73 31.41 0.62
C SER C 281 -33.41 30.64 0.47
N THR C 282 -33.49 29.41 -0.02
CA THR C 282 -32.32 28.60 -0.45
C THR C 282 -32.63 27.93 -1.78
N ALA C 283 -31.68 27.87 -2.70
CA ALA C 283 -31.88 27.19 -4.00
C ALA C 283 -30.62 26.37 -4.35
N ASP C 284 -30.84 25.17 -4.89
CA ASP C 284 -29.83 24.33 -5.60
C ASP C 284 -30.11 24.42 -7.10
N ALA C 285 -29.08 24.41 -7.96
CA ALA C 285 -29.20 24.31 -9.42
C ALA C 285 -28.04 23.53 -10.00
N ALA C 286 -28.26 22.86 -11.15
CA ALA C 286 -27.27 21.98 -11.83
C ALA C 286 -27.26 22.22 -13.35
N ILE C 287 -26.09 22.12 -13.96
CA ILE C 287 -25.87 22.21 -15.43
C ILE C 287 -24.84 21.14 -15.83
N ASP C 288 -24.14 21.32 -16.94
CA ASP C 288 -23.09 20.38 -17.45
C ASP C 288 -21.93 20.39 -16.46
N PRO C 289 -21.43 19.19 -16.08
CA PRO C 289 -20.28 19.07 -15.18
C PRO C 289 -19.07 19.97 -15.45
N VAL C 290 -18.65 20.16 -16.71
CA VAL C 290 -17.50 21.06 -17.04
C VAL C 290 -17.86 22.49 -16.64
N ASP C 291 -19.16 22.80 -16.56
CA ASP C 291 -19.64 24.21 -16.41
C ASP C 291 -19.90 24.55 -14.94
N PHE C 292 -19.60 23.65 -13.97
CA PHE C 292 -19.83 23.91 -12.51
C PHE C 292 -19.45 25.35 -12.18
N PRO C 293 -18.31 25.93 -12.67
CA PRO C 293 -17.97 27.31 -12.34
C PRO C 293 -19.12 28.34 -12.47
N VAL C 294 -20.07 28.08 -13.38
CA VAL C 294 -21.13 29.06 -13.78
C VAL C 294 -22.48 28.64 -13.19
N ALA C 295 -22.53 27.52 -12.47
CA ALA C 295 -23.74 27.00 -11.82
C ALA C 295 -24.30 27.99 -10.78
N PRO C 296 -23.47 28.79 -10.09
CA PRO C 296 -23.99 29.78 -9.13
C PRO C 296 -24.87 30.83 -9.83
N ALA C 297 -24.49 31.22 -11.05
CA ALA C 297 -25.24 32.16 -11.92
C ALA C 297 -26.63 31.61 -12.21
N LYS C 298 -26.81 30.28 -12.22
CA LYS C 298 -28.16 29.68 -12.40
C LYS C 298 -28.88 29.59 -11.04
N ALA C 299 -28.16 29.34 -9.95
CA ALA C 299 -28.75 29.10 -8.60
C ALA C 299 -29.18 30.41 -7.93
N VAL C 300 -28.51 31.52 -8.24
CA VAL C 300 -28.72 32.84 -7.55
C VAL C 300 -30.10 33.38 -7.92
N PRO C 301 -30.45 33.49 -9.23
CA PRO C 301 -31.76 33.98 -9.62
C PRO C 301 -32.90 33.18 -8.98
N ILE C 302 -32.74 31.86 -8.87
CA ILE C 302 -33.82 31.00 -8.31
C ILE C 302 -34.00 31.38 -6.85
N ALA C 303 -32.90 31.54 -6.11
CA ALA C 303 -32.92 31.89 -4.67
C ALA C 303 -33.52 33.28 -4.49
N LEU C 304 -33.29 34.18 -5.44
CA LEU C 304 -33.74 35.60 -5.36
C LEU C 304 -35.27 35.61 -5.51
N GLU C 305 -35.76 35.07 -6.61
CA GLU C 305 -37.21 34.86 -6.87
C GLU C 305 -37.88 34.28 -5.62
N ARG C 306 -37.34 33.22 -5.02
CA ARG C 306 -37.98 32.54 -3.87
C ARG C 306 -37.97 33.48 -2.66
N ALA C 307 -37.06 34.47 -2.65
CA ALA C 307 -36.95 35.52 -1.61
C ALA C 307 -37.82 36.74 -1.99
N GLY C 308 -38.21 36.85 -3.26
CA GLY C 308 -39.06 37.94 -3.76
C GLY C 308 -38.33 39.26 -3.73
N ILE C 309 -37.00 39.22 -3.92
CA ILE C 309 -36.10 40.41 -3.98
C ILE C 309 -35.35 40.38 -5.31
N THR C 310 -34.75 41.51 -5.68
CA THR C 310 -33.99 41.73 -6.93
C THR C 310 -32.50 41.77 -6.54
N LYS C 311 -31.59 41.64 -7.51
CA LYS C 311 -30.11 41.69 -7.29
C LYS C 311 -29.73 42.91 -6.44
N ASP C 312 -30.28 44.08 -6.78
CA ASP C 312 -29.87 45.40 -6.23
C ASP C 312 -30.21 45.49 -4.74
N GLN C 313 -31.12 44.66 -4.23
CA GLN C 313 -31.53 44.66 -2.78
C GLN C 313 -30.52 43.85 -1.93
N VAL C 314 -29.46 43.33 -2.54
CA VAL C 314 -28.41 42.57 -1.82
C VAL C 314 -27.24 43.52 -1.47
N ALA C 315 -27.02 43.74 -0.18
CA ALA C 315 -25.88 44.53 0.35
C ALA C 315 -24.56 43.84 0.02
N VAL C 316 -24.41 42.56 0.42
CA VAL C 316 -23.13 41.79 0.36
C VAL C 316 -23.36 40.38 -0.20
N TRP C 317 -22.56 40.04 -1.24
CA TRP C 317 -22.42 38.70 -1.87
C TRP C 317 -21.15 38.01 -1.38
N GLU C 318 -21.27 36.79 -0.83
CA GLU C 318 -20.13 35.84 -0.65
C GLU C 318 -20.29 34.70 -1.66
N PHE C 319 -19.52 34.75 -2.75
CA PHE C 319 -19.28 33.64 -3.71
C PHE C 319 -17.96 32.94 -3.38
N ASN C 320 -17.94 31.63 -3.14
CA ASN C 320 -16.68 30.92 -2.78
C ASN C 320 -15.66 31.02 -3.91
N GLU C 321 -14.50 31.62 -3.61
CA GLU C 321 -13.38 31.83 -4.57
C GLU C 321 -12.65 30.51 -4.88
N ALA C 322 -13.33 29.51 -5.43
CA ALA C 322 -12.73 28.27 -5.95
C ALA C 322 -11.58 28.60 -6.92
N PHE C 323 -11.86 29.47 -7.90
CA PHE C 323 -10.86 30.03 -8.82
C PHE C 323 -11.21 31.50 -9.05
N ALA C 324 -10.22 32.41 -9.14
CA ALA C 324 -10.46 33.81 -9.57
C ALA C 324 -11.36 33.80 -10.82
N ALA C 325 -11.13 32.87 -11.76
CA ALA C 325 -11.92 32.78 -13.01
C ALA C 325 -13.40 32.49 -12.67
N VAL C 326 -13.71 31.75 -11.60
CA VAL C 326 -15.11 31.42 -11.22
C VAL C 326 -15.84 32.71 -10.83
N ILE C 327 -15.19 33.57 -10.03
CA ILE C 327 -15.80 34.82 -9.49
C ILE C 327 -16.09 35.75 -10.67
N LYS C 328 -15.08 36.00 -11.53
CA LYS C 328 -15.13 36.99 -12.62
C LYS C 328 -16.20 36.58 -13.65
N ALA C 329 -16.37 35.28 -13.89
CA ALA C 329 -17.37 34.75 -14.83
C ALA C 329 -18.79 35.02 -14.31
N ASN C 330 -19.05 34.71 -13.04
CA ASN C 330 -20.41 34.87 -12.42
C ASN C 330 -20.74 36.37 -12.27
N GLU C 331 -19.77 37.18 -11.84
CA GLU C 331 -19.82 38.67 -11.83
C GLU C 331 -20.27 39.16 -13.21
N LYS C 332 -19.76 38.59 -14.30
CA LYS C 332 -20.10 39.03 -15.68
C LYS C 332 -21.56 38.69 -15.93
N ILE C 333 -21.93 37.42 -15.80
CA ILE C 333 -23.27 36.85 -16.13
C ILE C 333 -24.37 37.54 -15.32
N LEU C 334 -24.17 37.72 -14.01
CA LEU C 334 -25.18 38.30 -13.08
C LEU C 334 -25.07 39.83 -13.03
N GLY C 335 -24.10 40.43 -13.72
CA GLY C 335 -23.86 41.90 -13.69
C GLY C 335 -23.58 42.42 -12.28
N LEU C 336 -22.68 41.78 -11.54
CA LEU C 336 -22.30 42.14 -10.14
C LEU C 336 -20.85 42.60 -10.10
N GLN C 337 -20.30 43.14 -11.19
CA GLN C 337 -18.85 43.50 -11.24
C GLN C 337 -18.55 44.72 -10.36
N ASN C 338 -19.59 45.46 -9.96
CA ASN C 338 -19.45 46.70 -9.15
C ASN C 338 -20.05 46.52 -7.76
N ALA C 339 -20.67 45.35 -7.48
CA ALA C 339 -21.38 45.06 -6.22
C ALA C 339 -20.36 44.69 -5.13
N ARG C 340 -20.74 44.67 -3.85
CA ARG C 340 -19.86 44.24 -2.74
C ARG C 340 -19.77 42.69 -2.77
N VAL C 341 -18.66 42.15 -3.30
CA VAL C 341 -18.41 40.69 -3.49
C VAL C 341 -17.11 40.32 -2.78
N ASN C 342 -17.21 39.43 -1.78
CA ASN C 342 -16.03 38.96 -1.00
C ASN C 342 -15.20 40.18 -0.62
N PRO C 343 -15.75 41.11 0.20
CA PRO C 343 -15.02 42.30 0.63
C PRO C 343 -13.85 42.05 1.58
N LEU C 344 -13.87 40.96 2.33
CA LEU C 344 -12.84 40.62 3.35
C LEU C 344 -11.95 39.48 2.85
N GLY C 345 -11.99 39.18 1.55
CA GLY C 345 -11.21 38.10 0.94
C GLY C 345 -12.03 36.83 0.73
N GLY C 346 -11.37 35.76 0.29
CA GLY C 346 -12.02 34.49 -0.05
C GLY C 346 -11.03 33.35 -0.10
N ALA C 347 -11.49 32.21 -0.58
CA ALA C 347 -10.80 30.91 -0.57
C ALA C 347 -9.39 31.04 -1.15
N ILE C 348 -9.17 31.94 -2.11
CA ILE C 348 -7.84 32.17 -2.76
C ILE C 348 -6.82 32.57 -1.70
N SER C 349 -7.25 33.35 -0.71
CA SER C 349 -6.37 33.89 0.37
C SER C 349 -6.70 33.28 1.74
N LEU C 350 -7.96 32.93 1.98
CA LEU C 350 -8.49 32.55 3.32
C LEU C 350 -8.66 31.03 3.40
N GLY C 351 -8.48 30.34 2.27
CA GLY C 351 -8.36 28.87 2.24
C GLY C 351 -9.70 28.22 1.99
N HIS C 352 -9.69 26.90 1.82
CA HIS C 352 -10.84 26.17 1.25
C HIS C 352 -10.87 24.73 1.78
N ALA C 353 -11.36 24.57 3.01
CA ALA C 353 -11.72 23.25 3.61
C ALA C 353 -13.06 22.80 3.02
N LEU C 354 -12.99 21.99 1.95
CA LEU C 354 -14.12 21.62 1.04
C LEU C 354 -15.46 21.60 1.79
N GLY C 355 -15.63 20.66 2.73
CA GLY C 355 -16.92 20.41 3.40
C GLY C 355 -17.38 21.58 4.27
N SER C 356 -16.44 22.44 4.67
CA SER C 356 -16.65 23.57 5.60
C SER C 356 -17.04 24.83 4.86
N SER C 357 -16.54 25.01 3.64
CA SER C 357 -16.44 26.32 2.95
C SER C 357 -17.84 26.93 2.72
N GLY C 358 -18.86 26.11 2.50
CA GLY C 358 -20.23 26.54 2.20
C GLY C 358 -20.85 27.28 3.37
N SER C 359 -20.62 26.80 4.59
CA SER C 359 -21.08 27.46 5.84
C SER C 359 -20.03 28.49 6.32
N ARG C 360 -18.74 28.29 6.02
CA ARG C 360 -17.71 29.27 6.40
C ARG C 360 -18.05 30.63 5.76
N ILE C 361 -18.47 30.65 4.50
CA ILE C 361 -18.76 31.94 3.79
C ILE C 361 -20.04 32.53 4.39
N LEU C 362 -20.97 31.67 4.81
CA LEU C 362 -22.23 32.10 5.46
C LEU C 362 -21.88 32.80 6.77
N VAL C 363 -20.94 32.27 7.55
CA VAL C 363 -20.66 32.94 8.86
C VAL C 363 -19.91 34.23 8.56
N THR C 364 -19.06 34.26 7.52
CA THR C 364 -18.33 35.50 7.19
C THR C 364 -19.35 36.51 6.68
N LEU C 365 -20.36 36.07 5.92
CA LEU C 365 -21.38 37.00 5.33
C LEU C 365 -22.20 37.66 6.46
N LEU C 366 -22.51 36.91 7.52
CA LEU C 366 -23.41 37.36 8.59
C LEU C 366 -22.74 38.51 9.36
N HIS C 367 -21.43 38.44 9.55
CA HIS C 367 -20.65 39.43 10.35
C HIS C 367 -20.27 40.66 9.53
N GLN C 368 -20.86 40.89 8.36
CA GLN C 368 -20.63 42.13 7.60
C GLN C 368 -21.93 42.68 6.98
N LEU C 369 -23.08 42.18 7.43
CA LEU C 369 -24.40 42.75 7.06
C LEU C 369 -24.87 43.70 8.19
N GLN C 370 -25.61 44.74 7.79
CA GLN C 370 -26.33 45.65 8.73
C GLN C 370 -27.75 45.14 8.91
N PRO C 371 -28.36 45.40 10.08
CA PRO C 371 -29.76 45.07 10.30
C PRO C 371 -30.68 45.48 9.13
N GLY C 372 -31.54 44.58 8.68
CA GLY C 372 -32.46 44.79 7.54
C GLY C 372 -31.80 44.54 6.18
N GLU C 373 -30.49 44.27 6.14
CA GLU C 373 -29.80 43.99 4.84
C GLU C 373 -29.90 42.50 4.49
N TYR C 374 -30.08 42.26 3.19
CA TYR C 374 -30.05 40.94 2.52
C TYR C 374 -28.61 40.61 2.11
N GLY C 375 -28.19 39.37 2.36
CA GLY C 375 -26.91 38.81 1.89
C GLY C 375 -27.13 37.51 1.13
N VAL C 376 -26.26 37.21 0.18
CA VAL C 376 -26.31 35.91 -0.56
C VAL C 376 -24.97 35.19 -0.38
N ALA C 377 -25.03 33.96 0.11
CA ALA C 377 -23.92 32.98 0.06
C ALA C 377 -24.21 32.04 -1.12
N ALA C 378 -23.32 32.00 -2.10
CA ALA C 378 -23.41 31.08 -3.26
C ALA C 378 -22.09 30.32 -3.44
N ILE C 379 -22.18 29.05 -3.80
CA ILE C 379 -20.97 28.17 -3.86
C ILE C 379 -21.17 27.06 -4.90
N CYS C 380 -20.32 27.05 -5.92
CA CYS C 380 -20.32 26.02 -6.99
C CYS C 380 -19.73 24.74 -6.43
N ASN C 381 -20.14 23.58 -6.95
CA ASN C 381 -19.63 22.26 -6.51
C ASN C 381 -19.41 21.34 -7.72
N GLY C 382 -18.52 20.36 -7.56
CA GLY C 382 -18.12 19.41 -8.61
C GLY C 382 -19.31 18.59 -9.09
N GLY C 383 -19.31 18.24 -10.38
CA GLY C 383 -20.45 17.58 -11.07
C GLY C 383 -21.38 18.57 -11.76
N GLY C 384 -21.17 19.90 -11.61
CA GLY C 384 -21.86 20.96 -12.37
C GLY C 384 -23.02 21.62 -11.62
N ALA C 385 -22.90 21.80 -10.30
CA ALA C 385 -23.99 22.24 -9.41
C ALA C 385 -23.56 23.43 -8.53
N ALA C 386 -24.51 24.04 -7.82
CA ALA C 386 -24.29 25.12 -6.85
C ALA C 386 -25.50 25.23 -5.91
N THR C 387 -25.28 25.85 -4.76
CA THR C 387 -26.26 26.17 -3.71
C THR C 387 -26.11 27.66 -3.38
N ALA C 388 -27.23 28.38 -3.40
CA ALA C 388 -27.36 29.78 -2.99
C ALA C 388 -28.36 29.87 -1.84
N MET C 389 -28.00 30.64 -0.82
CA MET C 389 -28.86 31.03 0.30
C MET C 389 -28.99 32.57 0.30
N VAL C 390 -30.23 33.06 0.43
CA VAL C 390 -30.54 34.50 0.72
C VAL C 390 -30.89 34.63 2.19
N VAL C 391 -30.18 35.50 2.93
CA VAL C 391 -30.47 35.80 4.36
C VAL C 391 -30.85 37.29 4.48
N GLN C 392 -31.53 37.65 5.56
CA GLN C 392 -31.78 39.05 5.97
C GLN C 392 -31.24 39.20 7.39
N LYS C 393 -30.20 40.01 7.56
CA LYS C 393 -29.61 40.30 8.89
C LYS C 393 -30.68 40.97 9.76
N LEU C 394 -30.64 40.75 11.06
CA LEU C 394 -31.73 41.15 11.99
C LEU C 394 -31.05 41.52 13.31
N ASP C 395 -31.57 42.54 13.99
CA ASP C 395 -31.17 42.86 15.37
C ASP C 395 -32.14 42.20 16.33
N ARG C 396 -33.41 42.02 15.92
CA ARG C 396 -34.39 41.24 16.72
C ARG C 396 -35.55 40.74 15.85
N VAL C 397 -36.36 39.85 16.43
CA VAL C 397 -37.74 39.40 16.02
C VAL C 397 -37.56 38.38 14.90
N GLU D 1 -49.93 24.89 4.61
CA GLU D 1 -49.53 24.72 3.18
C GLU D 1 -48.37 23.70 3.06
N ILE D 2 -48.06 22.97 4.14
CA ILE D 2 -47.23 21.72 4.12
C ILE D 2 -47.98 20.69 3.25
N GLN D 3 -47.47 20.33 2.07
CA GLN D 3 -48.09 19.36 1.13
C GLN D 3 -47.74 17.93 1.54
N GLU D 4 -48.38 16.95 0.92
CA GLU D 4 -48.08 15.52 1.21
C GLU D 4 -47.18 14.99 0.11
N ALA D 5 -46.41 13.95 0.40
CA ALA D 5 -45.50 13.32 -0.59
C ALA D 5 -45.87 11.86 -0.76
N TYR D 6 -45.99 11.40 -2.00
CA TYR D 6 -46.36 9.98 -2.20
C TYR D 6 -45.23 9.24 -2.92
N ILE D 7 -45.17 7.92 -2.70
CA ILE D 7 -44.18 7.04 -3.37
C ILE D 7 -44.87 6.47 -4.61
N LEU D 8 -44.28 6.65 -5.79
CA LEU D 8 -44.90 6.16 -7.04
C LEU D 8 -44.18 4.92 -7.58
N SER D 9 -42.86 4.87 -7.43
CA SER D 9 -42.04 3.77 -7.98
C SER D 9 -41.39 2.99 -6.85
N GLY D 10 -40.49 2.07 -7.19
CA GLY D 10 -39.81 1.24 -6.20
C GLY D 10 -39.05 0.11 -6.85
N ALA D 11 -37.74 0.21 -6.88
CA ALA D 11 -36.86 -0.83 -7.46
C ALA D 11 -35.67 -1.11 -6.53
N ARG D 12 -35.03 -2.26 -6.72
CA ARG D 12 -33.72 -2.59 -6.12
C ARG D 12 -33.01 -3.52 -7.07
N THR D 13 -31.68 -3.39 -7.15
CA THR D 13 -30.80 -4.41 -7.78
C THR D 13 -30.97 -5.68 -6.94
N PRO D 14 -30.55 -6.86 -7.46
CA PRO D 14 -30.36 -8.00 -6.58
C PRO D 14 -29.27 -7.57 -5.59
N THR D 15 -29.32 -8.06 -4.37
CA THR D 15 -28.22 -7.95 -3.40
C THR D 15 -27.17 -9.04 -3.73
N ALA D 16 -26.04 -8.67 -4.33
CA ALA D 16 -24.93 -9.63 -4.62
C ALA D 16 -24.11 -9.90 -3.36
N LYS D 17 -23.31 -10.96 -3.41
CA LYS D 17 -22.40 -11.38 -2.32
C LYS D 17 -21.18 -10.43 -2.27
N PHE D 18 -20.58 -10.25 -1.09
CA PHE D 18 -19.21 -9.67 -0.96
C PHE D 18 -18.23 -10.43 -1.87
N ASN D 19 -17.53 -9.69 -2.73
CA ASN D 19 -16.55 -10.26 -3.69
C ASN D 19 -17.32 -11.18 -4.66
N GLY D 20 -18.59 -10.86 -4.92
CA GLY D 20 -19.52 -11.66 -5.73
C GLY D 20 -19.59 -11.14 -7.14
N SER D 21 -20.80 -11.01 -7.68
CA SER D 21 -21.10 -10.70 -9.10
C SER D 21 -20.88 -9.22 -9.42
N PHE D 22 -20.86 -8.33 -8.43
CA PHE D 22 -20.82 -6.85 -8.65
C PHE D 22 -19.47 -6.24 -8.29
N VAL D 23 -18.39 -7.02 -8.18
CA VAL D 23 -17.02 -6.49 -7.86
C VAL D 23 -16.61 -5.46 -8.90
N SER D 24 -17.04 -5.65 -10.15
CA SER D 24 -16.72 -4.79 -11.32
C SER D 24 -17.68 -3.59 -11.41
N VAL D 25 -18.79 -3.58 -10.65
CA VAL D 25 -19.91 -2.59 -10.82
C VAL D 25 -19.93 -1.61 -9.63
N SER D 26 -19.52 -0.37 -9.86
CA SER D 26 -19.47 0.73 -8.85
C SER D 26 -20.86 0.94 -8.25
N ALA D 27 -20.92 1.39 -7.00
CA ALA D 27 -22.17 1.62 -6.25
C ALA D 27 -23.07 2.59 -7.02
N PRO D 28 -22.55 3.68 -7.63
CA PRO D 28 -23.38 4.52 -8.49
C PRO D 28 -23.94 3.79 -9.73
N GLU D 29 -23.18 2.90 -10.38
CA GLU D 29 -23.62 2.20 -11.60
C GLU D 29 -24.79 1.32 -11.19
N LEU D 30 -24.72 0.72 -10.00
CA LEU D 30 -25.83 -0.04 -9.36
C LEU D 30 -27.00 0.93 -9.12
N GLY D 31 -26.74 2.10 -8.56
CA GLY D 31 -27.80 3.09 -8.25
C GLY D 31 -28.59 3.42 -9.50
N ALA D 32 -27.89 3.83 -10.56
CA ALA D 32 -28.44 4.13 -11.89
C ALA D 32 -29.43 3.05 -12.33
N VAL D 33 -29.05 1.78 -12.21
CA VAL D 33 -29.92 0.64 -12.64
C VAL D 33 -31.24 0.73 -11.86
N ALA D 34 -31.17 0.78 -10.53
CA ALA D 34 -32.34 0.83 -9.62
C ALA D 34 -33.15 2.13 -9.88
N ILE D 35 -32.49 3.20 -10.35
CA ILE D 35 -33.13 4.49 -10.69
C ILE D 35 -33.84 4.36 -12.05
N LYS D 36 -33.11 4.00 -13.13
CA LYS D 36 -33.68 3.72 -14.48
C LYS D 36 -35.02 2.97 -14.36
N SER D 37 -35.07 1.92 -13.52
CA SER D 37 -36.24 1.02 -13.33
C SER D 37 -37.36 1.76 -12.59
N ALA D 38 -37.04 2.48 -11.51
CA ALA D 38 -38.02 3.14 -10.63
C ALA D 38 -38.65 4.33 -11.35
N VAL D 39 -37.94 5.00 -12.27
CA VAL D 39 -38.50 6.16 -13.05
C VAL D 39 -39.41 5.60 -14.14
N SER D 40 -38.96 4.55 -14.82
CA SER D 40 -39.70 3.78 -15.84
C SER D 40 -41.06 3.31 -15.28
N LYS D 41 -41.06 2.69 -14.11
CA LYS D 41 -42.27 2.09 -13.46
C LYS D 41 -43.20 3.14 -12.84
N SER D 42 -42.71 4.37 -12.59
CA SER D 42 -43.47 5.47 -11.94
C SER D 42 -44.58 5.95 -12.88
N GLY D 43 -44.29 6.01 -14.19
CA GLY D 43 -45.19 6.55 -15.23
C GLY D 43 -44.98 8.04 -15.45
N VAL D 44 -44.28 8.69 -14.51
CA VAL D 44 -44.00 10.16 -14.51
C VAL D 44 -42.99 10.45 -15.61
N PRO D 45 -43.21 11.47 -16.48
CA PRO D 45 -42.20 11.87 -17.45
C PRO D 45 -40.93 12.34 -16.71
N VAL D 46 -39.77 11.89 -17.19
CA VAL D 46 -38.45 12.03 -16.51
C VAL D 46 -38.13 13.52 -16.24
N GLU D 47 -38.70 14.47 -17.00
CA GLU D 47 -38.36 15.92 -16.92
C GLU D 47 -38.96 16.56 -15.66
N LYS D 48 -39.98 15.94 -15.07
CA LYS D 48 -40.66 16.47 -13.85
C LYS D 48 -39.78 16.25 -12.61
N ILE D 49 -38.94 15.20 -12.63
CA ILE D 49 -37.96 14.82 -11.57
C ILE D 49 -36.78 15.79 -11.63
N THR D 50 -36.51 16.47 -10.50
CA THR D 50 -35.58 17.64 -10.39
C THR D 50 -34.44 17.34 -9.41
N ASP D 51 -34.54 16.31 -8.53
CA ASP D 51 -33.47 15.96 -7.55
C ASP D 51 -33.35 14.43 -7.36
N VAL D 52 -32.12 13.98 -7.10
CA VAL D 52 -31.72 12.58 -6.78
C VAL D 52 -30.92 12.59 -5.48
N TYR D 53 -31.45 12.00 -4.40
CA TYR D 53 -30.79 11.89 -3.08
C TYR D 53 -30.51 10.41 -2.80
N MET D 54 -29.24 10.00 -2.76
CA MET D 54 -28.83 8.59 -2.57
C MET D 54 -27.94 8.45 -1.33
N GLY D 55 -28.30 7.50 -0.46
CA GLY D 55 -27.42 7.03 0.63
C GLY D 55 -26.20 6.30 0.08
N ASN D 56 -25.08 6.45 0.79
CA ASN D 56 -23.78 5.83 0.47
C ASN D 56 -22.89 6.03 1.70
N VAL D 57 -22.72 5.02 2.56
CA VAL D 57 -21.94 5.24 3.80
C VAL D 57 -20.43 5.07 3.55
N LEU D 58 -19.99 4.31 2.56
CA LEU D 58 -18.54 4.12 2.30
C LEU D 58 -18.15 4.69 0.94
N GLN D 59 -17.73 5.96 0.91
CA GLN D 59 -17.60 6.79 -0.32
C GLN D 59 -16.17 6.77 -0.86
N GLY D 60 -15.23 6.17 -0.14
CA GLY D 60 -13.81 6.14 -0.52
C GLY D 60 -13.66 5.49 -1.88
N ALA D 61 -13.02 6.19 -2.82
CA ALA D 61 -12.62 5.71 -4.17
C ALA D 61 -13.83 5.54 -5.08
N VAL D 62 -15.02 5.99 -4.68
CA VAL D 62 -16.24 5.97 -5.53
C VAL D 62 -16.18 7.08 -6.59
N GLY D 63 -15.31 8.08 -6.42
CA GLY D 63 -15.28 9.24 -7.32
C GLY D 63 -16.14 10.41 -6.83
N GLN D 64 -16.00 11.54 -7.51
CA GLN D 64 -16.66 12.80 -7.11
C GLN D 64 -18.18 12.61 -7.10
N ALA D 65 -18.83 13.01 -6.02
CA ALA D 65 -20.29 13.20 -5.95
C ALA D 65 -21.00 11.92 -6.36
N PRO D 66 -20.92 10.84 -5.55
CA PRO D 66 -21.61 9.59 -5.85
C PRO D 66 -23.05 9.71 -6.43
N ALA D 67 -23.96 10.40 -5.72
CA ALA D 67 -25.38 10.60 -6.09
C ALA D 67 -25.47 11.20 -7.50
N ARG D 68 -24.64 12.20 -7.79
CA ARG D 68 -24.49 12.78 -9.15
C ARG D 68 -24.23 11.66 -10.16
N GLN D 69 -23.26 10.79 -9.88
CA GLN D 69 -22.83 9.70 -10.79
C GLN D 69 -24.04 8.83 -11.09
N ALA D 70 -24.78 8.46 -10.04
CA ALA D 70 -25.97 7.59 -10.12
C ALA D 70 -26.98 8.23 -11.07
N SER D 71 -27.25 9.51 -10.86
CA SER D 71 -28.21 10.34 -11.65
C SER D 71 -27.78 10.35 -13.12
N MET D 72 -26.50 10.61 -13.42
CA MET D 72 -25.98 10.74 -14.81
C MET D 72 -25.91 9.37 -15.49
N PHE D 73 -25.43 8.36 -14.78
CA PHE D 73 -25.39 6.98 -15.33
C PHE D 73 -26.82 6.52 -15.58
N ALA D 74 -27.80 7.03 -14.82
CA ALA D 74 -29.24 6.66 -14.96
C ALA D 74 -29.86 7.34 -16.19
N GLY D 75 -29.12 8.21 -16.90
CA GLY D 75 -29.57 8.92 -18.12
C GLY D 75 -30.23 10.26 -17.85
N LEU D 76 -30.51 10.60 -16.58
CA LEU D 76 -31.21 11.86 -16.16
C LEU D 76 -30.39 13.09 -16.58
N SER D 77 -31.09 14.18 -16.90
CA SER D 77 -30.52 15.47 -17.36
C SER D 77 -29.50 15.99 -16.34
N PRO D 78 -28.37 16.57 -16.81
CA PRO D 78 -27.52 17.43 -15.99
C PRO D 78 -28.23 18.53 -15.18
N THR D 79 -29.49 18.82 -15.48
CA THR D 79 -30.35 19.82 -14.79
C THR D 79 -30.82 19.24 -13.44
N VAL D 80 -30.66 17.95 -13.24
CA VAL D 80 -31.16 17.32 -12.00
C VAL D 80 -30.12 17.55 -10.91
N GLU D 81 -30.55 18.02 -9.74
CA GLU D 81 -29.64 18.24 -8.59
C GLU D 81 -29.52 16.93 -7.85
N SER D 82 -28.41 16.75 -7.11
CA SER D 82 -28.09 15.52 -6.32
C SER D 82 -27.36 15.87 -5.02
N MET D 83 -27.48 14.98 -4.07
CA MET D 83 -26.67 14.99 -2.83
C MET D 83 -26.51 13.54 -2.37
N THR D 84 -25.33 13.16 -1.90
CA THR D 84 -25.15 11.80 -1.33
C THR D 84 -25.24 11.94 0.19
N VAL D 85 -26.05 11.10 0.84
CA VAL D 85 -26.38 11.20 2.30
C VAL D 85 -25.73 10.02 3.03
N ASN D 86 -25.13 10.29 4.20
CA ASN D 86 -24.45 9.30 5.08
C ASN D 86 -25.01 9.47 6.50
N LYS D 87 -26.03 8.67 6.82
CA LYS D 87 -26.54 8.37 8.18
C LYS D 87 -26.21 6.91 8.45
N VAL D 88 -24.98 6.50 8.11
CA VAL D 88 -24.54 5.08 8.17
C VAL D 88 -25.68 4.23 7.61
N ALA D 90 -28.83 3.96 8.10
CA ALA D 90 -30.12 4.58 7.83
C ALA D 90 -30.05 5.38 6.51
N SER D 91 -28.88 5.49 5.88
CA SER D 91 -28.62 6.46 4.79
C SER D 91 -29.75 6.39 3.76
N GLY D 92 -30.18 5.19 3.38
CA GLY D 92 -31.16 4.97 2.31
C GLY D 92 -32.54 5.50 2.68
N LEU D 93 -32.97 5.34 3.94
CA LEU D 93 -34.32 5.76 4.39
C LEU D 93 -34.32 7.27 4.52
N LYS D 94 -33.29 7.80 5.17
CA LYS D 94 -33.01 9.25 5.37
C LYS D 94 -33.13 10.00 4.04
N ALA D 95 -32.53 9.50 2.96
CA ALA D 95 -32.54 10.15 1.63
C ALA D 95 -33.98 10.24 1.11
N VAL D 96 -34.83 9.27 1.42
CA VAL D 96 -36.25 9.26 0.97
C VAL D 96 -37.02 10.34 1.75
N ALA D 97 -36.90 10.34 3.08
CA ALA D 97 -37.40 11.42 3.98
C ALA D 97 -36.99 12.79 3.41
N LEU D 98 -35.70 13.03 3.17
CA LEU D 98 -35.18 14.37 2.79
C LEU D 98 -35.75 14.77 1.41
N ALA D 99 -35.96 13.79 0.51
CA ALA D 99 -36.54 14.02 -0.83
C ALA D 99 -38.03 14.38 -0.69
N ALA D 100 -38.69 13.74 0.29
CA ALA D 100 -40.11 13.95 0.62
C ALA D 100 -40.27 15.40 1.06
N GLN D 101 -39.35 15.85 1.91
CA GLN D 101 -39.31 17.23 2.48
C GLN D 101 -39.32 18.24 1.33
N ASN D 102 -38.56 18.01 0.27
CA ASN D 102 -38.59 18.88 -0.94
C ASN D 102 -40.05 19.01 -1.42
N ILE D 103 -40.82 17.92 -1.36
CA ILE D 103 -42.22 17.87 -1.89
C ILE D 103 -43.16 18.49 -0.85
N GLN D 104 -42.98 18.13 0.43
CA GLN D 104 -43.71 18.65 1.62
C GLN D 104 -43.66 20.18 1.69
N LEU D 105 -42.63 20.82 1.12
CA LEU D 105 -42.34 22.28 1.20
C LEU D 105 -42.74 23.00 -0.09
N GLY D 106 -43.06 22.27 -1.17
CA GLY D 106 -43.52 22.86 -2.44
C GLY D 106 -42.37 23.27 -3.34
N LEU D 107 -41.15 22.82 -3.02
CA LEU D 107 -39.91 23.12 -3.79
C LEU D 107 -39.82 22.21 -5.03
N ALA D 108 -40.50 21.06 -5.03
CA ALA D 108 -40.46 20.14 -6.19
C ALA D 108 -41.71 19.25 -6.18
N GLU D 109 -42.06 18.70 -7.35
CA GLU D 109 -43.23 17.81 -7.53
C GLU D 109 -42.78 16.37 -7.79
N ALA D 110 -41.52 16.13 -8.18
CA ALA D 110 -40.97 14.77 -8.45
C ALA D 110 -39.49 14.64 -8.05
N GLN D 111 -39.22 13.62 -7.22
CA GLN D 111 -37.89 13.28 -6.66
C GLN D 111 -37.60 11.78 -6.84
N VAL D 112 -36.37 11.39 -7.24
CA VAL D 112 -35.88 10.00 -6.97
C VAL D 112 -34.99 10.04 -5.72
N ALA D 113 -35.17 9.05 -4.84
CA ALA D 113 -34.37 8.90 -3.61
C ALA D 113 -34.16 7.41 -3.31
N GLY D 114 -33.08 7.09 -2.59
CA GLY D 114 -32.73 5.72 -2.23
C GLY D 114 -31.29 5.63 -1.75
N GLY D 115 -30.60 4.57 -2.14
CA GLY D 115 -29.33 4.15 -1.51
C GLY D 115 -28.49 3.27 -2.39
N MET D 116 -27.22 3.13 -2.06
CA MET D 116 -26.28 2.27 -2.82
C MET D 116 -25.05 2.01 -1.96
N GLU D 117 -24.49 0.81 -2.08
CA GLU D 117 -23.21 0.43 -1.46
C GLU D 117 -22.59 -0.67 -2.31
N ASN D 118 -21.31 -0.55 -2.59
CA ASN D 118 -20.48 -1.68 -3.07
C ASN D 118 -19.38 -1.86 -2.03
N MET D 119 -19.58 -2.81 -1.11
CA MET D 119 -18.65 -3.06 0.01
C MET D 119 -17.41 -3.78 -0.53
N SER D 120 -17.58 -4.58 -1.58
CA SER D 120 -16.44 -5.22 -2.29
C SER D 120 -15.43 -4.13 -2.70
N ARG D 121 -15.94 -2.98 -3.14
CA ARG D 121 -15.11 -1.91 -3.75
C ARG D 121 -14.61 -0.91 -2.70
N VAL D 122 -14.99 -1.05 -1.44
CA VAL D 122 -14.47 -0.15 -0.38
C VAL D 122 -12.97 -0.42 -0.32
N PRO D 123 -12.12 0.64 -0.26
CA PRO D 123 -10.68 0.46 -0.27
C PRO D 123 -10.10 0.35 1.14
N TYR D 124 -8.84 -0.07 1.23
CA TYR D 124 -7.91 0.17 2.36
C TYR D 124 -7.34 1.59 2.26
N TYR D 125 -6.96 2.16 3.40
CA TYR D 125 -6.46 3.55 3.54
C TYR D 125 -4.97 3.57 3.88
N LEU D 126 -4.21 4.26 3.03
CA LEU D 126 -2.77 4.56 3.16
C LEU D 126 -2.66 6.05 3.50
N PRO D 127 -2.24 6.41 4.74
CA PRO D 127 -1.98 7.81 5.05
C PRO D 127 -0.93 8.38 4.10
N ARG D 128 -1.05 9.66 3.79
CA ARG D 128 0.00 10.42 3.07
C ARG D 128 1.23 10.58 3.97
N SER D 129 2.33 11.02 3.38
CA SER D 129 3.72 11.00 3.92
C SER D 129 3.83 11.67 5.29
N THR D 130 3.06 12.73 5.55
CA THR D 130 3.15 13.47 6.84
C THR D 130 2.54 12.66 7.98
N GLN D 131 1.80 11.59 7.73
CA GLN D 131 1.13 10.81 8.81
C GLN D 131 1.63 9.37 8.80
N LEU D 132 2.75 9.12 8.14
CA LEU D 132 3.44 7.80 8.16
C LEU D 132 4.67 7.93 9.04
N PRO D 133 5.03 6.88 9.80
CA PRO D 133 6.28 6.88 10.56
C PRO D 133 7.47 6.75 9.61
N PRO D 134 8.69 7.20 9.99
CA PRO D 134 9.82 7.19 9.04
C PRO D 134 10.35 5.77 8.78
N PHE D 135 9.96 4.80 9.63
CA PHE D 135 10.39 3.38 9.51
C PHE D 135 9.56 2.53 10.48
N GLY D 136 9.62 1.20 10.31
CA GLY D 136 8.85 0.23 11.09
C GLY D 136 7.48 -0.01 10.50
N GLU D 137 6.84 -1.08 10.97
CA GLU D 137 5.51 -1.61 10.54
C GLU D 137 4.49 -0.46 10.48
N ILE D 138 3.65 -0.47 9.43
CA ILE D 138 2.47 0.41 9.14
C ILE D 138 1.22 -0.48 9.17
N LYS D 139 0.14 -0.06 9.84
CA LYS D 139 -1.15 -0.78 9.80
C LYS D 139 -2.05 -0.01 8.83
N LEU D 140 -2.56 -0.68 7.80
CA LEU D 140 -3.56 -0.11 6.87
C LEU D 140 -4.93 -0.57 7.34
N GLN D 141 -5.83 0.36 7.67
CA GLN D 141 -7.23 0.04 8.06
C GLN D 141 -8.01 -0.33 6.81
N ASP D 142 -9.00 -1.20 6.95
CA ASP D 142 -9.80 -1.69 5.81
C ASP D 142 -10.75 -0.56 5.44
N GLY D 143 -11.52 -0.04 6.38
CA GLY D 143 -12.49 0.99 5.97
C GLY D 143 -13.89 0.43 6.00
N LEU D 144 -14.08 -0.80 5.55
CA LEU D 144 -15.30 -1.57 5.94
C LEU D 144 -15.32 -1.55 7.47
N ILE D 145 -14.17 -1.73 8.10
CA ILE D 145 -14.05 -1.74 9.59
C ILE D 145 -14.02 -0.29 10.11
N GLN D 146 -13.05 0.53 9.69
CA GLN D 146 -12.73 1.85 10.32
C GLN D 146 -13.92 2.82 10.17
N ASP D 147 -14.44 2.95 8.95
CA ASP D 147 -15.55 3.88 8.61
C ASP D 147 -16.89 3.18 8.79
N GLY D 148 -16.96 1.89 8.47
CA GLY D 148 -18.24 1.16 8.36
C GLY D 148 -18.74 0.66 9.71
N LEU D 149 -17.96 -0.17 10.39
CA LEU D 149 -18.51 -1.12 11.39
C LEU D 149 -17.78 -0.98 12.73
N TRP D 150 -17.03 0.10 12.95
CA TRP D 150 -16.24 0.32 14.19
C TRP D 150 -16.85 1.54 14.91
N ASP D 151 -17.37 1.34 16.13
CA ASP D 151 -17.78 2.45 17.02
C ASP D 151 -16.53 3.24 17.39
N VAL D 152 -16.61 4.57 17.35
CA VAL D 152 -15.48 5.53 17.56
C VAL D 152 -15.18 5.63 19.06
N TYR D 153 -16.23 5.72 19.89
CA TYR D 153 -16.18 6.13 21.32
C TYR D 153 -15.75 4.91 22.15
N ASN D 154 -16.53 3.83 22.09
CA ASN D 154 -16.07 2.48 22.50
C ASN D 154 -15.35 1.88 21.30
N GLN D 155 -14.03 1.71 21.36
CA GLN D 155 -13.23 1.21 20.20
C GLN D 155 -13.45 -0.31 20.08
N PHE D 156 -14.60 -0.73 19.53
CA PHE D 156 -14.91 -2.15 19.20
C PHE D 156 -15.98 -2.21 18.10
N HIS D 157 -16.16 -3.41 17.52
CA HIS D 157 -17.03 -3.70 16.35
C HIS D 157 -18.50 -3.46 16.73
N MET D 158 -19.37 -3.13 15.76
CA MET D 158 -20.85 -3.06 15.92
C MET D 158 -21.35 -4.37 16.55
N GLY D 159 -20.67 -5.49 16.30
CA GLY D 159 -20.96 -6.81 16.87
C GLY D 159 -21.00 -6.78 18.38
N ILE D 160 -19.98 -6.19 19.02
CA ILE D 160 -19.87 -6.06 20.51
C ILE D 160 -21.09 -5.31 21.08
N CYS D 161 -21.48 -4.19 20.45
CA CYS D 161 -22.75 -3.45 20.75
C CYS D 161 -23.92 -4.44 20.84
N ALA D 162 -24.05 -5.33 19.85
CA ALA D 162 -25.13 -6.33 19.73
C ALA D 162 -25.04 -7.30 20.91
N GLU D 163 -23.85 -7.79 21.24
CA GLU D 163 -23.60 -8.73 22.36
C GLU D 163 -24.24 -8.16 23.64
N LYS D 164 -24.02 -6.87 23.91
CA LYS D 164 -24.47 -6.17 25.15
C LYS D 164 -26.00 -6.00 25.11
N THR D 165 -26.59 -5.84 23.92
CA THR D 165 -28.07 -5.81 23.74
C THR D 165 -28.61 -7.25 23.83
N ALA D 166 -27.78 -8.26 23.50
CA ALA D 166 -28.16 -9.69 23.57
C ALA D 166 -28.17 -10.16 25.02
N LYS D 167 -27.21 -9.70 25.85
CA LYS D 167 -27.14 -10.04 27.29
C LYS D 167 -28.24 -9.30 28.06
N LYS D 168 -28.33 -7.98 27.91
CA LYS D 168 -29.27 -7.07 28.64
C LYS D 168 -30.72 -7.58 28.56
N TYR D 169 -31.18 -7.98 27.37
CA TYR D 169 -32.57 -8.44 27.08
C TYR D 169 -32.64 -9.97 27.04
N GLU D 170 -31.68 -10.65 27.68
CA GLU D 170 -31.47 -12.13 27.69
C GLU D 170 -31.95 -12.71 26.35
N ILE D 171 -31.13 -12.55 25.30
CA ILE D 171 -31.34 -13.15 23.95
C ILE D 171 -30.17 -14.11 23.70
N SER D 172 -30.46 -15.42 23.73
CA SER D 172 -29.45 -16.51 23.79
C SER D 172 -28.98 -16.86 22.38
N ARG D 173 -27.79 -17.47 22.32
CA ARG D 173 -27.20 -18.06 21.09
C ARG D 173 -28.31 -18.75 20.28
N GLU D 174 -29.08 -19.65 20.92
CA GLU D 174 -30.08 -20.50 20.24
C GLU D 174 -31.23 -19.64 19.72
N GLU D 175 -31.62 -18.59 20.47
CA GLU D 175 -32.74 -17.67 20.11
C GLU D 175 -32.30 -16.89 18.85
N GLN D 176 -31.09 -16.32 18.87
CA GLN D 176 -30.49 -15.66 17.68
C GLN D 176 -30.50 -16.64 16.51
N ASP D 177 -29.87 -17.82 16.65
CA ASP D 177 -29.66 -18.80 15.54
C ASP D 177 -31.02 -19.27 15.00
N GLN D 178 -32.05 -19.39 15.85
CA GLN D 178 -33.44 -19.70 15.42
C GLN D 178 -33.91 -18.61 14.45
N TYR D 179 -33.81 -17.33 14.86
CA TYR D 179 -34.34 -16.19 14.07
C TYR D 179 -33.63 -16.18 12.71
N ALA D 180 -32.33 -16.46 12.71
CA ALA D 180 -31.49 -16.50 11.50
C ALA D 180 -32.00 -17.60 10.56
N ILE D 181 -32.20 -18.82 11.07
CA ILE D 181 -32.70 -19.98 10.28
C ILE D 181 -34.06 -19.60 9.70
N GLN D 182 -34.88 -18.93 10.53
CA GLN D 182 -36.24 -18.44 10.22
C GLN D 182 -36.14 -17.47 9.03
N SER D 183 -35.20 -16.52 9.11
CA SER D 183 -34.91 -15.50 8.07
C SER D 183 -34.53 -16.22 6.78
N TYR D 184 -33.54 -17.11 6.85
CA TYR D 184 -33.05 -17.90 5.70
C TYR D 184 -34.21 -18.65 5.05
N GLN D 185 -35.12 -19.25 5.84
CA GLN D 185 -36.28 -20.02 5.29
C GLN D 185 -37.28 -19.07 4.62
N ARG D 186 -37.53 -17.90 5.21
CA ARG D 186 -38.52 -16.93 4.67
C ARG D 186 -38.03 -16.40 3.30
N ALA D 187 -36.72 -16.22 3.17
CA ALA D 187 -36.06 -15.78 1.92
C ALA D 187 -36.16 -16.87 0.85
N GLN D 188 -35.91 -18.14 1.20
CA GLN D 188 -36.02 -19.29 0.27
C GLN D 188 -37.47 -19.42 -0.20
N ALA D 189 -38.42 -19.50 0.76
CA ALA D 189 -39.88 -19.57 0.53
C ALA D 189 -40.31 -18.45 -0.43
N ALA D 190 -39.82 -17.22 -0.22
CA ALA D 190 -40.11 -16.02 -1.03
C ALA D 190 -39.55 -16.15 -2.45
N TRP D 191 -38.31 -16.64 -2.58
CA TRP D 191 -37.61 -16.76 -3.90
C TRP D 191 -38.20 -17.93 -4.70
N LYS D 192 -38.53 -19.04 -4.02
CA LYS D 192 -39.24 -20.22 -4.60
C LYS D 192 -40.51 -19.73 -5.33
N GLU D 193 -41.32 -18.91 -4.66
CA GLU D 193 -42.60 -18.35 -5.18
C GLU D 193 -42.32 -17.11 -6.04
N ASN D 194 -41.07 -16.64 -6.07
CA ASN D 194 -40.57 -15.62 -7.03
C ASN D 194 -41.11 -14.22 -6.63
N LYS D 195 -41.27 -13.94 -5.33
CA LYS D 195 -42.02 -12.78 -4.77
C LYS D 195 -41.32 -11.44 -5.07
N PHE D 196 -40.00 -11.43 -5.31
CA PHE D 196 -39.20 -10.18 -5.49
C PHE D 196 -39.01 -9.84 -6.97
N ALA D 197 -39.70 -10.54 -7.88
CA ALA D 197 -39.48 -10.39 -9.34
C ALA D 197 -39.88 -8.98 -9.73
N GLU D 198 -41.00 -8.49 -9.18
CA GLU D 198 -41.59 -7.17 -9.53
C GLU D 198 -40.58 -6.11 -9.09
N GLU D 199 -40.16 -6.11 -7.81
CA GLU D 199 -39.28 -5.04 -7.24
C GLU D 199 -37.85 -5.09 -7.82
N ILE D 200 -37.32 -6.23 -8.27
CA ILE D 200 -35.91 -6.31 -8.73
C ILE D 200 -35.74 -5.69 -10.12
N ALA D 201 -34.65 -4.93 -10.33
CA ALA D 201 -34.15 -4.45 -11.64
C ALA D 201 -32.86 -5.22 -11.96
N PRO D 202 -32.85 -6.07 -13.01
CA PRO D 202 -31.68 -6.91 -13.30
C PRO D 202 -30.45 -6.07 -13.66
N VAL D 203 -29.25 -6.51 -13.28
CA VAL D 203 -27.98 -5.77 -13.56
C VAL D 203 -27.20 -6.56 -14.62
N THR D 204 -27.03 -5.99 -15.80
CA THR D 204 -26.15 -6.57 -16.85
C THR D 204 -24.69 -6.24 -16.51
N VAL D 205 -23.91 -7.24 -16.13
CA VAL D 205 -22.46 -7.11 -15.80
C VAL D 205 -21.64 -7.38 -17.05
N LYS D 206 -20.91 -6.37 -17.55
CA LYS D 206 -20.06 -6.53 -18.74
C LYS D 206 -18.76 -7.21 -18.32
N GLY D 207 -18.44 -8.34 -18.94
CA GLY D 207 -17.23 -9.10 -18.59
C GLY D 207 -16.23 -9.18 -19.73
N LYS D 208 -15.10 -9.85 -19.48
CA LYS D 208 -13.99 -9.99 -20.45
C LYS D 208 -14.40 -10.89 -21.62
N LYS D 209 -15.34 -11.81 -21.40
CA LYS D 209 -15.83 -12.67 -22.50
C LYS D 209 -17.36 -12.81 -22.36
N GLY D 210 -18.10 -11.88 -22.96
CA GLY D 210 -19.57 -11.95 -22.93
C GLY D 210 -20.20 -10.99 -21.93
N GLU D 211 -21.49 -11.20 -21.69
CA GLU D 211 -22.29 -10.36 -20.76
C GLU D 211 -23.19 -11.27 -19.94
N THR D 212 -23.07 -11.20 -18.62
CA THR D 212 -23.94 -11.91 -17.65
C THR D 212 -25.04 -10.96 -17.20
N VAL D 213 -26.27 -11.47 -17.08
CA VAL D 213 -27.44 -10.77 -16.51
C VAL D 213 -27.67 -11.36 -15.11
N VAL D 214 -27.49 -10.56 -14.06
CA VAL D 214 -27.73 -10.95 -12.65
C VAL D 214 -29.13 -10.49 -12.25
N GLU D 215 -29.98 -11.42 -11.82
CA GLU D 215 -31.39 -11.14 -11.46
C GLU D 215 -31.71 -11.75 -10.08
N ARG D 216 -30.76 -12.40 -9.42
CA ARG D 216 -31.06 -13.23 -8.21
C ARG D 216 -30.14 -12.83 -7.04
N ASP D 217 -30.74 -12.52 -5.89
CA ASP D 217 -30.05 -12.33 -4.59
C ASP D 217 -29.10 -13.51 -4.38
N GLU D 218 -27.87 -13.22 -3.95
CA GLU D 218 -26.82 -14.22 -3.69
C GLU D 218 -26.57 -14.29 -2.18
N GLY D 219 -26.93 -15.40 -1.54
CA GLY D 219 -26.55 -15.68 -0.15
C GLY D 219 -27.66 -16.30 0.68
N TYR D 220 -28.89 -16.37 0.16
CA TYR D 220 -30.10 -16.89 0.85
C TYR D 220 -30.16 -18.42 0.77
N GLU D 221 -29.45 -19.02 -0.20
CA GLU D 221 -29.35 -20.49 -0.40
C GLU D 221 -28.46 -21.10 0.69
N ASN D 222 -27.52 -20.31 1.21
CA ASN D 222 -26.29 -20.76 1.92
C ASN D 222 -26.61 -21.22 3.35
N LEU D 223 -27.86 -21.59 3.64
CA LEU D 223 -28.28 -22.08 4.98
C LEU D 223 -27.80 -23.54 5.17
N ARG D 224 -26.83 -23.75 6.06
CA ARG D 224 -26.43 -25.08 6.59
C ARG D 224 -26.92 -25.17 8.05
N ILE D 225 -28.18 -25.59 8.24
CA ILE D 225 -28.95 -25.50 9.53
C ILE D 225 -28.11 -26.09 10.66
N ASP D 226 -27.36 -27.17 10.37
CA ASP D 226 -26.50 -27.87 11.37
C ASP D 226 -25.30 -26.97 11.71
N LYS D 227 -24.52 -26.52 10.72
CA LYS D 227 -23.25 -25.74 10.89
C LYS D 227 -23.49 -24.47 11.70
N MET D 228 -24.69 -23.87 11.61
CA MET D 228 -25.10 -22.62 12.33
C MET D 228 -24.77 -22.71 13.81
N ALA D 229 -25.04 -23.87 14.43
CA ALA D 229 -24.96 -24.10 15.88
C ALA D 229 -23.52 -24.38 16.32
N THR D 230 -22.58 -24.59 15.37
CA THR D 230 -21.15 -24.89 15.65
C THR D 230 -20.23 -23.71 15.24
N LEU D 231 -20.77 -22.67 14.59
CA LEU D 231 -20.00 -21.47 14.16
C LEU D 231 -19.47 -20.74 15.41
N LYS D 232 -18.22 -20.28 15.38
CA LYS D 232 -17.56 -19.55 16.50
C LYS D 232 -18.16 -18.14 16.57
N PRO D 233 -18.32 -17.55 17.79
CA PRO D 233 -18.63 -16.13 17.89
C PRO D 233 -17.56 -15.30 17.16
N ALA D 234 -18.01 -14.40 16.29
CA ALA D 234 -17.15 -13.58 15.40
C ALA D 234 -16.42 -12.52 16.24
N PHE D 235 -17.15 -11.82 17.12
CA PHE D 235 -16.70 -10.54 17.70
C PHE D 235 -16.24 -10.72 19.15
N LEU D 236 -16.97 -11.49 19.97
CA LEU D 236 -16.64 -11.63 21.42
C LEU D 236 -16.00 -13.01 21.71
N ARG D 237 -14.66 -13.04 21.79
CA ARG D 237 -13.86 -14.28 21.99
C ARG D 237 -13.24 -14.22 23.39
N ASP D 238 -14.08 -14.35 24.43
CA ASP D 238 -13.69 -14.59 25.84
C ASP D 238 -14.53 -15.74 26.43
N GLY D 239 -15.34 -16.42 25.61
CA GLY D 239 -16.20 -17.55 26.01
C GLY D 239 -17.69 -17.20 26.00
N THR D 240 -18.04 -15.98 26.40
CA THR D 240 -19.44 -15.54 26.64
C THR D 240 -20.17 -15.19 25.33
N GLY D 241 -19.43 -15.11 24.21
CA GLY D 241 -19.92 -14.60 22.92
C GLY D 241 -21.09 -15.40 22.36
N THR D 242 -22.01 -14.72 21.67
CA THR D 242 -23.29 -15.25 21.14
C THR D 242 -23.48 -14.86 19.66
N VAL D 243 -22.91 -13.74 19.20
CA VAL D 243 -23.10 -13.21 17.82
C VAL D 243 -22.04 -13.84 16.90
N THR D 244 -22.50 -14.42 15.78
CA THR D 244 -21.71 -15.18 14.76
C THR D 244 -21.88 -14.56 13.38
N ALA D 245 -21.04 -14.97 12.42
CA ALA D 245 -21.17 -14.64 10.98
C ALA D 245 -22.55 -15.04 10.48
N GLY D 246 -23.11 -16.15 11.01
CA GLY D 246 -24.36 -16.77 10.56
C GLY D 246 -25.62 -16.04 11.03
N ASN D 247 -25.66 -15.64 12.31
CA ASN D 247 -26.86 -15.00 12.96
C ASN D 247 -26.76 -13.47 12.84
N ALA D 248 -25.75 -12.98 12.11
CA ALA D 248 -25.50 -11.56 11.82
C ALA D 248 -25.75 -11.31 10.33
N SER D 249 -25.86 -10.04 9.92
CA SER D 249 -25.98 -9.62 8.50
C SER D 249 -24.62 -9.82 7.84
N THR D 250 -24.63 -9.94 6.52
CA THR D 250 -23.45 -10.11 5.65
C THR D 250 -23.09 -8.75 5.04
N MET D 251 -21.88 -8.65 4.49
CA MET D 251 -21.47 -7.48 3.68
C MET D 251 -21.87 -7.78 2.22
N ASN D 252 -22.47 -6.81 1.55
CA ASN D 252 -23.09 -7.04 0.22
C ASN D 252 -22.95 -5.81 -0.66
N ASP D 253 -23.19 -6.01 -1.96
CA ASP D 253 -23.18 -4.96 -3.00
C ASP D 253 -24.58 -4.93 -3.62
N GLY D 254 -25.22 -3.76 -3.59
CA GLY D 254 -26.58 -3.54 -4.11
C GLY D 254 -27.03 -2.09 -3.98
N ALA D 255 -28.14 -1.76 -4.64
CA ALA D 255 -28.72 -0.40 -4.71
C ALA D 255 -30.24 -0.53 -4.81
N SER D 256 -30.94 0.54 -4.42
CA SER D 256 -32.42 0.67 -4.32
C SER D 256 -32.78 2.13 -4.60
N ALA D 257 -33.92 2.39 -5.21
CA ALA D 257 -34.35 3.73 -5.68
C ALA D 257 -35.88 3.77 -5.78
N LEU D 258 -36.49 4.81 -5.19
CA LEU D 258 -37.94 5.10 -5.30
C LEU D 258 -38.13 6.47 -5.97
N VAL D 259 -39.23 6.61 -6.72
CA VAL D 259 -39.74 7.91 -7.24
C VAL D 259 -40.84 8.40 -6.31
N LEU D 260 -40.73 9.66 -5.87
CA LEU D 260 -41.72 10.34 -4.99
C LEU D 260 -42.39 11.43 -5.81
N GLY D 261 -43.62 11.81 -5.44
CA GLY D 261 -44.38 12.87 -6.15
C GLY D 261 -45.35 13.63 -5.26
N SER D 262 -45.82 14.77 -5.78
CA SER D 262 -46.95 15.56 -5.22
C SER D 262 -48.26 14.85 -5.55
N LYS D 263 -49.28 15.06 -4.70
CA LYS D 263 -50.70 14.68 -4.94
C LYS D 263 -51.04 14.89 -6.43
N ALA D 264 -50.79 16.11 -6.95
CA ALA D 264 -51.05 16.50 -8.36
C ALA D 264 -50.38 15.51 -9.33
N ILE D 265 -49.13 15.12 -9.06
CA ILE D 265 -48.29 14.24 -9.93
C ILE D 265 -48.77 12.78 -9.80
N ALA D 266 -49.10 12.33 -8.59
CA ALA D 266 -49.64 10.97 -8.32
C ALA D 266 -50.93 10.80 -9.13
N ARG D 267 -51.87 11.74 -9.00
CA ARG D 267 -53.19 11.68 -9.68
C ARG D 267 -52.98 11.68 -11.20
N GLU D 268 -52.15 12.55 -11.75
CA GLU D 268 -52.01 12.71 -13.23
C GLU D 268 -51.28 11.51 -13.86
N PHE D 269 -50.49 10.71 -13.11
CA PHE D 269 -49.53 9.74 -13.73
C PHE D 269 -49.46 8.36 -13.05
N ALA D 270 -49.82 8.20 -11.78
CA ALA D 270 -49.42 7.04 -10.95
C ALA D 270 -50.61 6.36 -10.27
N GLN D 271 -51.83 6.49 -10.82
CA GLN D 271 -53.05 5.87 -10.25
C GLN D 271 -52.92 4.34 -10.45
N GLY D 272 -53.15 3.57 -9.39
CA GLY D 272 -53.00 2.09 -9.38
C GLY D 272 -51.59 1.61 -9.73
N ASN D 273 -50.57 2.47 -9.55
CA ASN D 273 -49.14 2.07 -9.62
C ASN D 273 -48.90 0.98 -8.57
N ARG D 274 -48.12 -0.03 -8.95
CA ARG D 274 -47.86 -1.24 -8.12
C ARG D 274 -47.46 -0.80 -6.69
N ALA D 275 -46.60 0.22 -6.58
CA ALA D 275 -45.91 0.58 -5.31
C ALA D 275 -46.63 1.72 -4.57
N LEU D 276 -47.65 2.33 -5.20
CA LEU D 276 -48.27 3.63 -4.77
C LEU D 276 -48.58 3.64 -3.27
N ALA D 277 -48.18 4.72 -2.60
CA ALA D 277 -48.30 4.88 -1.13
C ALA D 277 -48.08 6.33 -0.73
N ARG D 278 -48.69 6.74 0.38
CA ARG D 278 -48.50 8.05 1.05
C ARG D 278 -47.47 7.89 2.17
N ILE D 279 -46.44 8.75 2.19
CA ILE D 279 -45.51 8.90 3.34
C ILE D 279 -46.29 9.67 4.41
N VAL D 280 -46.72 8.98 5.47
CA VAL D 280 -47.66 9.57 6.46
C VAL D 280 -46.84 10.24 7.57
N SER D 281 -45.59 9.82 7.78
CA SER D 281 -44.67 10.40 8.79
C SER D 281 -43.26 9.84 8.62
N THR D 282 -42.27 10.51 9.22
CA THR D 282 -40.90 9.99 9.47
C THR D 282 -40.44 10.48 10.84
N ALA D 283 -39.49 9.77 11.47
CA ALA D 283 -38.84 10.20 12.72
C ALA D 283 -37.41 9.67 12.79
N ASP D 284 -36.47 10.50 13.21
CA ASP D 284 -35.11 10.07 13.64
C ASP D 284 -35.05 10.14 15.17
N ALA D 285 -34.21 9.30 15.78
CA ALA D 285 -34.00 9.23 17.24
C ALA D 285 -32.63 8.61 17.53
N ALA D 286 -31.94 9.06 18.59
CA ALA D 286 -30.58 8.62 18.96
C ALA D 286 -30.49 8.38 20.46
N ILE D 287 -29.59 7.49 20.87
CA ILE D 287 -29.30 7.14 22.30
C ILE D 287 -27.79 6.88 22.35
N ASP D 288 -27.30 6.29 23.45
CA ASP D 288 -25.86 5.95 23.64
C ASP D 288 -25.36 5.09 22.48
N PRO D 289 -24.15 5.36 21.92
CA PRO D 289 -23.58 4.58 20.81
C PRO D 289 -23.59 3.05 20.94
N VAL D 290 -23.43 2.48 22.15
CA VAL D 290 -23.45 1.01 22.40
C VAL D 290 -24.87 0.46 22.17
N ASP D 291 -25.90 1.29 22.35
CA ASP D 291 -27.32 0.86 22.36
C ASP D 291 -27.99 1.14 21.00
N PHE D 292 -27.20 1.31 19.93
CA PHE D 292 -27.73 1.54 18.55
C PHE D 292 -28.72 0.44 18.17
N PRO D 293 -28.53 -0.83 18.60
CA PRO D 293 -29.52 -1.89 18.33
C PRO D 293 -30.97 -1.61 18.78
N VAL D 294 -31.18 -0.86 19.88
CA VAL D 294 -32.51 -0.62 20.52
C VAL D 294 -33.07 0.77 20.13
N ALA D 295 -32.34 1.54 19.31
CA ALA D 295 -32.71 2.89 18.84
C ALA D 295 -33.99 2.86 17.98
N PRO D 296 -34.30 1.80 17.21
CA PRO D 296 -35.58 1.75 16.48
C PRO D 296 -36.78 1.68 17.44
N ALA D 297 -36.55 1.35 18.72
CA ALA D 297 -37.56 1.29 19.81
C ALA D 297 -37.89 2.70 20.32
N LYS D 298 -37.05 3.70 20.03
CA LYS D 298 -37.27 5.13 20.39
C LYS D 298 -37.90 5.89 19.21
N ALA D 299 -37.60 5.46 17.99
CA ALA D 299 -37.97 6.15 16.73
C ALA D 299 -39.37 5.71 16.28
N VAL D 300 -39.73 4.43 16.41
CA VAL D 300 -41.06 3.95 15.92
C VAL D 300 -42.19 4.64 16.70
N PRO D 301 -42.19 4.73 18.07
CA PRO D 301 -43.27 5.43 18.76
C PRO D 301 -43.44 6.86 18.23
N ILE D 302 -42.34 7.61 18.12
CA ILE D 302 -42.34 9.02 17.63
C ILE D 302 -42.98 9.04 16.23
N ALA D 303 -42.59 8.11 15.35
CA ALA D 303 -43.06 8.04 13.94
C ALA D 303 -44.56 7.71 13.90
N LEU D 304 -45.03 6.81 14.78
CA LEU D 304 -46.47 6.43 14.91
C LEU D 304 -47.28 7.66 15.37
N GLU D 305 -46.87 8.28 16.47
CA GLU D 305 -47.44 9.54 17.02
C GLU D 305 -47.69 10.53 15.88
N ARG D 306 -46.68 10.81 15.05
CA ARG D 306 -46.76 11.82 13.94
C ARG D 306 -47.70 11.32 12.83
N ALA D 307 -47.86 10.00 12.71
CA ALA D 307 -48.83 9.35 11.80
C ALA D 307 -50.23 9.41 12.43
N GLY D 308 -50.27 9.40 13.76
CA GLY D 308 -51.52 9.37 14.57
C GLY D 308 -52.20 8.02 14.43
N ILE D 309 -51.43 6.94 14.56
CA ILE D 309 -51.91 5.52 14.54
C ILE D 309 -51.30 4.77 15.72
N THR D 310 -51.88 3.61 16.03
CA THR D 310 -51.43 2.67 17.10
C THR D 310 -50.62 1.54 16.44
N LYS D 311 -49.72 0.91 17.20
CA LYS D 311 -48.92 -0.29 16.82
C LYS D 311 -49.77 -1.31 16.03
N ASP D 312 -50.96 -1.64 16.56
CA ASP D 312 -51.82 -2.76 16.06
C ASP D 312 -52.50 -2.41 14.73
N GLN D 313 -52.35 -1.19 14.22
CA GLN D 313 -52.92 -0.77 12.91
C GLN D 313 -51.94 -1.10 11.77
N VAL D 314 -50.65 -1.29 12.07
CA VAL D 314 -49.62 -1.52 11.01
C VAL D 314 -49.64 -3.02 10.64
N ALA D 315 -49.92 -3.26 9.35
CA ALA D 315 -49.99 -4.58 8.70
C ALA D 315 -48.63 -5.27 8.86
N VAL D 316 -47.60 -4.70 8.20
CA VAL D 316 -46.25 -5.31 7.98
C VAL D 316 -45.17 -4.38 8.56
N TRP D 317 -44.30 -4.89 9.41
CA TRP D 317 -43.04 -4.22 9.83
C TRP D 317 -41.85 -4.76 9.01
N GLU D 318 -41.00 -3.86 8.50
CA GLU D 318 -39.66 -4.19 7.95
C GLU D 318 -38.60 -3.52 8.82
N PHE D 319 -38.04 -4.23 9.80
CA PHE D 319 -36.81 -3.87 10.55
C PHE D 319 -35.60 -4.55 9.90
N ASN D 320 -34.52 -3.81 9.66
CA ASN D 320 -33.27 -4.32 9.03
C ASN D 320 -32.56 -5.24 10.03
N GLU D 321 -32.21 -6.46 9.58
CA GLU D 321 -31.66 -7.56 10.42
C GLU D 321 -30.13 -7.42 10.57
N ALA D 322 -29.67 -6.24 10.98
CA ALA D 322 -28.22 -5.93 11.17
C ALA D 322 -27.57 -7.06 11.96
N PHE D 323 -28.28 -7.54 12.98
CA PHE D 323 -28.01 -8.78 13.73
C PHE D 323 -29.38 -9.40 14.07
N ALA D 324 -29.43 -10.69 14.40
CA ALA D 324 -30.64 -11.37 14.93
C ALA D 324 -31.00 -10.76 16.29
N ALA D 325 -30.00 -10.51 17.13
CA ALA D 325 -30.14 -9.90 18.47
C ALA D 325 -30.93 -8.60 18.36
N VAL D 326 -30.71 -7.81 17.30
CA VAL D 326 -31.41 -6.51 17.06
C VAL D 326 -32.91 -6.76 16.95
N ILE D 327 -33.35 -7.52 15.94
CA ILE D 327 -34.78 -7.82 15.66
C ILE D 327 -35.48 -8.34 16.91
N LYS D 328 -34.85 -9.24 17.67
CA LYS D 328 -35.47 -9.86 18.87
C LYS D 328 -35.67 -8.79 19.94
N ALA D 329 -34.59 -8.07 20.30
CA ALA D 329 -34.61 -6.96 21.27
C ALA D 329 -35.78 -6.02 20.99
N ASN D 330 -35.96 -5.62 19.73
CA ASN D 330 -36.98 -4.62 19.32
C ASN D 330 -38.36 -5.29 19.29
N GLU D 331 -38.42 -6.62 19.14
CA GLU D 331 -39.69 -7.39 19.23
C GLU D 331 -40.19 -7.37 20.68
N LYS D 332 -39.28 -7.49 21.66
CA LYS D 332 -39.60 -7.53 23.11
C LYS D 332 -40.07 -6.16 23.63
N ILE D 333 -39.43 -5.08 23.19
CA ILE D 333 -39.63 -3.70 23.74
C ILE D 333 -40.94 -3.12 23.21
N LEU D 334 -41.25 -3.37 21.94
CA LEU D 334 -42.41 -2.79 21.23
C LEU D 334 -43.64 -3.71 21.32
N GLY D 335 -43.43 -4.96 21.76
CA GLY D 335 -44.46 -6.02 21.79
C GLY D 335 -44.96 -6.35 20.39
N LEU D 336 -44.07 -6.88 19.53
CA LEU D 336 -44.39 -7.21 18.11
C LEU D 336 -44.15 -8.70 17.82
N GLN D 337 -43.80 -9.50 18.84
CA GLN D 337 -43.58 -10.96 18.71
C GLN D 337 -44.84 -11.62 18.13
N ASN D 338 -45.95 -10.86 18.08
CA ASN D 338 -47.27 -11.33 17.56
C ASN D 338 -47.65 -10.56 16.29
N ALA D 339 -46.68 -10.01 15.54
CA ALA D 339 -46.91 -9.19 14.33
C ALA D 339 -46.07 -9.69 13.15
N ARG D 340 -46.41 -9.23 11.94
CA ARG D 340 -45.70 -9.57 10.67
C ARG D 340 -44.43 -8.72 10.49
N VAL D 341 -43.31 -9.15 11.08
CA VAL D 341 -41.96 -8.50 10.95
C VAL D 341 -41.09 -9.34 10.01
N ASN D 342 -40.65 -8.73 8.90
CA ASN D 342 -39.71 -9.35 7.91
C ASN D 342 -40.29 -10.68 7.43
N PRO D 343 -41.49 -10.67 6.80
CA PRO D 343 -42.14 -11.89 6.31
C PRO D 343 -41.36 -12.62 5.20
N LEU D 344 -40.62 -11.87 4.37
CA LEU D 344 -39.91 -12.41 3.20
C LEU D 344 -38.40 -12.49 3.46
N GLY D 345 -38.00 -12.58 4.75
CA GLY D 345 -36.60 -12.56 5.21
C GLY D 345 -36.02 -11.15 5.23
N GLY D 346 -34.79 -11.01 5.71
CA GLY D 346 -34.06 -9.71 5.77
C GLY D 346 -32.56 -9.90 5.69
N ALA D 347 -31.81 -8.91 6.19
CA ALA D 347 -30.36 -8.65 5.94
C ALA D 347 -29.48 -9.89 6.24
N ILE D 348 -29.93 -10.80 7.10
CA ILE D 348 -29.17 -12.03 7.49
C ILE D 348 -29.06 -12.94 6.26
N SER D 349 -30.12 -13.00 5.45
CA SER D 349 -30.28 -13.94 4.32
C SER D 349 -30.30 -13.20 2.98
N LEU D 350 -30.88 -12.00 2.94
CA LEU D 350 -31.03 -11.18 1.71
C LEU D 350 -29.86 -10.20 1.56
N GLY D 351 -28.98 -10.11 2.55
CA GLY D 351 -27.78 -9.26 2.50
C GLY D 351 -28.01 -7.86 3.07
N HIS D 352 -26.93 -7.06 3.13
CA HIS D 352 -26.89 -5.72 3.76
C HIS D 352 -25.85 -4.82 3.07
N ALA D 353 -26.15 -4.31 1.87
CA ALA D 353 -25.44 -3.17 1.25
C ALA D 353 -25.78 -1.89 2.05
N LEU D 354 -24.93 -1.52 3.03
CA LEU D 354 -25.15 -0.49 4.09
C LEU D 354 -26.05 0.67 3.59
N GLY D 355 -25.52 1.48 2.68
CA GLY D 355 -26.14 2.72 2.19
C GLY D 355 -27.48 2.50 1.50
N SER D 356 -27.77 1.27 1.05
CA SER D 356 -28.99 0.90 0.27
C SER D 356 -30.07 0.29 1.18
N SER D 357 -29.70 -0.38 2.27
CA SER D 357 -30.60 -1.24 3.08
C SER D 357 -31.84 -0.46 3.57
N GLY D 358 -31.67 0.81 3.91
CA GLY D 358 -32.75 1.71 4.36
C GLY D 358 -33.87 1.81 3.34
N SER D 359 -33.54 2.14 2.10
CA SER D 359 -34.53 2.19 0.98
C SER D 359 -34.86 0.78 0.47
N ARG D 360 -33.99 -0.23 0.68
CA ARG D 360 -34.25 -1.63 0.23
C ARG D 360 -35.43 -2.19 1.05
N ILE D 361 -35.39 -2.06 2.38
CA ILE D 361 -36.45 -2.60 3.27
C ILE D 361 -37.73 -1.79 3.03
N LEU D 362 -37.62 -0.58 2.49
CA LEU D 362 -38.82 0.21 2.08
C LEU D 362 -39.44 -0.41 0.84
N VAL D 363 -38.67 -0.63 -0.25
CA VAL D 363 -39.22 -1.23 -1.50
C VAL D 363 -39.85 -2.59 -1.17
N THR D 364 -39.20 -3.39 -0.32
CA THR D 364 -39.65 -4.78 0.04
C THR D 364 -40.97 -4.67 0.81
N LEU D 365 -41.14 -3.64 1.65
CA LEU D 365 -42.40 -3.39 2.39
C LEU D 365 -43.54 -3.00 1.43
N LEU D 366 -43.29 -2.11 0.46
CA LEU D 366 -44.37 -1.56 -0.40
C LEU D 366 -45.02 -2.66 -1.25
N HIS D 367 -44.24 -3.70 -1.60
CA HIS D 367 -44.65 -4.76 -2.55
C HIS D 367 -45.51 -5.81 -1.81
N GLN D 368 -45.38 -5.91 -0.48
CA GLN D 368 -46.16 -6.85 0.36
C GLN D 368 -47.22 -6.09 1.19
N LEU D 369 -47.72 -4.93 0.73
CA LEU D 369 -48.83 -4.20 1.40
C LEU D 369 -50.03 -4.16 0.47
N GLN D 370 -51.23 -4.39 1.03
CA GLN D 370 -52.54 -4.32 0.33
C GLN D 370 -53.10 -2.90 0.48
N PRO D 371 -53.98 -2.44 -0.44
CA PRO D 371 -54.53 -1.10 -0.38
C PRO D 371 -55.08 -0.74 1.01
N GLY D 372 -54.78 0.48 1.47
CA GLY D 372 -55.28 1.03 2.75
C GLY D 372 -54.56 0.46 3.97
N GLU D 373 -53.48 -0.31 3.79
CA GLU D 373 -52.69 -0.87 4.92
C GLU D 373 -51.54 0.08 5.28
N TYR D 374 -51.20 0.10 6.56
CA TYR D 374 -50.08 0.88 7.13
C TYR D 374 -48.87 -0.04 7.28
N GLY D 375 -47.75 0.33 6.66
CA GLY D 375 -46.43 -0.31 6.87
C GLY D 375 -45.42 0.64 7.47
N VAL D 376 -44.52 0.12 8.30
CA VAL D 376 -43.38 0.85 8.92
C VAL D 376 -42.07 0.18 8.49
N ALA D 377 -41.14 0.96 7.92
CA ALA D 377 -39.71 0.60 7.75
C ALA D 377 -38.92 1.28 8.86
N ALA D 378 -38.08 0.53 9.56
CA ALA D 378 -37.22 1.05 10.64
C ALA D 378 -35.82 0.42 10.50
N ILE D 379 -34.76 1.21 10.73
CA ILE D 379 -33.36 0.76 10.51
C ILE D 379 -32.45 1.46 11.52
N CYS D 380 -31.81 0.67 12.39
CA CYS D 380 -30.76 1.12 13.34
C CYS D 380 -29.54 1.55 12.54
N ASN D 381 -28.65 2.34 13.13
CA ASN D 381 -27.43 2.85 12.45
C ASN D 381 -26.38 3.22 13.49
N GLY D 382 -25.11 3.06 13.10
CA GLY D 382 -23.94 3.11 14.01
C GLY D 382 -23.76 4.50 14.58
N GLY D 383 -23.31 4.59 15.83
CA GLY D 383 -23.27 5.86 16.59
C GLY D 383 -24.47 6.03 17.51
N GLY D 384 -25.51 5.20 17.37
CA GLY D 384 -26.56 5.01 18.40
C GLY D 384 -27.95 5.49 17.98
N ALA D 385 -28.24 5.50 16.69
CA ALA D 385 -29.41 6.19 16.10
C ALA D 385 -30.22 5.22 15.24
N ALA D 386 -31.35 5.70 14.71
CA ALA D 386 -32.31 4.92 13.90
C ALA D 386 -33.24 5.85 13.13
N THR D 387 -33.86 5.36 12.07
CA THR D 387 -34.82 6.13 11.23
C THR D 387 -36.00 5.21 10.88
N ALA D 388 -37.21 5.70 11.15
CA ALA D 388 -38.50 4.99 11.00
C ALA D 388 -39.40 5.82 10.09
N MET D 389 -40.00 5.18 9.09
CA MET D 389 -40.98 5.79 8.17
C MET D 389 -42.26 4.97 8.21
N VAL D 390 -43.41 5.65 8.31
CA VAL D 390 -44.77 5.05 8.21
C VAL D 390 -45.33 5.42 6.84
N VAL D 391 -45.79 4.42 6.09
CA VAL D 391 -46.42 4.57 4.74
C VAL D 391 -47.84 3.98 4.82
N GLN D 392 -48.68 4.40 3.87
CA GLN D 392 -50.06 3.91 3.73
C GLN D 392 -50.22 3.50 2.27
N LYS D 393 -50.41 2.20 2.01
CA LYS D 393 -50.54 1.68 0.62
C LYS D 393 -51.86 2.20 0.04
N LEU D 394 -51.85 2.58 -1.24
CA LEU D 394 -52.99 3.22 -1.93
C LEU D 394 -53.18 2.57 -3.31
N ASP D 395 -54.43 2.49 -3.78
CA ASP D 395 -54.74 2.15 -5.19
C ASP D 395 -54.83 3.43 -6.01
N ARG D 396 -55.30 4.55 -5.43
CA ARG D 396 -55.39 5.85 -6.17
C ARG D 396 -55.44 7.07 -5.24
N VAL D 397 -55.54 8.26 -5.86
CA VAL D 397 -55.57 9.63 -5.23
C VAL D 397 -54.21 9.88 -4.56
#